data_3S6H
#
_entry.id   3S6H
#
_cell.length_a   114.587
_cell.length_b   118.211
_cell.length_c   152.279
_cell.angle_alpha   90.00
_cell.angle_beta   90.00
_cell.angle_gamma   90.00
#
_symmetry.space_group_name_H-M   'P 21 21 21'
#
loop_
_entity.id
_entity.type
_entity.pdbx_description
1 polymer 'N-acetylglutamate kinase / N-acetylglutamate synthase'
2 non-polymer 'GLUTAMIC ACID'
3 non-polymer 'COENZYME A'
4 water water
#
_entity_poly.entity_id   1
_entity_poly.type   'polypeptide(L)'
_entity_poly.pdbx_seq_one_letter_code
;MGSSHHHHHHSSGLVPRGSHMNPNAPGVRQTIVQLLSHMRDGKEIREYLHRFSGIDQERFAVIKVGGAVIQDDLPGLASA
LAFLQTVGLTPVVVHGGGPQLDAALEAADIPTERVDGLRVTRDEAIPIIRDTLTQANLALVDAIRDAGGRAAAVPRGVFE
ADIVDADKLGRVGEPRHIHLDLVGSAARAGQAAILACLGETPDGTLVNINADVAVRALVHALQPYKVVFLTGTGGLLDED
GDILSSINLATDFGDLMQADWVNGGMRLKLEEIKRLLDDLPLSSSVSITRPSELARELFTHAGSGTLIRRGERIVATDDK
SSLDLGRLDNLVKAAFGRPAVEGYWDRLRVDRAFVTESYRAAAITTRLDGWVYLDKFAVLDDARGEGLGRTVWNRLVDYA
PQLIWRSRTNNPVNGFYFEECDGAVRRDEWTVFWRGEMGPVEVADVVEKAFALPPTLEAP
;
_entity_poly.pdbx_strand_id   A,B,X,Y
#
# COMPACT_ATOMS: atom_id res chain seq x y z
N ALA A 25 -6.10 -3.89 -7.46
CA ALA A 25 -5.96 -5.29 -7.09
C ALA A 25 -4.64 -5.93 -7.58
N PRO A 26 -4.24 -5.62 -8.83
CA PRO A 26 -2.98 -6.11 -9.40
C PRO A 26 -1.76 -5.42 -8.79
N GLY A 27 -2.00 -4.55 -7.81
CA GLY A 27 -0.93 -3.90 -7.07
C GLY A 27 -0.48 -4.75 -5.89
N VAL A 28 -1.42 -5.11 -5.01
CA VAL A 28 -1.17 -6.10 -3.97
C VAL A 28 -0.49 -7.29 -4.63
N ARG A 29 -1.25 -8.02 -5.45
CA ARG A 29 -0.78 -9.20 -6.16
C ARG A 29 0.70 -9.12 -6.55
N GLN A 30 1.02 -8.38 -7.62
CA GLN A 30 2.42 -8.22 -8.05
C GLN A 30 3.49 -8.54 -6.99
N THR A 31 3.36 -7.96 -5.80
CA THR A 31 4.42 -8.00 -4.78
C THR A 31 4.26 -9.13 -3.77
N ILE A 32 3.06 -9.25 -3.21
CA ILE A 32 2.76 -10.33 -2.28
C ILE A 32 3.08 -11.68 -2.88
N VAL A 33 3.20 -11.75 -4.21
CA VAL A 33 3.65 -12.97 -4.87
C VAL A 33 5.17 -12.94 -4.98
N GLN A 34 5.71 -11.78 -5.33
CA GLN A 34 7.16 -11.62 -5.48
C GLN A 34 7.88 -11.91 -4.15
N LEU A 35 7.13 -12.48 -3.21
CA LEU A 35 7.66 -12.89 -1.95
C LEU A 35 7.64 -14.40 -1.88
N LEU A 36 6.43 -14.96 -1.79
CA LEU A 36 6.22 -16.40 -1.93
C LEU A 36 7.07 -17.05 -3.00
N SER A 37 7.26 -16.39 -4.14
CA SER A 37 8.04 -17.01 -5.20
C SER A 37 9.34 -17.59 -4.65
N HIS A 38 9.72 -17.16 -3.45
CA HIS A 38 10.93 -17.63 -2.78
C HIS A 38 10.62 -18.46 -1.56
N MET A 39 9.36 -18.64 -1.25
CA MET A 39 8.92 -19.47 -0.15
C MET A 39 8.67 -20.92 -0.58
N ARG A 40 9.01 -21.89 0.28
CA ARG A 40 8.81 -23.29 -0.06
C ARG A 40 7.43 -23.58 -0.63
N ASP A 41 6.36 -23.27 0.09
CA ASP A 41 5.04 -23.38 -0.53
C ASP A 41 4.57 -22.15 -1.31
N GLY A 42 5.48 -21.50 -2.04
CA GLY A 42 5.16 -20.30 -2.77
C GLY A 42 4.34 -20.58 -4.01
N LYS A 43 4.81 -21.53 -4.82
CA LYS A 43 4.08 -22.03 -5.99
C LYS A 43 2.59 -22.31 -5.76
N GLU A 44 2.24 -23.16 -4.80
CA GLU A 44 0.81 -23.44 -4.67
C GLU A 44 -0.01 -22.25 -4.20
N ILE A 45 0.59 -21.38 -3.39
CA ILE A 45 -0.14 -20.18 -2.94
C ILE A 45 -0.28 -19.20 -4.10
N ARG A 46 0.81 -18.95 -4.82
CA ARG A 46 0.74 -18.15 -6.05
C ARG A 46 -0.41 -18.58 -6.94
N GLU A 47 -0.56 -19.89 -7.12
CA GLU A 47 -1.59 -20.39 -8.01
C GLU A 47 -2.99 -20.02 -7.55
N TYR A 48 -3.38 -20.45 -6.35
CA TYR A 48 -4.65 -20.00 -5.80
C TYR A 48 -4.97 -18.51 -6.09
N LEU A 49 -3.96 -17.63 -6.05
CA LEU A 49 -4.20 -16.20 -6.20
C LEU A 49 -4.73 -15.91 -7.60
N HIS A 50 -3.82 -15.92 -8.56
CA HIS A 50 -4.17 -16.04 -9.99
C HIS A 50 -5.53 -16.71 -10.28
N ARG A 51 -5.77 -17.91 -9.76
CA ARG A 51 -7.07 -18.49 -10.00
C ARG A 51 -8.18 -17.53 -9.54
N PHE A 52 -8.16 -17.18 -8.26
CA PHE A 52 -9.18 -16.31 -7.70
C PHE A 52 -8.83 -14.79 -7.64
N SER A 53 -8.39 -14.21 -8.76
CA SER A 53 -7.89 -12.84 -8.77
C SER A 53 -8.97 -11.73 -8.76
N GLY A 54 -9.94 -11.84 -9.65
CA GLY A 54 -11.08 -10.95 -9.64
C GLY A 54 -12.32 -11.80 -9.53
N ILE A 55 -13.48 -11.18 -9.69
CA ILE A 55 -14.78 -11.87 -9.82
C ILE A 55 -15.01 -13.24 -9.13
N ASP A 56 -13.93 -13.94 -8.79
CA ASP A 56 -14.07 -15.21 -8.10
C ASP A 56 -13.50 -15.08 -6.72
N GLN A 57 -13.38 -13.84 -6.24
CA GLN A 57 -12.88 -13.62 -4.90
C GLN A 57 -13.68 -14.46 -3.92
N GLU A 58 -14.99 -14.51 -4.12
CA GLU A 58 -15.82 -15.18 -3.14
C GLU A 58 -16.07 -16.62 -3.53
N ARG A 59 -15.38 -17.07 -4.57
CA ARG A 59 -15.56 -18.45 -5.01
C ARG A 59 -14.46 -19.42 -4.52
N PHE A 60 -13.51 -18.91 -3.74
CA PHE A 60 -12.42 -19.76 -3.24
C PHE A 60 -12.79 -20.71 -2.12
N ALA A 61 -13.49 -20.25 -1.07
CA ALA A 61 -13.75 -21.15 0.06
C ALA A 61 -15.03 -20.91 0.84
N VAL A 62 -15.61 -21.98 1.39
CA VAL A 62 -16.73 -21.84 2.31
C VAL A 62 -16.45 -22.46 3.67
N ILE A 63 -15.45 -21.91 4.33
CA ILE A 63 -15.05 -22.30 5.68
C ILE A 63 -16.15 -22.35 6.75
N LYS A 64 -16.52 -23.56 7.18
CA LYS A 64 -17.43 -23.75 8.33
C LYS A 64 -16.69 -23.99 9.68
N VAL A 65 -17.06 -23.21 10.71
CA VAL A 65 -16.44 -23.27 12.04
C VAL A 65 -17.36 -23.92 13.05
N GLY A 66 -16.82 -24.84 13.84
CA GLY A 66 -17.59 -25.43 14.92
C GLY A 66 -17.87 -24.36 15.95
N GLY A 67 -19.10 -24.33 16.44
CA GLY A 67 -19.44 -23.41 17.52
C GLY A 67 -18.48 -23.58 18.68
N ALA A 68 -17.97 -24.80 18.85
CA ALA A 68 -17.04 -25.12 19.93
C ALA A 68 -15.68 -24.48 19.73
N VAL A 69 -15.31 -24.24 18.48
CA VAL A 69 -13.98 -23.70 18.19
C VAL A 69 -13.91 -22.16 18.31
N ILE A 70 -15.03 -21.49 18.09
CA ILE A 70 -15.05 -20.05 18.37
C ILE A 70 -15.01 -19.82 19.88
N GLN A 71 -15.15 -20.91 20.64
CA GLN A 71 -15.19 -20.87 22.11
C GLN A 71 -13.78 -20.90 22.72
N ASP A 72 -13.12 -22.05 22.63
CA ASP A 72 -11.77 -22.15 23.15
C ASP A 72 -10.81 -21.31 22.31
N ASP A 73 -10.66 -21.69 21.04
CA ASP A 73 -9.53 -21.28 20.22
C ASP A 73 -9.72 -20.01 19.36
N LEU A 74 -10.70 -19.18 19.68
CA LEU A 74 -10.97 -17.98 18.88
C LEU A 74 -9.74 -17.24 18.33
N PRO A 75 -8.71 -17.02 19.17
CA PRO A 75 -7.49 -16.38 18.69
C PRO A 75 -6.84 -17.09 17.52
N GLY A 76 -6.42 -18.34 17.71
CA GLY A 76 -5.88 -19.13 16.60
C GLY A 76 -6.78 -19.16 15.37
N LEU A 77 -8.09 -19.19 15.60
CA LEU A 77 -9.04 -19.20 14.50
C LEU A 77 -8.85 -17.95 13.67
N ALA A 78 -8.98 -16.81 14.35
CA ALA A 78 -8.85 -15.52 13.71
C ALA A 78 -7.51 -15.42 12.99
N SER A 79 -6.47 -15.98 13.59
CA SER A 79 -5.14 -15.87 13.00
C SER A 79 -4.93 -16.70 11.76
N ALA A 80 -5.75 -17.73 11.55
CA ALA A 80 -5.71 -18.43 10.28
C ALA A 80 -6.55 -17.62 9.33
N LEU A 81 -7.87 -17.61 9.54
CA LEU A 81 -8.75 -16.78 8.73
C LEU A 81 -8.10 -15.43 8.36
N ALA A 82 -7.23 -14.93 9.25
CA ALA A 82 -6.54 -13.66 9.02
C ALA A 82 -5.41 -13.81 8.01
N PHE A 83 -4.65 -14.90 8.13
CA PHE A 83 -3.50 -15.14 7.24
C PHE A 83 -3.96 -15.32 5.78
N LEU A 84 -5.15 -15.88 5.60
CA LEU A 84 -5.72 -16.04 4.27
C LEU A 84 -5.99 -14.66 3.74
N GLN A 85 -6.93 -13.97 4.39
CA GLN A 85 -7.28 -12.60 4.03
C GLN A 85 -6.03 -11.76 3.65
N THR A 86 -4.89 -12.04 4.27
CA THR A 86 -3.73 -11.17 4.04
C THR A 86 -2.83 -11.60 2.91
N VAL A 87 -3.19 -12.63 2.17
CA VAL A 87 -2.41 -12.93 0.96
C VAL A 87 -3.20 -12.72 -0.34
N GLY A 88 -4.52 -12.67 -0.22
CA GLY A 88 -5.37 -12.30 -1.33
C GLY A 88 -6.69 -13.01 -1.13
N LEU A 89 -6.67 -13.99 -0.25
CA LEU A 89 -7.74 -14.96 -0.23
C LEU A 89 -8.91 -14.59 0.68
N THR A 90 -10.09 -14.37 0.09
CA THR A 90 -11.20 -13.91 0.90
C THR A 90 -12.30 -14.96 1.09
N PRO A 91 -12.16 -15.77 2.16
CA PRO A 91 -13.12 -16.74 2.69
C PRO A 91 -14.54 -16.27 2.68
N VAL A 92 -15.48 -17.21 2.74
CA VAL A 92 -16.82 -16.92 3.19
C VAL A 92 -17.09 -17.76 4.43
N VAL A 93 -16.59 -17.31 5.58
CA VAL A 93 -16.70 -18.04 6.84
C VAL A 93 -18.08 -18.05 7.50
N VAL A 94 -18.60 -19.25 7.75
CA VAL A 94 -19.93 -19.44 8.34
C VAL A 94 -19.83 -20.20 9.66
N HIS A 95 -20.59 -19.73 10.65
CA HIS A 95 -20.54 -20.29 12.00
C HIS A 95 -21.94 -20.49 12.56
N GLY A 96 -22.01 -21.11 13.74
CA GLY A 96 -23.27 -21.51 14.33
C GLY A 96 -23.27 -21.74 15.83
N GLY A 97 -22.61 -20.85 16.57
CA GLY A 97 -22.76 -20.72 18.02
C GLY A 97 -22.53 -21.91 18.96
N GLY A 98 -22.96 -23.11 18.54
CA GLY A 98 -22.78 -24.33 19.31
C GLY A 98 -22.94 -24.27 20.83
N PRO A 99 -22.04 -24.95 21.57
CA PRO A 99 -22.04 -25.05 23.03
C PRO A 99 -22.38 -23.76 23.78
N GLN A 100 -21.56 -22.71 23.63
CA GLN A 100 -21.84 -21.44 24.31
C GLN A 100 -23.31 -21.06 24.19
N LEU A 101 -23.97 -21.62 23.19
CA LEU A 101 -25.35 -21.29 22.89
C LEU A 101 -26.32 -22.16 23.70
N ASP A 102 -25.94 -23.43 23.88
CA ASP A 102 -26.72 -24.38 24.70
C ASP A 102 -26.65 -24.01 26.18
N ALA A 103 -25.46 -23.60 26.61
CA ALA A 103 -25.22 -23.14 27.97
C ALA A 103 -26.11 -21.95 28.25
N ALA A 104 -26.09 -20.98 27.32
CA ALA A 104 -26.92 -19.79 27.39
C ALA A 104 -28.40 -20.11 27.20
N LEU A 105 -28.68 -21.18 26.45
CA LEU A 105 -30.05 -21.62 26.20
C LEU A 105 -30.66 -22.32 27.42
N GLU A 106 -29.80 -22.73 28.35
CA GLU A 106 -30.26 -23.32 29.60
C GLU A 106 -30.31 -22.29 30.73
N ALA A 107 -29.50 -21.24 30.61
CA ALA A 107 -29.57 -20.11 31.51
C ALA A 107 -31.02 -19.68 31.67
N ALA A 108 -31.50 -18.90 30.71
CA ALA A 108 -32.91 -18.48 30.72
C ALA A 108 -33.81 -19.70 30.94
N ASP A 109 -33.47 -20.78 30.25
CA ASP A 109 -34.15 -22.09 30.35
C ASP A 109 -34.89 -22.50 29.07
N ILE A 110 -35.83 -23.41 29.24
CA ILE A 110 -36.54 -24.06 28.14
C ILE A 110 -35.58 -24.62 27.07
N PRO A 111 -34.66 -25.49 27.50
CA PRO A 111 -33.69 -26.13 26.62
C PRO A 111 -33.89 -27.64 26.62
N THR A 112 -34.17 -28.25 25.48
CA THR A 112 -34.34 -29.70 25.41
C THR A 112 -34.80 -30.18 24.05
N GLU A 113 -36.02 -30.70 24.01
CA GLU A 113 -36.74 -31.12 22.81
C GLU A 113 -35.95 -31.28 21.50
N ARG A 114 -36.08 -32.46 20.89
CA ARG A 114 -35.54 -32.72 19.56
C ARG A 114 -36.53 -33.50 18.70
N VAL A 115 -37.82 -33.37 19.01
CA VAL A 115 -38.90 -34.15 18.37
C VAL A 115 -38.53 -34.93 17.11
N ASP A 116 -37.92 -34.25 16.14
CA ASP A 116 -37.54 -34.88 14.88
C ASP A 116 -36.16 -35.54 14.97
N GLY A 117 -35.18 -34.82 14.43
CA GLY A 117 -33.79 -35.24 14.43
C GLY A 117 -32.97 -33.97 14.48
N LEU A 118 -33.68 -32.86 14.32
CA LEU A 118 -33.10 -31.55 14.59
C LEU A 118 -33.82 -31.04 15.83
N ARG A 119 -33.29 -29.99 16.43
CA ARG A 119 -33.87 -29.44 17.65
C ARG A 119 -35.20 -28.75 17.39
N VAL A 120 -36.00 -28.61 18.43
CA VAL A 120 -37.11 -27.68 18.39
C VAL A 120 -36.71 -26.42 19.13
N THR A 121 -36.88 -25.29 18.46
CA THR A 121 -36.56 -24.00 19.06
C THR A 121 -37.73 -23.03 18.88
N ARG A 122 -38.40 -22.72 19.99
CA ARG A 122 -39.65 -21.97 20.00
C ARG A 122 -39.40 -20.48 20.18
N ASP A 123 -40.46 -19.68 20.05
CA ASP A 123 -40.34 -18.22 20.10
C ASP A 123 -39.43 -17.73 21.21
N GLU A 124 -39.53 -18.36 22.39
CA GLU A 124 -38.78 -17.91 23.57
C GLU A 124 -37.27 -18.09 23.42
N ALA A 125 -36.87 -19.03 22.58
CA ALA A 125 -35.44 -19.28 22.38
C ALA A 125 -34.82 -18.25 21.44
N ILE A 126 -35.65 -17.65 20.59
CA ILE A 126 -35.15 -16.76 19.53
C ILE A 126 -34.32 -15.57 20.02
N PRO A 127 -34.94 -14.60 20.73
CA PRO A 127 -34.19 -13.42 21.18
C PRO A 127 -32.78 -13.78 21.63
N ILE A 128 -32.63 -14.94 22.28
CA ILE A 128 -31.35 -15.41 22.79
C ILE A 128 -30.44 -15.89 21.67
N ILE A 129 -30.99 -16.76 20.82
CA ILE A 129 -30.27 -17.30 19.69
C ILE A 129 -29.64 -16.19 18.85
N ARG A 130 -30.47 -15.21 18.48
CA ARG A 130 -30.07 -14.12 17.60
C ARG A 130 -29.00 -13.25 18.22
N ASP A 131 -29.18 -12.91 19.49
CA ASP A 131 -28.22 -12.06 20.17
C ASP A 131 -27.02 -12.87 20.62
N THR A 132 -27.17 -14.19 20.66
CA THR A 132 -26.04 -15.05 21.01
C THR A 132 -25.12 -15.28 19.83
N LEU A 133 -25.71 -15.47 18.66
CA LEU A 133 -24.94 -15.67 17.43
C LEU A 133 -24.37 -14.35 16.96
N THR A 134 -25.21 -13.32 16.99
CA THR A 134 -24.78 -11.97 16.64
C THR A 134 -23.51 -11.59 17.38
N GLN A 135 -23.49 -11.80 18.69
CA GLN A 135 -22.31 -11.50 19.49
C GLN A 135 -21.12 -12.36 19.04
N ALA A 136 -21.31 -13.67 18.99
CA ALA A 136 -20.31 -14.57 18.42
C ALA A 136 -19.79 -14.04 17.08
N ASN A 137 -20.68 -13.45 16.31
CA ASN A 137 -20.30 -12.92 15.00
C ASN A 137 -19.29 -11.79 15.17
N LEU A 138 -19.77 -10.69 15.74
CA LEU A 138 -18.93 -9.55 16.09
C LEU A 138 -17.62 -10.03 16.71
N ALA A 139 -17.77 -10.87 17.72
CA ALA A 139 -16.63 -11.39 18.46
C ALA A 139 -15.57 -11.76 17.48
N LEU A 140 -15.97 -12.64 16.57
CA LEU A 140 -15.12 -13.20 15.53
C LEU A 140 -14.60 -12.14 14.56
N VAL A 141 -15.50 -11.33 14.02
CA VAL A 141 -15.08 -10.30 13.08
C VAL A 141 -13.98 -9.41 13.66
N ASP A 142 -14.22 -8.90 14.85
CA ASP A 142 -13.23 -8.06 15.50
C ASP A 142 -11.96 -8.87 15.81
N ALA A 143 -12.14 -10.14 16.11
CA ALA A 143 -11.00 -11.01 16.32
C ALA A 143 -10.10 -11.12 15.07
N ILE A 144 -10.71 -11.20 13.89
CA ILE A 144 -9.92 -11.42 12.67
C ILE A 144 -9.06 -10.20 12.45
N ARG A 145 -9.64 -9.05 12.79
CA ARG A 145 -8.96 -7.80 12.55
C ARG A 145 -7.78 -7.60 13.53
N ASP A 146 -8.03 -7.86 14.82
CA ASP A 146 -6.96 -7.88 15.81
C ASP A 146 -5.81 -8.76 15.33
N ALA A 147 -6.19 -9.87 14.70
CA ALA A 147 -5.23 -10.83 14.24
C ALA A 147 -4.40 -10.22 13.12
N GLY A 148 -5.00 -9.26 12.43
CA GLY A 148 -4.32 -8.56 11.34
C GLY A 148 -5.12 -8.58 10.06
N GLY A 149 -6.25 -9.28 10.08
CA GLY A 149 -6.99 -9.47 8.86
C GLY A 149 -7.94 -8.35 8.62
N ARG A 150 -8.82 -8.56 7.66
CA ARG A 150 -9.93 -7.67 7.38
C ARG A 150 -11.10 -8.60 7.18
N ALA A 151 -12.25 -8.29 7.80
CA ALA A 151 -13.45 -9.12 7.72
C ALA A 151 -14.68 -8.26 7.65
N ALA A 152 -15.82 -8.90 7.50
CA ALA A 152 -17.10 -8.22 7.43
C ALA A 152 -18.08 -8.92 8.33
N ALA A 153 -18.93 -8.16 9.01
CA ALA A 153 -19.98 -8.79 9.79
C ALA A 153 -21.27 -8.89 8.96
N VAL A 154 -21.76 -10.12 8.81
CA VAL A 154 -22.99 -10.37 8.07
C VAL A 154 -23.94 -11.18 8.95
N PRO A 155 -24.25 -10.65 10.14
CA PRO A 155 -25.04 -11.34 11.16
C PRO A 155 -26.33 -11.84 10.59
N ARG A 156 -26.89 -11.10 9.63
CA ARG A 156 -28.14 -11.48 9.00
C ARG A 156 -28.15 -10.88 7.60
N GLY A 157 -29.10 -11.31 6.76
CA GLY A 157 -29.29 -10.74 5.44
C GLY A 157 -28.84 -11.60 4.27
N VAL A 158 -28.39 -12.83 4.55
CA VAL A 158 -27.91 -13.74 3.51
C VAL A 158 -28.75 -15.01 3.37
N PHE A 159 -29.26 -15.52 4.48
CA PHE A 159 -30.06 -16.74 4.50
C PHE A 159 -31.59 -16.56 4.48
N GLU A 160 -32.21 -16.51 3.31
CA GLU A 160 -33.67 -16.41 3.27
C GLU A 160 -34.35 -17.78 3.23
N ALA A 161 -34.98 -18.18 4.34
CA ALA A 161 -35.57 -19.52 4.43
C ALA A 161 -37.09 -19.49 4.55
N ASP A 162 -37.72 -20.60 4.17
CA ASP A 162 -39.09 -20.86 4.57
C ASP A 162 -39.06 -21.62 5.90
N ILE A 163 -40.19 -21.67 6.58
CA ILE A 163 -40.24 -22.25 7.93
C ILE A 163 -40.76 -23.69 7.92
N VAL A 164 -39.83 -24.64 7.98
CA VAL A 164 -40.13 -26.06 7.99
C VAL A 164 -41.50 -26.42 8.56
N ASP A 165 -41.61 -26.52 9.89
CA ASP A 165 -42.89 -26.89 10.51
C ASP A 165 -43.31 -25.94 11.64
N ALA A 166 -44.55 -25.48 11.57
CA ALA A 166 -45.10 -24.58 12.56
C ALA A 166 -45.03 -25.13 13.99
N ASP A 167 -46.00 -25.95 14.36
CA ASP A 167 -46.12 -26.49 15.72
C ASP A 167 -44.87 -27.24 16.20
N LYS A 168 -44.62 -28.38 15.57
CA LYS A 168 -43.62 -29.35 16.04
C LYS A 168 -42.23 -28.79 16.38
N LEU A 169 -41.56 -28.20 15.40
CA LEU A 169 -40.19 -27.76 15.58
C LEU A 169 -40.00 -26.26 15.88
N GLY A 170 -41.10 -25.56 16.10
CA GLY A 170 -41.04 -24.15 16.44
C GLY A 170 -40.66 -23.24 15.29
N ARG A 171 -39.68 -22.36 15.51
CA ARG A 171 -39.29 -21.41 14.47
C ARG A 171 -37.95 -21.78 13.86
N VAL A 172 -37.94 -22.97 13.26
CA VAL A 172 -36.82 -23.47 12.46
C VAL A 172 -37.23 -23.33 10.98
N GLY A 173 -36.24 -23.27 10.09
CA GLY A 173 -36.52 -23.08 8.69
C GLY A 173 -35.56 -23.82 7.77
N GLU A 174 -35.83 -23.72 6.47
CA GLU A 174 -35.02 -24.41 5.48
C GLU A 174 -34.75 -23.48 4.30
N PRO A 175 -33.49 -23.11 4.11
CA PRO A 175 -33.01 -22.19 3.08
C PRO A 175 -33.54 -22.49 1.67
N ARG A 176 -34.01 -21.46 0.99
CA ARG A 176 -34.69 -21.58 -0.30
C ARG A 176 -34.01 -20.74 -1.39
N HIS A 177 -33.36 -19.67 -0.96
CA HIS A 177 -32.76 -18.72 -1.88
C HIS A 177 -31.58 -18.05 -1.17
N ILE A 178 -30.43 -17.95 -1.82
CA ILE A 178 -29.30 -17.29 -1.19
C ILE A 178 -29.04 -15.92 -1.80
N HIS A 179 -29.09 -14.88 -0.97
CA HIS A 179 -28.91 -13.51 -1.44
C HIS A 179 -27.47 -13.08 -1.29
N LEU A 180 -26.68 -13.34 -2.31
CA LEU A 180 -25.23 -13.20 -2.24
C LEU A 180 -24.68 -11.79 -2.39
N ASP A 181 -25.56 -10.80 -2.49
CA ASP A 181 -25.13 -9.43 -2.73
C ASP A 181 -24.22 -8.89 -1.60
N LEU A 182 -24.54 -9.27 -0.36
CA LEU A 182 -23.76 -8.84 0.79
C LEU A 182 -22.36 -9.45 0.87
N VAL A 183 -22.14 -10.53 0.12
CA VAL A 183 -20.90 -11.29 0.21
C VAL A 183 -19.99 -10.89 -0.95
N GLY A 184 -20.62 -10.42 -2.03
CA GLY A 184 -19.86 -9.91 -3.15
C GLY A 184 -19.34 -8.58 -2.68
N SER A 185 -20.18 -7.87 -1.92
CA SER A 185 -19.75 -6.61 -1.32
C SER A 185 -18.46 -6.84 -0.59
N ALA A 186 -18.53 -7.61 0.49
CA ALA A 186 -17.34 -7.97 1.26
C ALA A 186 -16.18 -8.47 0.38
N ALA A 187 -16.36 -9.63 -0.21
CA ALA A 187 -15.34 -10.20 -1.07
C ALA A 187 -14.71 -9.16 -2.01
N ARG A 188 -15.57 -8.29 -2.55
CA ARG A 188 -15.17 -7.33 -3.56
C ARG A 188 -14.18 -6.36 -2.92
N ALA A 189 -14.35 -6.16 -1.62
CA ALA A 189 -13.58 -5.19 -0.85
C ALA A 189 -12.31 -5.78 -0.22
N GLY A 190 -12.09 -7.09 -0.45
CA GLY A 190 -10.92 -7.77 0.07
C GLY A 190 -11.14 -8.26 1.48
N GLN A 191 -12.41 -8.45 1.83
CA GLN A 191 -12.79 -8.77 3.19
C GLN A 191 -13.39 -10.17 3.28
N ALA A 192 -12.98 -10.94 4.27
CA ALA A 192 -13.64 -12.21 4.56
C ALA A 192 -15.02 -11.94 5.13
N ALA A 193 -16.04 -12.52 4.53
CA ALA A 193 -17.42 -12.30 4.96
C ALA A 193 -17.82 -13.27 6.07
N ILE A 194 -17.97 -12.78 7.29
CA ILE A 194 -18.38 -13.66 8.37
C ILE A 194 -19.88 -13.77 8.47
N LEU A 195 -20.42 -14.94 8.08
CA LEU A 195 -21.86 -15.16 8.05
C LEU A 195 -22.34 -16.01 9.23
N ALA A 196 -23.36 -15.53 9.92
CA ALA A 196 -23.94 -16.29 11.01
C ALA A 196 -25.21 -16.97 10.54
N CYS A 197 -25.49 -18.13 11.15
CA CYS A 197 -26.64 -18.94 10.76
C CYS A 197 -27.96 -18.41 11.30
N LEU A 198 -28.51 -17.37 10.67
CA LEU A 198 -29.80 -16.82 11.07
C LEU A 198 -30.70 -16.61 9.86
N GLY A 199 -31.89 -17.20 9.90
CA GLY A 199 -32.80 -17.15 8.77
C GLY A 199 -33.65 -15.89 8.74
N GLU A 200 -34.71 -15.92 7.94
CA GLU A 200 -35.61 -14.78 7.76
C GLU A 200 -36.64 -15.07 6.70
N THR A 201 -37.88 -15.30 7.11
CA THR A 201 -38.94 -15.61 6.16
C THR A 201 -39.19 -14.46 5.20
N PRO A 202 -39.80 -14.77 4.03
CA PRO A 202 -40.15 -13.75 3.03
C PRO A 202 -41.20 -12.75 3.55
N ASP A 203 -41.82 -13.06 4.68
CA ASP A 203 -42.69 -12.11 5.34
C ASP A 203 -41.95 -11.44 6.50
N GLY A 204 -40.62 -11.42 6.39
CA GLY A 204 -39.78 -10.72 7.36
C GLY A 204 -39.41 -11.51 8.60
N THR A 205 -40.21 -12.51 8.94
CA THR A 205 -40.02 -13.25 10.19
C THR A 205 -38.64 -13.88 10.31
N LEU A 206 -37.94 -13.56 11.40
CA LEU A 206 -36.63 -14.13 11.68
C LEU A 206 -36.79 -15.57 12.14
N VAL A 207 -35.80 -16.41 11.88
CA VAL A 207 -35.96 -17.84 12.08
C VAL A 207 -34.64 -18.61 12.27
N ASN A 208 -34.71 -19.71 13.01
CA ASN A 208 -33.53 -20.51 13.29
C ASN A 208 -33.13 -21.36 12.10
N ILE A 209 -31.83 -21.57 11.94
CA ILE A 209 -31.33 -22.32 10.80
C ILE A 209 -30.26 -23.31 11.19
N ASN A 210 -30.49 -24.59 10.89
CA ASN A 210 -29.49 -25.62 11.14
C ASN A 210 -28.24 -25.44 10.28
N ALA A 211 -27.07 -25.47 10.93
CA ALA A 211 -25.82 -25.17 10.24
C ALA A 211 -25.59 -25.98 8.99
N ASP A 212 -25.74 -27.31 9.08
CA ASP A 212 -25.51 -28.19 7.93
C ASP A 212 -26.44 -27.93 6.74
N VAL A 213 -27.73 -27.80 7.02
CA VAL A 213 -28.67 -27.46 5.96
C VAL A 213 -28.33 -26.08 5.38
N ALA A 214 -27.70 -25.25 6.19
CA ALA A 214 -27.35 -23.88 5.81
C ALA A 214 -26.05 -23.80 5.01
N VAL A 215 -25.05 -24.56 5.41
CA VAL A 215 -23.82 -24.62 4.66
C VAL A 215 -24.05 -25.27 3.29
N ARG A 216 -24.89 -26.30 3.23
CA ARG A 216 -25.16 -26.93 1.94
C ARG A 216 -25.72 -25.93 0.92
N ALA A 217 -26.66 -25.10 1.36
CA ALA A 217 -27.30 -24.11 0.46
C ALA A 217 -26.34 -23.05 -0.01
N LEU A 218 -25.36 -22.74 0.83
CA LEU A 218 -24.41 -21.70 0.51
C LEU A 218 -23.39 -22.22 -0.47
N VAL A 219 -22.83 -23.39 -0.19
CA VAL A 219 -21.90 -24.04 -1.11
C VAL A 219 -22.53 -24.19 -2.49
N HIS A 220 -23.84 -24.43 -2.52
CA HIS A 220 -24.54 -24.42 -3.79
C HIS A 220 -24.38 -23.07 -4.51
N ALA A 221 -25.04 -22.06 -3.96
CA ALA A 221 -24.94 -20.67 -4.42
C ALA A 221 -23.56 -20.20 -4.94
N LEU A 222 -22.50 -20.53 -4.20
CA LEU A 222 -21.15 -20.06 -4.49
C LEU A 222 -20.26 -20.92 -5.42
N GLN A 223 -20.45 -22.24 -5.44
CA GLN A 223 -19.55 -23.16 -6.15
C GLN A 223 -18.07 -22.99 -5.81
N PRO A 224 -17.73 -23.06 -4.51
CA PRO A 224 -16.34 -22.91 -4.07
C PRO A 224 -15.40 -23.99 -4.60
N TYR A 225 -14.17 -23.59 -4.88
CA TYR A 225 -13.03 -24.48 -4.99
C TYR A 225 -12.78 -25.32 -3.72
N LYS A 226 -13.00 -24.72 -2.55
CA LYS A 226 -12.83 -25.40 -1.27
C LYS A 226 -14.10 -25.37 -0.44
N VAL A 227 -14.22 -26.31 0.49
CA VAL A 227 -15.18 -26.23 1.57
C VAL A 227 -14.46 -26.75 2.78
N VAL A 228 -14.02 -25.87 3.67
CA VAL A 228 -13.26 -26.31 4.84
C VAL A 228 -14.13 -26.46 6.08
N PHE A 229 -13.90 -27.53 6.82
CA PHE A 229 -14.65 -27.78 8.03
C PHE A 229 -13.65 -27.71 9.16
N LEU A 230 -13.71 -26.65 9.96
CA LEU A 230 -12.73 -26.48 11.00
C LEU A 230 -13.24 -27.03 12.32
N THR A 231 -12.37 -27.78 13.01
CA THR A 231 -12.71 -28.44 14.28
C THR A 231 -11.61 -28.41 15.35
N GLY A 232 -11.85 -29.16 16.42
CA GLY A 232 -10.85 -29.37 17.45
C GLY A 232 -10.00 -30.60 17.16
N THR A 233 -10.67 -31.72 16.91
CA THR A 233 -9.95 -32.95 16.54
C THR A 233 -9.14 -32.72 15.26
N GLY A 234 -9.68 -31.93 14.34
CA GLY A 234 -8.94 -31.49 13.18
C GLY A 234 -8.49 -32.61 12.27
N GLY A 235 -9.45 -33.47 11.91
CA GLY A 235 -9.17 -34.52 10.96
C GLY A 235 -10.06 -35.72 11.17
N LEU A 236 -10.28 -36.49 10.10
CA LEU A 236 -10.97 -37.76 10.24
C LEU A 236 -9.98 -38.89 10.51
N LEU A 237 -10.47 -39.95 11.15
CA LEU A 237 -9.63 -41.00 11.69
C LEU A 237 -9.78 -42.32 10.96
N ASP A 238 -8.71 -43.12 10.93
CA ASP A 238 -8.78 -44.44 10.31
C ASP A 238 -9.04 -45.57 11.33
N GLU A 239 -9.10 -46.82 10.87
CA GLU A 239 -9.33 -47.99 11.74
C GLU A 239 -8.29 -47.97 12.86
N ASP A 240 -7.07 -47.60 12.49
CA ASP A 240 -5.94 -47.46 13.40
C ASP A 240 -6.11 -46.35 14.44
N GLY A 241 -6.85 -45.30 14.07
CA GLY A 241 -7.04 -44.15 14.94
C GLY A 241 -6.05 -43.05 14.64
N ASP A 242 -5.28 -43.21 13.56
CA ASP A 242 -4.47 -42.14 13.02
C ASP A 242 -5.35 -41.27 12.16
N ILE A 243 -4.76 -40.28 11.52
CA ILE A 243 -5.55 -39.40 10.69
C ILE A 243 -5.65 -39.92 9.27
N LEU A 244 -6.77 -39.59 8.65
CA LEU A 244 -7.05 -40.03 7.30
C LEU A 244 -6.69 -38.93 6.32
N SER A 245 -5.43 -38.88 5.94
CA SER A 245 -4.96 -37.84 5.03
C SER A 245 -5.95 -37.53 3.92
N SER A 246 -6.45 -38.55 3.23
CA SER A 246 -7.41 -38.30 2.13
C SER A 246 -8.49 -39.36 1.89
N ILE A 247 -9.28 -39.12 0.85
CA ILE A 247 -10.38 -39.97 0.45
C ILE A 247 -10.64 -39.74 -1.03
N ASN A 248 -11.10 -40.77 -1.72
CA ASN A 248 -11.36 -40.70 -3.14
C ASN A 248 -12.74 -41.29 -3.40
N LEU A 249 -13.78 -40.55 -3.02
CA LEU A 249 -15.18 -40.97 -3.14
C LEU A 249 -15.51 -41.93 -4.29
N ALA A 250 -14.81 -41.78 -5.42
CA ALA A 250 -15.02 -42.65 -6.58
C ALA A 250 -14.76 -44.11 -6.20
N THR A 251 -13.75 -44.31 -5.36
CA THR A 251 -13.28 -45.64 -4.99
C THR A 251 -13.49 -45.93 -3.49
N ASP A 252 -13.15 -44.96 -2.66
CA ASP A 252 -13.12 -45.17 -1.22
C ASP A 252 -14.49 -45.12 -0.52
N PHE A 253 -15.48 -44.47 -1.13
CA PHE A 253 -16.78 -44.26 -0.47
C PHE A 253 -17.64 -45.51 -0.18
N GLY A 254 -17.56 -46.52 -1.04
CA GLY A 254 -18.28 -47.75 -0.78
C GLY A 254 -17.66 -48.54 0.36
N ASP A 255 -16.38 -48.87 0.21
CA ASP A 255 -15.62 -49.55 1.24
C ASP A 255 -15.84 -48.94 2.63
N LEU A 256 -15.74 -47.62 2.70
CA LEU A 256 -15.78 -46.89 3.97
C LEU A 256 -17.15 -47.00 4.66
N MET A 257 -18.18 -47.17 3.84
CA MET A 257 -19.55 -47.07 4.32
C MET A 257 -20.11 -48.42 4.76
N GLN A 258 -19.37 -49.49 4.45
CA GLN A 258 -19.71 -50.85 4.88
C GLN A 258 -18.87 -51.25 6.07
N ALA A 259 -17.78 -50.52 6.29
CA ALA A 259 -16.83 -50.85 7.35
C ALA A 259 -17.43 -50.70 8.76
N ASP A 260 -17.14 -51.68 9.61
CA ASP A 260 -17.72 -51.75 10.95
C ASP A 260 -16.99 -50.85 11.93
N TRP A 261 -15.84 -50.33 11.51
CA TRP A 261 -15.11 -49.35 12.30
C TRP A 261 -15.51 -47.91 11.96
N VAL A 262 -16.30 -47.76 10.91
CA VAL A 262 -16.90 -46.45 10.62
C VAL A 262 -18.28 -46.35 11.27
N ASN A 263 -18.30 -45.73 12.43
CA ASN A 263 -19.52 -45.55 13.22
C ASN A 263 -20.59 -44.79 12.46
N GLY A 264 -21.70 -44.51 13.15
CA GLY A 264 -22.76 -43.67 12.61
C GLY A 264 -22.18 -42.32 12.25
N GLY A 265 -22.07 -41.43 13.22
CA GLY A 265 -21.47 -40.13 13.04
C GLY A 265 -20.62 -40.01 11.79
N MET A 266 -19.58 -40.85 11.68
CA MET A 266 -18.65 -40.78 10.56
C MET A 266 -19.28 -41.20 9.22
N ARG A 267 -20.26 -42.10 9.28
CA ARG A 267 -21.05 -42.42 8.08
C ARG A 267 -21.80 -41.17 7.61
N LEU A 268 -22.65 -40.66 8.50
CA LEU A 268 -23.39 -39.42 8.31
C LEU A 268 -22.52 -38.24 7.85
N LYS A 269 -21.27 -38.21 8.29
CA LYS A 269 -20.37 -37.16 7.86
C LYS A 269 -19.98 -37.36 6.39
N LEU A 270 -19.47 -38.54 6.06
CA LEU A 270 -19.14 -38.87 4.69
C LEU A 270 -20.33 -38.67 3.75
N GLU A 271 -21.51 -39.09 4.19
CA GLU A 271 -22.71 -38.89 3.37
C GLU A 271 -22.91 -37.43 2.96
N GLU A 272 -22.94 -36.54 3.94
CA GLU A 272 -23.06 -35.12 3.65
C GLU A 272 -21.90 -34.61 2.77
N ILE A 273 -20.68 -34.99 3.11
CA ILE A 273 -19.53 -34.54 2.34
C ILE A 273 -19.66 -34.93 0.87
N LYS A 274 -20.34 -36.04 0.63
CA LYS A 274 -20.62 -36.51 -0.71
C LYS A 274 -21.68 -35.63 -1.37
N ARG A 275 -22.81 -35.39 -0.70
CA ARG A 275 -23.87 -34.57 -1.31
C ARG A 275 -23.32 -33.22 -1.77
N LEU A 276 -22.45 -32.62 -0.96
CA LEU A 276 -21.82 -31.38 -1.37
C LEU A 276 -21.03 -31.60 -2.65
N LEU A 277 -20.05 -32.49 -2.60
CA LEU A 277 -19.09 -32.67 -3.67
C LEU A 277 -19.68 -33.14 -5.00
N ASP A 278 -20.88 -33.72 -4.96
CA ASP A 278 -21.61 -34.13 -6.18
C ASP A 278 -22.18 -32.87 -6.81
N ASP A 279 -22.34 -31.83 -5.99
CA ASP A 279 -22.95 -30.58 -6.44
C ASP A 279 -21.95 -29.51 -6.85
N LEU A 280 -20.66 -29.74 -6.58
CA LEU A 280 -19.63 -28.80 -6.99
C LEU A 280 -18.94 -29.30 -8.24
N PRO A 281 -18.07 -28.48 -8.83
CA PRO A 281 -17.33 -29.07 -9.95
C PRO A 281 -16.33 -30.15 -9.52
N LEU A 282 -15.55 -30.58 -10.49
CA LEU A 282 -14.56 -31.59 -10.22
C LEU A 282 -13.43 -31.01 -9.40
N SER A 283 -12.95 -29.80 -9.74
CA SER A 283 -11.78 -29.22 -9.06
C SER A 283 -12.01 -29.09 -7.57
N SER A 284 -13.26 -28.89 -7.19
CA SER A 284 -13.63 -28.82 -5.77
C SER A 284 -12.99 -29.89 -4.88
N SER A 285 -12.91 -29.61 -3.59
CA SER A 285 -12.33 -30.52 -2.60
C SER A 285 -12.71 -30.08 -1.21
N VAL A 286 -13.35 -30.97 -0.46
CA VAL A 286 -13.57 -30.77 0.96
C VAL A 286 -12.41 -31.21 1.87
N SER A 287 -11.90 -30.29 2.69
CA SER A 287 -10.94 -30.57 3.76
C SER A 287 -11.60 -30.40 5.10
N ILE A 288 -11.39 -31.34 6.02
CA ILE A 288 -11.73 -31.09 7.42
C ILE A 288 -10.48 -31.11 8.31
N THR A 289 -10.17 -29.96 8.91
CA THR A 289 -8.87 -29.73 9.56
C THR A 289 -8.95 -28.82 10.81
N ARG A 290 -7.79 -28.34 11.27
CA ARG A 290 -7.74 -27.51 12.48
C ARG A 290 -7.11 -26.16 12.15
N PRO A 291 -7.59 -25.11 12.81
CA PRO A 291 -7.13 -23.75 12.53
C PRO A 291 -5.61 -23.65 12.37
N SER A 292 -4.85 -24.31 13.25
CA SER A 292 -3.39 -24.30 13.20
C SER A 292 -2.86 -24.96 11.92
N GLU A 293 -3.72 -25.73 11.24
CA GLU A 293 -3.33 -26.55 10.10
C GLU A 293 -3.74 -25.98 8.75
N LEU A 294 -4.77 -25.14 8.74
CA LEU A 294 -5.35 -24.63 7.49
C LEU A 294 -4.34 -24.24 6.45
N ALA A 295 -3.28 -23.54 6.82
CA ALA A 295 -2.29 -23.21 5.84
C ALA A 295 -1.68 -24.47 5.24
N ARG A 296 -1.12 -25.34 6.07
CA ARG A 296 -0.47 -26.58 5.61
C ARG A 296 -1.46 -27.37 4.78
N GLU A 297 -2.72 -27.39 5.23
CA GLU A 297 -3.73 -28.20 4.57
C GLU A 297 -3.98 -27.76 3.13
N LEU A 298 -4.10 -26.45 2.92
CA LEU A 298 -4.47 -25.86 1.64
C LEU A 298 -3.30 -25.60 0.71
N PHE A 299 -2.06 -25.76 1.15
CA PHE A 299 -0.90 -25.32 0.34
C PHE A 299 0.27 -26.30 0.36
N THR A 300 0.07 -27.44 0.99
CA THR A 300 1.02 -28.54 0.86
C THR A 300 0.33 -29.82 0.39
N HIS A 301 1.07 -30.62 -0.39
CA HIS A 301 0.63 -31.98 -0.72
C HIS A 301 0.95 -32.80 0.51
N ALA A 302 -0.09 -33.16 1.27
CA ALA A 302 0.06 -33.73 2.60
C ALA A 302 -0.96 -33.07 3.52
N GLY A 303 -0.73 -31.79 3.83
CA GLY A 303 -1.63 -31.02 4.65
C GLY A 303 -1.67 -31.57 6.07
N SER A 304 -2.63 -31.12 6.86
CA SER A 304 -2.76 -31.63 8.22
C SER A 304 -4.20 -32.01 8.52
N GLY A 305 -4.91 -32.44 7.48
CA GLY A 305 -6.29 -32.86 7.68
C GLY A 305 -6.70 -34.01 6.79
N THR A 306 -8.00 -34.30 6.81
CA THR A 306 -8.65 -35.23 5.89
C THR A 306 -9.18 -34.46 4.69
N LEU A 307 -8.64 -34.76 3.51
CA LEU A 307 -9.04 -34.11 2.27
C LEU A 307 -9.83 -35.07 1.37
N ILE A 308 -10.98 -34.61 0.88
CA ILE A 308 -11.92 -35.45 0.14
C ILE A 308 -12.24 -34.89 -1.26
N ARG A 309 -12.08 -35.72 -2.30
CA ARG A 309 -12.50 -35.38 -3.66
C ARG A 309 -13.63 -36.32 -4.09
N ARG A 310 -14.34 -35.96 -5.16
CA ARG A 310 -15.27 -36.94 -5.76
C ARG A 310 -14.45 -37.99 -6.46
N GLY A 311 -13.40 -37.54 -7.14
CA GLY A 311 -12.41 -38.44 -7.70
C GLY A 311 -12.79 -39.29 -8.92
N GLU A 312 -11.80 -40.00 -9.42
CA GLU A 312 -12.01 -40.89 -10.52
C GLU A 312 -11.81 -42.35 -10.11
N ARG A 313 -12.54 -43.27 -10.76
CA ARG A 313 -12.53 -44.70 -10.47
C ARG A 313 -11.35 -45.44 -11.08
N ILE A 314 -10.97 -46.58 -10.48
CA ILE A 314 -9.92 -47.43 -11.03
C ILE A 314 -10.49 -48.74 -11.48
N VAL A 315 -10.01 -49.25 -12.61
CA VAL A 315 -10.35 -50.61 -13.02
C VAL A 315 -9.19 -51.59 -12.76
N ALA A 316 -9.51 -52.79 -12.31
CA ALA A 316 -8.48 -53.84 -12.24
C ALA A 316 -8.81 -54.94 -13.24
N THR A 317 -7.78 -55.55 -13.82
CA THR A 317 -7.96 -56.51 -14.90
C THR A 317 -6.73 -57.39 -15.16
N ASP A 318 -6.99 -58.62 -15.59
CA ASP A 318 -5.95 -59.57 -15.99
C ASP A 318 -5.82 -59.52 -17.51
N ASP A 319 -6.58 -58.60 -18.10
CA ASP A 319 -6.97 -58.64 -19.50
C ASP A 319 -6.34 -57.51 -20.31
N LYS A 320 -5.05 -57.64 -20.57
CA LYS A 320 -4.34 -56.67 -21.39
C LYS A 320 -5.18 -56.16 -22.55
N SER A 321 -5.85 -57.05 -23.28
CA SER A 321 -6.69 -56.63 -24.41
C SER A 321 -7.60 -55.43 -24.04
N SER A 322 -8.17 -55.50 -22.84
CA SER A 322 -9.19 -54.57 -22.40
C SER A 322 -8.63 -53.22 -21.98
N LEU A 323 -7.45 -52.87 -22.46
CA LEU A 323 -6.79 -51.63 -22.08
C LEU A 323 -6.41 -50.76 -23.27
N ASP A 324 -6.48 -49.45 -23.09
CA ASP A 324 -5.95 -48.54 -24.10
C ASP A 324 -4.43 -48.39 -23.98
N LEU A 325 -3.69 -49.24 -24.66
CA LEU A 325 -2.24 -49.29 -24.51
C LEU A 325 -1.60 -48.08 -25.14
N GLY A 326 -2.36 -47.33 -25.92
CA GLY A 326 -1.79 -46.20 -26.63
C GLY A 326 -1.65 -45.09 -25.62
N ARG A 327 -2.70 -44.94 -24.84
CA ARG A 327 -2.71 -44.00 -23.73
C ARG A 327 -1.57 -44.36 -22.81
N LEU A 328 -1.63 -45.56 -22.23
CA LEU A 328 -0.56 -46.08 -21.36
C LEU A 328 0.86 -45.76 -21.82
N ASP A 329 1.15 -45.99 -23.08
CA ASP A 329 2.47 -45.67 -23.61
C ASP A 329 2.83 -44.19 -23.36
N ASN A 330 1.82 -43.33 -23.38
CA ASN A 330 2.00 -41.91 -23.06
C ASN A 330 2.19 -41.69 -21.55
N LEU A 331 1.21 -42.13 -20.77
CA LEU A 331 1.29 -42.12 -19.32
C LEU A 331 2.68 -42.47 -18.77
N VAL A 332 3.42 -43.22 -19.57
CA VAL A 332 4.67 -43.81 -19.15
C VAL A 332 5.82 -43.08 -19.82
N LYS A 333 5.52 -42.41 -20.91
CA LYS A 333 6.52 -41.61 -21.60
C LYS A 333 6.55 -40.26 -20.89
N ALA A 334 5.43 -39.94 -20.24
CA ALA A 334 5.24 -38.62 -19.69
C ALA A 334 5.66 -38.62 -18.23
N ALA A 335 5.37 -39.71 -17.52
CA ALA A 335 5.85 -39.87 -16.16
C ALA A 335 7.36 -39.97 -16.16
N PHE A 336 7.87 -41.12 -16.63
CA PHE A 336 9.29 -41.32 -16.92
C PHE A 336 9.69 -40.39 -18.06
N GLY A 337 10.97 -40.14 -18.21
CA GLY A 337 11.35 -39.15 -19.20
C GLY A 337 11.23 -39.68 -20.62
N ARG A 338 11.20 -40.99 -20.75
CA ARG A 338 11.31 -41.61 -22.06
C ARG A 338 10.29 -42.72 -22.18
N PRO A 339 10.16 -43.31 -23.39
CA PRO A 339 9.09 -44.26 -23.63
C PRO A 339 9.63 -45.69 -23.60
N ALA A 340 8.72 -46.67 -23.59
CA ALA A 340 9.09 -48.08 -23.51
C ALA A 340 9.88 -48.50 -24.73
N VAL A 341 10.65 -49.58 -24.60
CA VAL A 341 11.45 -50.08 -25.72
C VAL A 341 10.54 -50.50 -26.87
N GLU A 342 11.14 -50.75 -28.04
CA GLU A 342 10.34 -51.24 -29.14
C GLU A 342 9.74 -52.59 -28.76
N GLY A 343 8.44 -52.73 -29.00
CA GLY A 343 7.75 -53.97 -28.74
C GLY A 343 7.50 -54.27 -27.30
N TYR A 344 7.86 -53.35 -26.42
CA TYR A 344 7.62 -53.60 -25.01
C TYR A 344 6.17 -54.01 -24.82
N TRP A 345 5.25 -53.34 -25.52
CA TRP A 345 3.83 -53.47 -25.23
C TRP A 345 3.22 -54.75 -25.71
N ASP A 346 3.63 -55.17 -26.89
CA ASP A 346 3.18 -56.45 -27.40
C ASP A 346 3.70 -57.50 -26.39
N ARG A 347 5.00 -57.71 -26.39
CA ARG A 347 5.71 -58.61 -25.48
C ARG A 347 5.07 -58.80 -24.08
N LEU A 348 4.73 -57.70 -23.41
CA LEU A 348 4.31 -57.68 -22.00
C LEU A 348 3.28 -58.74 -21.63
N ARG A 349 3.52 -59.44 -20.54
CA ARG A 349 2.50 -60.42 -20.14
C ARG A 349 1.89 -60.02 -18.81
N VAL A 350 0.80 -59.27 -18.90
CA VAL A 350 0.15 -58.74 -17.71
C VAL A 350 -0.30 -59.79 -16.69
N ASP A 351 0.15 -59.61 -15.45
CA ASP A 351 -0.44 -60.34 -14.33
C ASP A 351 -1.68 -59.63 -13.81
N ARG A 352 -1.52 -58.38 -13.41
CA ARG A 352 -2.66 -57.54 -13.09
C ARG A 352 -2.27 -56.13 -13.40
N ALA A 353 -3.26 -55.34 -13.78
CA ALA A 353 -3.07 -53.92 -14.03
C ALA A 353 -4.16 -53.13 -13.33
N PHE A 354 -3.77 -52.06 -12.64
CA PHE A 354 -4.76 -51.08 -12.19
C PHE A 354 -4.55 -49.75 -12.90
N VAL A 355 -5.47 -49.42 -13.77
CA VAL A 355 -5.40 -48.15 -14.44
C VAL A 355 -6.54 -47.29 -13.99
N THR A 356 -6.25 -46.01 -13.88
CA THR A 356 -7.23 -45.06 -13.37
C THR A 356 -8.11 -44.59 -14.53
N GLU A 357 -9.34 -44.19 -14.21
CA GLU A 357 -10.34 -43.94 -15.24
C GLU A 357 -9.86 -42.91 -16.28
N SER A 358 -8.73 -42.29 -16.04
CA SER A 358 -8.24 -41.22 -16.91
C SER A 358 -6.85 -41.50 -17.40
N TYR A 359 -6.29 -42.65 -17.02
CA TYR A 359 -4.95 -43.01 -17.43
C TYR A 359 -3.98 -41.92 -17.08
N ARG A 360 -4.07 -41.44 -15.84
CA ARG A 360 -3.09 -40.47 -15.34
C ARG A 360 -2.22 -41.10 -14.26
N ALA A 361 -2.48 -42.40 -14.03
CA ALA A 361 -1.85 -43.13 -12.94
C ALA A 361 -2.15 -44.60 -13.18
N ALA A 362 -1.12 -45.41 -13.33
CA ALA A 362 -1.33 -46.84 -13.43
C ALA A 362 -0.23 -47.69 -12.82
N ALA A 363 -0.62 -48.72 -12.08
CA ALA A 363 0.29 -49.80 -11.70
C ALA A 363 0.07 -51.05 -12.59
N ILE A 364 1.14 -51.50 -13.25
CA ILE A 364 1.12 -52.74 -14.05
C ILE A 364 2.05 -53.82 -13.49
N THR A 365 1.44 -54.94 -13.10
CA THR A 365 2.15 -56.00 -12.39
C THR A 365 2.35 -57.18 -13.32
N THR A 366 3.57 -57.70 -13.41
CA THR A 366 3.77 -58.98 -14.10
C THR A 366 4.22 -60.04 -13.12
N ARG A 367 4.74 -61.14 -13.64
CA ARG A 367 5.18 -62.20 -12.76
C ARG A 367 6.69 -62.48 -12.91
N LEU A 368 7.35 -62.79 -11.81
CA LEU A 368 8.80 -62.96 -11.81
C LEU A 368 9.18 -64.11 -10.92
N ASP A 369 9.74 -65.16 -11.53
CA ASP A 369 9.98 -66.45 -10.92
C ASP A 369 8.89 -66.84 -9.93
N GLY A 370 7.67 -66.43 -10.17
CA GLY A 370 6.56 -66.77 -9.29
C GLY A 370 5.94 -65.56 -8.61
N TRP A 371 6.81 -64.69 -8.09
CA TRP A 371 6.44 -63.52 -7.29
C TRP A 371 5.70 -62.50 -8.12
N VAL A 372 4.77 -61.77 -7.49
CA VAL A 372 4.22 -60.56 -8.11
C VAL A 372 5.34 -59.53 -8.11
N TYR A 373 5.51 -58.83 -9.20
CA TYR A 373 6.64 -57.95 -9.37
C TYR A 373 6.06 -56.73 -10.09
N LEU A 374 6.56 -55.53 -9.77
CA LEU A 374 5.96 -54.29 -10.26
C LEU A 374 6.72 -53.73 -11.43
N ASP A 375 6.13 -53.84 -12.61
CA ASP A 375 6.86 -53.63 -13.83
C ASP A 375 6.72 -52.17 -14.27
N LYS A 376 5.54 -51.62 -14.03
CA LYS A 376 5.28 -50.20 -14.24
C LYS A 376 4.43 -49.63 -13.12
N PHE A 377 4.97 -48.58 -12.50
CA PHE A 377 4.21 -47.61 -11.72
C PHE A 377 4.48 -46.28 -12.44
N ALA A 378 3.43 -45.64 -12.92
CA ALA A 378 3.59 -44.31 -13.51
C ALA A 378 2.45 -43.42 -13.05
N VAL A 379 2.82 -42.28 -12.49
CA VAL A 379 1.85 -41.38 -11.93
C VAL A 379 2.30 -40.00 -12.31
N LEU A 380 1.49 -39.28 -13.06
CA LEU A 380 1.83 -37.90 -13.40
C LEU A 380 1.81 -37.00 -12.19
N ASP A 381 2.71 -36.03 -12.19
CA ASP A 381 2.72 -34.97 -11.19
C ASP A 381 1.30 -34.58 -10.78
N ASP A 382 0.54 -34.01 -11.70
CA ASP A 382 -0.83 -33.62 -11.34
C ASP A 382 -1.60 -34.75 -10.64
N ALA A 383 -1.47 -35.99 -11.10
CA ALA A 383 -2.18 -37.08 -10.43
C ALA A 383 -1.55 -37.46 -9.10
N ARG A 384 -0.23 -37.42 -9.01
CA ARG A 384 0.47 -37.73 -7.76
CA ARG A 384 0.48 -37.73 -7.77
C ARG A 384 -0.03 -36.82 -6.65
N GLY A 385 -0.14 -35.53 -6.95
CA GLY A 385 -0.64 -34.56 -6.01
C GLY A 385 -2.10 -34.69 -5.59
N GLU A 386 -3.00 -34.98 -6.53
CA GLU A 386 -4.41 -35.18 -6.16
C GLU A 386 -4.55 -36.34 -5.18
N GLY A 387 -3.49 -37.15 -5.05
CA GLY A 387 -3.48 -38.30 -4.17
C GLY A 387 -3.92 -39.59 -4.83
N LEU A 388 -3.67 -39.72 -6.13
CA LEU A 388 -4.03 -40.93 -6.87
C LEU A 388 -2.89 -41.92 -6.86
N GLY A 389 -1.66 -41.41 -6.92
CA GLY A 389 -0.49 -42.23 -6.78
C GLY A 389 -0.75 -43.25 -5.69
N ARG A 390 -1.28 -42.79 -4.55
CA ARG A 390 -1.51 -43.69 -3.42
C ARG A 390 -2.73 -44.55 -3.62
N THR A 391 -3.75 -44.01 -4.27
CA THR A 391 -4.99 -44.77 -4.47
C THR A 391 -4.79 -46.02 -5.34
N VAL A 392 -4.22 -45.86 -6.54
CA VAL A 392 -3.71 -47.00 -7.30
C VAL A 392 -2.85 -47.88 -6.39
N TRP A 393 -1.85 -47.29 -5.77
CA TRP A 393 -0.90 -48.05 -4.97
C TRP A 393 -1.50 -48.86 -3.80
N ASN A 394 -2.36 -48.27 -2.99
CA ASN A 394 -3.06 -49.09 -2.01
C ASN A 394 -3.74 -50.26 -2.68
N ARG A 395 -4.37 -49.99 -3.82
CA ARG A 395 -5.09 -51.02 -4.54
C ARG A 395 -4.12 -52.12 -4.99
N LEU A 396 -2.98 -51.73 -5.52
CA LEU A 396 -1.90 -52.67 -5.79
C LEU A 396 -1.52 -53.46 -4.52
N VAL A 397 -0.61 -52.94 -3.71
CA VAL A 397 -0.20 -53.64 -2.46
C VAL A 397 -1.30 -54.33 -1.63
N ASP A 398 -2.56 -54.17 -2.04
CA ASP A 398 -3.66 -54.87 -1.40
C ASP A 398 -3.85 -56.22 -2.12
N TYR A 399 -3.82 -56.15 -3.45
CA TYR A 399 -3.81 -57.30 -4.33
C TYR A 399 -2.57 -58.13 -4.16
N ALA A 400 -1.42 -57.48 -4.25
CA ALA A 400 -0.13 -58.12 -4.07
C ALA A 400 0.59 -57.82 -2.75
N PRO A 401 0.08 -58.38 -1.64
CA PRO A 401 0.73 -58.44 -0.33
C PRO A 401 2.24 -58.70 -0.35
N GLN A 402 2.69 -59.67 -1.15
CA GLN A 402 4.13 -59.86 -1.34
C GLN A 402 4.52 -59.34 -2.71
N LEU A 403 5.22 -58.21 -2.73
CA LEU A 403 5.53 -57.51 -3.97
C LEU A 403 7.01 -57.15 -4.09
N ILE A 404 7.57 -57.28 -5.29
CA ILE A 404 8.98 -56.97 -5.51
C ILE A 404 9.13 -55.93 -6.63
N TRP A 405 9.73 -54.79 -6.33
CA TRP A 405 10.00 -53.80 -7.39
C TRP A 405 11.37 -53.20 -7.46
N ARG A 406 11.49 -52.22 -8.32
CA ARG A 406 12.79 -51.67 -8.56
C ARG A 406 12.62 -50.30 -9.16
N SER A 407 13.70 -49.53 -9.12
CA SER A 407 13.64 -48.14 -9.45
C SER A 407 15.06 -47.68 -9.66
N ARG A 408 15.22 -46.59 -10.41
CA ARG A 408 16.52 -46.07 -10.68
C ARG A 408 16.92 -45.28 -9.47
N THR A 409 18.17 -44.90 -9.41
CA THR A 409 18.66 -44.17 -8.27
C THR A 409 18.13 -42.75 -8.29
N ASN A 410 18.19 -42.08 -9.44
CA ASN A 410 17.74 -40.68 -9.53
C ASN A 410 16.23 -40.50 -9.62
N ASN A 411 15.47 -41.44 -9.08
CA ASN A 411 14.02 -41.38 -9.23
C ASN A 411 13.32 -40.63 -8.10
N PRO A 412 12.65 -39.52 -8.46
CA PRO A 412 11.75 -38.74 -7.59
C PRO A 412 10.96 -39.59 -6.59
N VAL A 413 10.45 -40.73 -7.03
CA VAL A 413 9.49 -41.39 -6.19
C VAL A 413 10.15 -42.43 -5.22
N ASN A 414 11.47 -42.49 -5.22
CA ASN A 414 12.20 -43.44 -4.36
C ASN A 414 11.91 -43.26 -2.88
N GLY A 415 11.71 -42.02 -2.47
CA GLY A 415 11.42 -41.76 -1.09
C GLY A 415 10.10 -42.35 -0.68
N PHE A 416 9.09 -42.16 -1.52
CA PHE A 416 7.81 -42.76 -1.23
C PHE A 416 7.96 -44.27 -1.26
N TYR A 417 8.80 -44.77 -2.17
CA TYR A 417 8.97 -46.21 -2.27
C TYR A 417 9.50 -46.68 -0.95
N PHE A 418 10.64 -46.10 -0.57
CA PHE A 418 11.33 -46.47 0.67
C PHE A 418 10.46 -46.33 1.93
N GLU A 419 9.52 -45.40 1.94
CA GLU A 419 8.57 -45.31 3.04
C GLU A 419 7.67 -46.54 3.07
N GLU A 420 7.51 -47.17 1.90
CA GLU A 420 6.52 -48.21 1.70
C GLU A 420 7.09 -49.62 1.65
N CYS A 421 8.39 -49.72 1.39
CA CYS A 421 9.04 -51.01 1.31
C CYS A 421 9.12 -51.69 2.66
N ASP A 422 9.54 -52.95 2.66
CA ASP A 422 9.68 -53.72 3.89
C ASP A 422 11.15 -54.01 4.02
N GLY A 423 11.86 -53.75 2.95
CA GLY A 423 13.30 -53.91 2.94
C GLY A 423 13.69 -53.47 1.57
N ALA A 424 14.98 -53.26 1.35
CA ALA A 424 15.43 -52.75 0.07
C ALA A 424 16.90 -52.98 -0.09
N VAL A 425 17.31 -53.28 -1.32
CA VAL A 425 18.73 -53.41 -1.62
C VAL A 425 19.11 -52.38 -2.69
N ARG A 426 20.23 -51.67 -2.47
CA ARG A 426 20.63 -50.59 -3.33
C ARG A 426 21.94 -50.85 -4.05
N ARG A 427 21.96 -50.72 -5.38
CA ARG A 427 23.21 -50.67 -6.14
C ARG A 427 23.27 -49.33 -6.87
N ASP A 428 24.45 -48.95 -7.38
CA ASP A 428 24.62 -47.62 -7.99
C ASP A 428 23.49 -47.24 -8.96
N GLU A 429 23.40 -47.96 -10.06
CA GLU A 429 22.37 -47.72 -11.08
C GLU A 429 20.94 -47.89 -10.52
N TRP A 430 20.66 -49.03 -9.92
CA TRP A 430 19.28 -49.39 -9.58
C TRP A 430 19.10 -49.69 -8.11
N THR A 431 17.88 -50.06 -7.73
CA THR A 431 17.56 -50.39 -6.36
C THR A 431 16.35 -51.33 -6.40
N VAL A 432 16.38 -52.42 -5.62
CA VAL A 432 15.28 -53.38 -5.60
C VAL A 432 14.62 -53.29 -4.21
N PHE A 433 13.30 -53.11 -4.23
CA PHE A 433 12.50 -52.94 -3.02
C PHE A 433 11.69 -54.20 -2.84
N TRP A 434 11.07 -54.36 -1.69
CA TRP A 434 10.09 -55.44 -1.55
C TRP A 434 9.16 -55.16 -0.37
N ARG A 435 8.06 -55.91 -0.34
CA ARG A 435 7.09 -55.88 0.75
C ARG A 435 6.69 -57.31 1.06
N GLY A 436 6.09 -57.55 2.23
CA GLY A 436 5.76 -58.89 2.68
C GLY A 436 6.85 -59.58 3.51
N GLU A 437 6.44 -60.44 4.45
CA GLU A 437 7.38 -61.20 5.27
C GLU A 437 8.11 -62.12 4.34
N MET A 438 9.44 -62.06 4.26
CA MET A 438 10.11 -62.95 3.31
C MET A 438 11.55 -63.35 3.61
N GLY A 439 11.71 -64.58 4.11
CA GLY A 439 13.01 -65.15 4.44
C GLY A 439 14.19 -64.60 3.65
N PRO A 440 15.34 -64.42 4.33
CA PRO A 440 16.57 -63.90 3.72
C PRO A 440 16.87 -64.58 2.39
N VAL A 441 16.89 -65.92 2.38
CA VAL A 441 17.25 -66.67 1.18
C VAL A 441 16.24 -66.41 0.09
N GLU A 442 14.97 -66.54 0.43
CA GLU A 442 13.91 -66.28 -0.53
C GLU A 442 14.21 -64.98 -1.22
N VAL A 443 14.60 -64.00 -0.43
CA VAL A 443 14.73 -62.63 -0.93
C VAL A 443 15.99 -62.33 -1.73
N ALA A 444 17.16 -62.81 -1.31
CA ALA A 444 18.39 -62.54 -2.05
C ALA A 444 18.26 -63.10 -3.45
N ASP A 445 17.51 -64.19 -3.54
CA ASP A 445 17.27 -64.92 -4.77
C ASP A 445 16.57 -64.03 -5.76
N VAL A 446 15.30 -63.78 -5.49
CA VAL A 446 14.47 -62.91 -6.32
C VAL A 446 15.10 -61.57 -6.61
N VAL A 447 15.82 -61.02 -5.63
CA VAL A 447 16.53 -59.76 -5.80
C VAL A 447 17.57 -59.80 -6.91
N GLU A 448 18.44 -60.80 -6.92
CA GLU A 448 19.42 -60.88 -7.99
C GLU A 448 18.79 -61.04 -9.37
N LYS A 449 17.53 -61.47 -9.38
CA LYS A 449 16.76 -61.59 -10.60
C LYS A 449 16.31 -60.24 -11.13
N ALA A 450 15.61 -59.48 -10.29
CA ALA A 450 15.15 -58.14 -10.64
C ALA A 450 16.29 -57.16 -10.99
N PHE A 451 17.45 -57.31 -10.39
CA PHE A 451 18.61 -56.58 -10.88
C PHE A 451 18.94 -56.97 -12.32
N ALA A 452 18.62 -58.20 -12.72
CA ALA A 452 18.96 -58.70 -14.06
C ALA A 452 18.00 -58.27 -15.16
N LEU A 453 16.72 -58.12 -14.81
CA LEU A 453 15.72 -57.70 -15.78
C LEU A 453 16.22 -56.48 -16.56
N PRO A 454 16.15 -56.56 -17.89
CA PRO A 454 16.74 -55.50 -18.68
C PRO A 454 15.80 -54.33 -18.77
N PRO A 455 16.33 -53.14 -19.07
CA PRO A 455 15.54 -51.93 -19.23
C PRO A 455 14.34 -52.15 -20.18
N THR A 456 13.15 -52.05 -19.64
CA THR A 456 11.95 -52.08 -20.46
C THR A 456 11.75 -50.69 -21.10
N LEU A 457 12.40 -49.65 -20.57
CA LEU A 457 12.34 -48.31 -21.16
C LEU A 457 13.63 -47.91 -21.88
N GLU A 458 13.59 -46.80 -22.60
CA GLU A 458 14.78 -46.31 -23.28
C GLU A 458 15.72 -45.62 -22.29
N ALA A 459 16.96 -45.40 -22.70
CA ALA A 459 17.97 -44.82 -21.82
C ALA A 459 18.00 -43.29 -21.89
N PRO A 460 18.57 -42.66 -20.85
CA PRO A 460 18.80 -41.21 -20.77
C PRO A 460 19.88 -40.72 -21.73
N ALA B 25 -2.93 5.42 7.71
CA ALA B 25 -2.78 6.48 8.69
C ALA B 25 -1.38 7.14 8.68
N PRO B 26 -0.30 6.34 8.76
CA PRO B 26 1.05 6.92 8.78
C PRO B 26 1.40 7.73 7.53
N GLY B 27 0.56 7.65 6.49
CA GLY B 27 0.78 8.43 5.28
C GLY B 27 -0.42 9.27 4.92
N VAL B 28 -0.94 10.02 5.89
CA VAL B 28 -2.17 10.79 5.70
C VAL B 28 -2.20 12.08 6.51
N ARG B 29 -2.01 11.95 7.82
CA ARG B 29 -2.09 13.09 8.72
C ARG B 29 -1.12 14.21 8.35
N GLN B 30 0.14 14.06 8.76
CA GLN B 30 1.15 15.12 8.63
C GLN B 30 1.34 15.62 7.19
N THR B 31 0.87 14.84 6.21
CA THR B 31 1.01 15.21 4.80
C THR B 31 -0.13 16.08 4.30
N ILE B 32 -1.28 15.99 4.99
CA ILE B 32 -2.42 16.86 4.70
C ILE B 32 -2.44 18.08 5.63
N VAL B 33 -1.84 17.93 6.81
CA VAL B 33 -1.67 19.05 7.74
C VAL B 33 -0.36 19.80 7.49
N GLN B 34 0.45 19.32 6.55
CA GLN B 34 1.65 20.04 6.14
C GLN B 34 1.33 21.11 5.09
N LEU B 35 0.40 20.79 4.21
CA LEU B 35 -0.07 21.78 3.24
C LEU B 35 -0.55 22.99 4.03
N LEU B 36 -1.39 22.70 5.02
CA LEU B 36 -2.03 23.75 5.81
C LEU B 36 -1.11 24.33 6.88
N SER B 37 0.06 23.70 7.09
CA SER B 37 0.98 24.20 8.11
C SER B 37 1.27 25.66 7.80
N HIS B 38 1.22 26.01 6.52
CA HIS B 38 1.33 27.40 6.09
C HIS B 38 0.54 27.60 4.79
N MET B 39 -0.72 27.99 4.93
CA MET B 39 -1.55 28.26 3.76
C MET B 39 -2.60 29.34 4.04
N ARG B 40 -3.54 29.45 3.10
CA ARG B 40 -4.57 30.47 3.13
C ARG B 40 -5.67 30.11 4.12
N ASP B 41 -6.67 29.37 3.66
CA ASP B 41 -7.73 28.87 4.52
C ASP B 41 -7.14 27.90 5.56
N GLY B 42 -5.88 27.54 5.39
CA GLY B 42 -5.22 26.58 6.25
C GLY B 42 -5.10 27.01 7.70
N LYS B 43 -5.54 28.22 8.00
CA LYS B 43 -5.58 28.68 9.38
C LYS B 43 -6.76 28.03 10.11
N GLU B 44 -7.89 27.95 9.42
CA GLU B 44 -9.14 27.49 10.02
C GLU B 44 -9.39 25.98 9.85
N ILE B 45 -8.92 25.43 8.73
CA ILE B 45 -9.09 24.01 8.44
C ILE B 45 -8.25 23.14 9.37
N ARG B 46 -6.96 23.44 9.50
CA ARG B 46 -6.13 22.77 10.50
C ARG B 46 -6.86 22.85 11.84
N GLU B 47 -7.56 23.96 12.06
CA GLU B 47 -8.33 24.18 13.28
C GLU B 47 -9.53 23.24 13.41
N TYR B 48 -10.49 23.35 12.50
CA TYR B 48 -11.67 22.50 12.52
C TYR B 48 -11.32 21.01 12.63
N LEU B 49 -10.12 20.64 12.19
CA LEU B 49 -9.64 19.26 12.32
C LEU B 49 -9.38 18.90 13.78
N HIS B 50 -8.79 19.84 14.52
CA HIS B 50 -8.54 19.67 15.95
C HIS B 50 -9.84 19.31 16.67
N ARG B 51 -10.91 20.01 16.33
CA ARG B 51 -12.20 19.87 17.01
C ARG B 51 -12.87 18.52 16.77
N PHE B 52 -12.59 17.92 15.61
CA PHE B 52 -13.23 16.67 15.23
C PHE B 52 -12.52 15.43 15.79
N SER B 53 -11.19 15.48 15.90
CA SER B 53 -10.46 14.46 16.64
C SER B 53 -10.86 14.54 18.11
N GLY B 54 -12.16 14.61 18.34
CA GLY B 54 -12.73 14.59 19.68
C GLY B 54 -13.81 13.54 19.69
N ILE B 55 -13.57 12.49 20.48
CA ILE B 55 -14.45 11.32 20.56
C ILE B 55 -14.93 10.84 19.18
N ASP B 56 -14.05 10.09 18.51
CA ASP B 56 -14.28 9.65 17.13
C ASP B 56 -15.05 8.32 17.02
N GLN B 57 -15.50 7.79 18.15
CA GLN B 57 -16.29 6.56 18.14
C GLN B 57 -17.64 6.81 17.47
N GLU B 58 -17.76 7.97 16.82
CA GLU B 58 -18.91 8.39 16.02
C GLU B 58 -19.84 9.37 16.68
N ARG B 59 -19.41 9.87 17.84
CA ARG B 59 -19.99 11.06 18.41
C ARG B 59 -19.39 12.23 17.61
N PHE B 60 -19.29 12.00 16.31
CA PHE B 60 -18.80 12.99 15.37
C PHE B 60 -19.90 13.48 14.43
N ALA B 61 -20.42 12.60 13.57
CA ALA B 61 -21.42 13.04 12.59
C ALA B 61 -22.45 11.99 12.18
N VAL B 62 -23.68 12.45 11.99
CA VAL B 62 -24.76 11.65 11.42
C VAL B 62 -25.23 12.36 10.18
N ILE B 63 -25.20 11.69 9.04
CA ILE B 63 -25.50 12.34 7.77
C ILE B 63 -26.66 11.67 7.05
N LYS B 64 -27.79 12.37 6.91
CA LYS B 64 -28.97 11.78 6.26
C LYS B 64 -29.07 12.13 4.76
N VAL B 65 -29.23 11.10 3.93
CA VAL B 65 -29.21 11.29 2.49
C VAL B 65 -30.58 11.17 1.83
N GLY B 66 -30.96 12.22 1.11
CA GLY B 66 -32.19 12.22 0.34
C GLY B 66 -32.22 11.04 -0.60
N GLY B 67 -33.28 10.24 -0.52
CA GLY B 67 -33.42 9.05 -1.35
C GLY B 67 -33.07 9.30 -2.81
N ALA B 68 -33.46 10.46 -3.32
CA ALA B 68 -33.09 10.86 -4.67
C ALA B 68 -31.58 10.83 -4.76
N VAL B 69 -30.96 11.93 -4.30
CA VAL B 69 -29.51 12.07 -4.33
C VAL B 69 -28.77 10.86 -4.90
N ILE B 70 -28.88 9.71 -4.22
CA ILE B 70 -28.08 8.54 -4.56
C ILE B 70 -28.19 8.11 -6.02
N GLN B 71 -29.23 8.60 -6.70
CA GLN B 71 -29.44 8.28 -8.10
C GLN B 71 -28.63 9.19 -9.00
N ASP B 72 -29.08 10.44 -9.06
CA ASP B 72 -28.55 11.43 -9.97
C ASP B 72 -27.10 11.80 -9.65
N ASP B 73 -26.81 11.94 -8.35
CA ASP B 73 -25.50 12.38 -7.90
C ASP B 73 -24.91 11.36 -6.95
N LEU B 74 -24.46 10.22 -7.48
CA LEU B 74 -23.89 9.17 -6.65
C LEU B 74 -22.36 9.21 -6.62
N PRO B 75 -21.73 9.38 -7.78
CA PRO B 75 -20.26 9.44 -7.73
C PRO B 75 -19.85 10.64 -6.89
N GLY B 76 -20.65 11.71 -6.94
CA GLY B 76 -20.40 12.90 -6.17
C GLY B 76 -20.79 12.70 -4.71
N LEU B 77 -21.93 12.06 -4.50
CA LEU B 77 -22.38 11.76 -3.15
C LEU B 77 -21.43 10.79 -2.47
N ALA B 78 -20.43 10.33 -3.20
CA ALA B 78 -19.54 9.32 -2.67
C ALA B 78 -18.17 9.89 -2.32
N SER B 79 -17.56 10.64 -3.24
CA SER B 79 -16.25 11.22 -2.98
C SER B 79 -16.34 12.31 -1.90
N ALA B 80 -17.53 12.89 -1.74
CA ALA B 80 -17.75 13.78 -0.64
C ALA B 80 -17.48 12.97 0.60
N LEU B 81 -18.27 11.91 0.78
CA LEU B 81 -18.20 11.09 1.98
C LEU B 81 -16.84 10.44 2.21
N ALA B 82 -16.22 9.98 1.13
CA ALA B 82 -14.93 9.27 1.21
C ALA B 82 -13.80 10.18 1.67
N PHE B 83 -13.93 11.46 1.35
CA PHE B 83 -12.99 12.47 1.77
C PHE B 83 -12.79 12.39 3.29
N LEU B 84 -13.89 12.22 4.00
CA LEU B 84 -13.90 12.28 5.47
C LEU B 84 -13.31 11.04 6.15
N GLN B 85 -12.47 10.30 5.42
CA GLN B 85 -11.75 9.17 6.00
C GLN B 85 -10.26 9.46 5.90
N THR B 86 -9.88 9.93 4.71
CA THR B 86 -8.52 10.35 4.44
C THR B 86 -8.19 11.60 5.24
N VAL B 87 -9.07 11.95 6.17
CA VAL B 87 -8.87 13.11 7.00
C VAL B 87 -9.13 12.77 8.47
N GLY B 88 -9.72 11.59 8.69
CA GLY B 88 -9.87 11.05 10.04
C GLY B 88 -11.28 10.70 10.45
N LEU B 89 -12.22 11.60 10.18
CA LEU B 89 -13.61 11.48 10.63
C LEU B 89 -14.32 10.23 10.11
N THR B 90 -15.60 10.11 10.43
CA THR B 90 -16.36 8.91 10.11
C THR B 90 -17.87 9.16 10.07
N PRO B 91 -18.39 9.52 8.90
CA PRO B 91 -19.83 9.70 8.69
C PRO B 91 -20.61 8.55 9.31
N VAL B 92 -21.86 8.78 9.74
CA VAL B 92 -22.74 7.65 10.04
C VAL B 92 -23.98 7.72 9.15
N VAL B 93 -23.81 7.42 7.88
CA VAL B 93 -24.80 7.73 6.86
C VAL B 93 -26.13 6.98 6.96
N VAL B 94 -27.19 7.59 6.44
CA VAL B 94 -28.55 7.06 6.57
C VAL B 94 -29.32 7.33 5.29
N HIS B 95 -29.98 6.31 4.77
CA HIS B 95 -30.80 6.54 3.58
C HIS B 95 -32.26 6.11 3.75
N GLY B 96 -33.15 6.91 3.16
CA GLY B 96 -34.56 6.59 3.11
C GLY B 96 -34.91 6.10 1.73
N GLY B 97 -36.19 6.07 1.40
CA GLY B 97 -36.63 5.57 0.11
C GLY B 97 -36.63 6.62 -0.99
N GLY B 98 -37.46 7.65 -0.81
CA GLY B 98 -37.64 8.65 -1.84
C GLY B 98 -38.22 8.06 -3.11
N PRO B 99 -37.82 8.59 -4.28
CA PRO B 99 -38.30 8.18 -5.60
C PRO B 99 -38.34 6.66 -5.77
N GLN B 100 -37.22 6.01 -5.48
CA GLN B 100 -37.07 4.59 -5.72
C GLN B 100 -38.22 3.75 -5.19
N LEU B 101 -38.41 3.75 -3.87
CA LEU B 101 -39.46 2.93 -3.27
C LEU B 101 -40.77 3.00 -4.03
N ASP B 102 -41.13 4.20 -4.46
CA ASP B 102 -42.40 4.40 -5.13
C ASP B 102 -42.40 3.82 -6.54
N ALA B 103 -41.39 4.16 -7.35
CA ALA B 103 -41.25 3.60 -8.69
C ALA B 103 -41.44 2.09 -8.70
N ALA B 104 -40.75 1.40 -7.80
CA ALA B 104 -40.78 -0.05 -7.75
C ALA B 104 -41.83 -0.59 -6.78
N LEU B 105 -42.64 0.30 -6.21
CA LEU B 105 -43.77 -0.16 -5.41
C LEU B 105 -45.02 -0.30 -6.28
N GLU B 106 -45.15 0.58 -7.26
CA GLU B 106 -46.29 0.56 -8.15
C GLU B 106 -46.26 -0.62 -9.12
N ALA B 107 -45.09 -0.89 -9.70
CA ALA B 107 -44.94 -2.00 -10.63
C ALA B 107 -45.43 -3.30 -10.00
N ALA B 108 -46.04 -3.17 -8.82
CA ALA B 108 -46.61 -4.30 -8.10
C ALA B 108 -48.01 -3.99 -7.56
N ASP B 109 -48.11 -3.07 -6.60
CA ASP B 109 -49.41 -2.75 -5.99
C ASP B 109 -49.63 -1.28 -5.62
N ILE B 110 -50.42 -1.07 -4.57
CA ILE B 110 -50.90 0.26 -4.18
C ILE B 110 -50.62 0.65 -2.71
N PRO B 111 -49.55 1.41 -2.47
CA PRO B 111 -49.30 1.99 -1.15
C PRO B 111 -50.41 2.98 -0.76
N THR B 112 -50.21 3.69 0.35
CA THR B 112 -51.23 4.63 0.84
C THR B 112 -50.75 5.33 2.12
N GLU B 113 -51.66 6.05 2.79
CA GLU B 113 -51.31 6.78 4.02
C GLU B 113 -52.53 7.03 4.93
N ARG B 114 -52.32 6.87 6.24
CA ARG B 114 -53.36 7.12 7.25
C ARG B 114 -52.80 7.90 8.44
N VAL B 115 -51.49 7.78 8.63
CA VAL B 115 -50.77 8.59 9.62
C VAL B 115 -50.17 9.80 8.94
N ASP B 116 -50.17 10.92 9.65
CA ASP B 116 -49.64 12.19 9.13
C ASP B 116 -48.72 11.97 7.93
N GLY B 117 -47.67 11.17 8.12
CA GLY B 117 -46.85 10.74 7.02
C GLY B 117 -46.70 9.23 7.10
N LEU B 118 -45.46 8.78 7.27
CA LEU B 118 -45.16 7.38 7.55
C LEU B 118 -45.80 6.41 6.56
N ARG B 119 -46.04 6.89 5.34
CA ARG B 119 -46.73 6.10 4.31
C ARG B 119 -47.66 5.08 4.96
N VAL B 120 -47.53 3.83 4.51
CA VAL B 120 -48.15 2.69 5.16
C VAL B 120 -47.69 1.42 4.49
N THR B 121 -47.51 0.38 5.29
CA THR B 121 -47.05 -0.89 4.79
C THR B 121 -48.04 -1.96 5.26
N ARG B 122 -48.90 -2.40 4.34
CA ARG B 122 -49.95 -3.35 4.70
C ARG B 122 -49.42 -4.58 5.41
N ASP B 123 -48.45 -5.24 4.78
CA ASP B 123 -47.89 -6.47 5.32
C ASP B 123 -47.01 -7.09 4.28
N GLU B 124 -47.55 -7.21 3.08
CA GLU B 124 -46.80 -7.69 1.92
C GLU B 124 -46.09 -6.51 1.29
N ALA B 125 -46.09 -5.40 2.03
CA ALA B 125 -45.39 -4.20 1.62
C ALA B 125 -43.94 -4.25 2.06
N ILE B 126 -43.44 -5.44 2.37
CA ILE B 126 -42.12 -5.58 2.98
C ILE B 126 -41.04 -6.21 2.09
N PRO B 127 -41.32 -7.40 1.51
CA PRO B 127 -40.33 -8.04 0.63
C PRO B 127 -39.89 -7.15 -0.53
N ILE B 128 -40.52 -5.97 -0.63
CA ILE B 128 -40.13 -4.96 -1.59
C ILE B 128 -39.18 -3.97 -0.92
N ILE B 129 -39.60 -3.49 0.25
CA ILE B 129 -38.87 -2.52 1.06
C ILE B 129 -37.47 -2.98 1.47
N ARG B 130 -37.38 -4.25 1.87
CA ARG B 130 -36.10 -4.87 2.20
C ARG B 130 -35.13 -4.77 1.03
N ASP B 131 -35.55 -5.22 -0.15
CA ASP B 131 -34.65 -5.35 -1.28
C ASP B 131 -34.31 -3.99 -1.93
N THR B 132 -35.28 -3.08 -1.96
CA THR B 132 -35.08 -1.78 -2.59
C THR B 132 -34.05 -0.94 -1.82
N LEU B 133 -34.14 -0.98 -0.50
CA LEU B 133 -33.17 -0.29 0.36
C LEU B 133 -31.82 -1.00 0.38
N THR B 134 -31.83 -2.30 0.63
CA THR B 134 -30.61 -3.06 0.54
C THR B 134 -29.90 -2.76 -0.77
N GLN B 135 -30.62 -2.90 -1.89
CA GLN B 135 -30.01 -2.67 -3.18
C GLN B 135 -29.25 -1.36 -3.14
N ALA B 136 -29.95 -0.29 -2.76
CA ALA B 136 -29.35 1.04 -2.66
C ALA B 136 -28.29 1.14 -1.57
N ASN B 137 -28.40 0.34 -0.53
CA ASN B 137 -27.41 0.34 0.54
C ASN B 137 -26.00 -0.04 0.04
N LEU B 138 -25.91 -1.17 -0.67
CA LEU B 138 -24.68 -1.58 -1.34
C LEU B 138 -24.33 -0.59 -2.42
N ALA B 139 -25.33 -0.20 -3.19
CA ALA B 139 -25.15 0.78 -4.23
C ALA B 139 -24.21 1.86 -3.71
N LEU B 140 -24.52 2.33 -2.50
CA LEU B 140 -23.82 3.45 -1.88
C LEU B 140 -22.49 3.04 -1.25
N VAL B 141 -22.51 2.00 -0.43
CA VAL B 141 -21.25 1.49 0.09
C VAL B 141 -20.28 1.25 -1.06
N ASP B 142 -20.75 0.54 -2.08
CA ASP B 142 -19.93 0.22 -3.24
C ASP B 142 -19.25 1.49 -3.78
N ALA B 143 -20.04 2.52 -4.03
CA ALA B 143 -19.53 3.74 -4.65
C ALA B 143 -18.51 4.49 -3.77
N ILE B 144 -18.73 4.49 -2.47
CA ILE B 144 -17.77 5.10 -1.56
C ILE B 144 -16.37 4.47 -1.68
N ARG B 145 -16.26 3.16 -1.44
CA ARG B 145 -15.01 2.42 -1.64
C ARG B 145 -14.37 2.68 -3.00
N ASP B 146 -15.20 2.75 -4.04
CA ASP B 146 -14.73 3.17 -5.36
C ASP B 146 -13.96 4.50 -5.29
N ALA B 147 -14.61 5.51 -4.71
CA ALA B 147 -14.09 6.87 -4.66
C ALA B 147 -12.87 7.02 -3.74
N GLY B 148 -12.62 6.00 -2.92
CA GLY B 148 -11.43 5.95 -2.08
C GLY B 148 -11.73 5.88 -0.60
N GLY B 149 -12.94 5.47 -0.24
CA GLY B 149 -13.36 5.54 1.15
C GLY B 149 -13.36 4.22 1.90
N ARG B 150 -14.09 4.21 3.01
CA ARG B 150 -14.16 3.03 3.88
C ARG B 150 -15.55 2.91 4.48
N ALA B 151 -16.26 1.85 4.13
CA ALA B 151 -17.66 1.75 4.46
C ALA B 151 -18.10 0.41 5.04
N ALA B 152 -19.36 0.37 5.46
CA ALA B 152 -19.95 -0.78 6.09
C ALA B 152 -21.43 -0.80 5.76
N ALA B 153 -21.85 -1.77 4.96
CA ALA B 153 -23.25 -1.89 4.65
C ALA B 153 -24.01 -2.39 5.88
N VAL B 154 -24.83 -1.54 6.49
CA VAL B 154 -25.60 -1.96 7.66
C VAL B 154 -27.09 -1.81 7.42
N PRO B 155 -27.65 -2.67 6.56
CA PRO B 155 -29.06 -2.62 6.15
C PRO B 155 -30.01 -2.99 7.27
N ARG B 156 -29.58 -3.87 8.17
CA ARG B 156 -30.35 -4.08 9.40
C ARG B 156 -29.44 -4.44 10.58
N GLY B 157 -30.01 -4.47 11.77
CA GLY B 157 -29.27 -4.83 12.96
C GLY B 157 -28.95 -3.64 13.85
N VAL B 158 -29.64 -2.53 13.63
CA VAL B 158 -29.41 -1.32 14.41
C VAL B 158 -30.69 -0.88 15.11
N PHE B 159 -31.78 -0.76 14.34
CA PHE B 159 -33.03 -0.17 14.83
C PHE B 159 -33.99 -1.18 15.43
N GLU B 160 -34.23 -1.09 16.74
CA GLU B 160 -35.13 -2.03 17.39
C GLU B 160 -36.53 -1.41 17.51
N ALA B 161 -37.44 -1.78 16.63
CA ALA B 161 -38.74 -1.11 16.55
C ALA B 161 -39.88 -1.87 17.22
N ASP B 162 -41.07 -1.24 17.22
CA ASP B 162 -42.29 -1.85 17.70
C ASP B 162 -43.42 -1.49 16.75
N ILE B 163 -44.35 -2.42 16.54
CA ILE B 163 -45.50 -2.17 15.68
C ILE B 163 -46.46 -1.16 16.31
N VAL B 164 -47.09 -0.32 15.51
CA VAL B 164 -48.16 0.55 16.02
C VAL B 164 -49.51 0.14 15.42
N ASP B 165 -50.42 -0.32 16.29
CA ASP B 165 -51.67 -0.97 15.86
C ASP B 165 -51.64 -1.50 14.43
N ALA B 166 -51.27 -2.78 14.31
CA ALA B 166 -50.94 -3.38 13.01
C ALA B 166 -52.13 -3.52 12.06
N ASP B 167 -53.33 -3.64 12.62
CA ASP B 167 -54.52 -3.90 11.81
C ASP B 167 -54.90 -2.75 10.89
N LYS B 168 -54.34 -1.57 11.14
CA LYS B 168 -54.65 -0.40 10.31
C LYS B 168 -53.38 0.32 9.80
N LEU B 169 -52.27 0.12 10.50
CA LEU B 169 -51.01 0.74 10.13
C LEU B 169 -50.12 -0.28 9.42
N GLY B 170 -50.37 -1.56 9.72
CA GLY B 170 -49.60 -2.64 9.15
C GLY B 170 -48.34 -2.90 9.93
N ARG B 171 -47.28 -3.25 9.22
CA ARG B 171 -45.99 -3.52 9.87
C ARG B 171 -45.05 -2.33 9.77
N VAL B 172 -45.50 -1.21 10.32
CA VAL B 172 -44.65 -0.03 10.46
C VAL B 172 -44.29 0.12 11.93
N GLY B 173 -43.03 0.47 12.18
CA GLY B 173 -42.50 0.48 13.53
C GLY B 173 -41.95 1.81 14.04
N GLU B 174 -42.11 2.02 15.34
CA GLU B 174 -41.54 3.16 16.07
C GLU B 174 -40.41 2.64 16.98
N PRO B 175 -39.18 3.15 16.79
CA PRO B 175 -37.95 2.80 17.50
C PRO B 175 -38.08 2.57 19.00
N ARG B 176 -37.23 1.71 19.53
CA ARG B 176 -37.25 1.35 20.94
C ARG B 176 -35.84 1.41 21.51
N HIS B 177 -34.93 0.58 20.97
CA HIS B 177 -33.53 0.62 21.37
C HIS B 177 -32.65 0.76 20.13
N ILE B 178 -31.44 1.27 20.33
CA ILE B 178 -30.46 1.37 19.25
C ILE B 178 -29.22 0.58 19.66
N HIS B 179 -28.92 -0.48 18.91
CA HIS B 179 -27.74 -1.29 19.16
C HIS B 179 -26.60 -0.73 18.33
N LEU B 180 -25.62 -0.12 19.00
CA LEU B 180 -24.53 0.54 18.31
C LEU B 180 -23.41 -0.43 17.97
N ASP B 181 -23.65 -1.70 18.23
CA ASP B 181 -22.64 -2.72 18.03
C ASP B 181 -22.07 -2.62 16.62
N LEU B 182 -22.93 -2.82 15.61
CA LEU B 182 -22.48 -2.93 14.23
C LEU B 182 -21.83 -1.66 13.76
N VAL B 183 -22.21 -0.55 14.39
CA VAL B 183 -21.72 0.77 14.01
C VAL B 183 -20.34 1.03 14.59
N GLY B 184 -20.26 1.04 15.92
CA GLY B 184 -18.99 1.15 16.62
C GLY B 184 -17.92 0.27 16.00
N SER B 185 -18.33 -0.90 15.52
CA SER B 185 -17.39 -1.83 14.89
C SER B 185 -16.80 -1.27 13.58
N ALA B 186 -17.53 -0.37 12.92
CA ALA B 186 -17.10 0.17 11.63
C ALA B 186 -16.30 1.47 11.82
N ALA B 187 -16.69 2.24 12.82
CA ALA B 187 -15.92 3.39 13.24
C ALA B 187 -14.54 2.94 13.69
N ARG B 188 -14.52 1.97 14.61
CA ARG B 188 -13.29 1.37 15.13
C ARG B 188 -12.49 0.71 14.02
N ALA B 189 -13.19 0.28 12.98
CA ALA B 189 -12.56 -0.32 11.82
C ALA B 189 -12.04 0.78 10.92
N GLY B 190 -12.46 1.99 11.25
CA GLY B 190 -12.09 3.18 10.50
C GLY B 190 -12.91 3.35 9.23
N GLN B 191 -14.20 3.02 9.31
CA GLN B 191 -15.08 3.11 8.15
C GLN B 191 -16.43 3.71 8.50
N ALA B 192 -17.24 3.99 7.48
CA ALA B 192 -18.45 4.77 7.65
C ALA B 192 -19.71 3.94 7.55
N ALA B 193 -20.36 3.65 8.68
CA ALA B 193 -21.61 2.90 8.63
C ALA B 193 -22.58 3.54 7.63
N ILE B 194 -23.28 2.71 6.86
CA ILE B 194 -24.27 3.18 5.90
C ILE B 194 -25.63 2.57 6.22
N LEU B 195 -26.25 3.05 7.28
CA LEU B 195 -27.48 2.45 7.80
C LEU B 195 -28.69 2.70 6.92
N ALA B 196 -29.42 1.63 6.63
CA ALA B 196 -30.68 1.71 5.91
C ALA B 196 -31.81 1.66 6.93
N CYS B 197 -33.00 2.08 6.52
CA CYS B 197 -34.08 2.30 7.49
C CYS B 197 -34.99 1.12 7.83
N LEU B 198 -34.38 -0.04 8.06
CA LEU B 198 -35.16 -1.25 8.33
C LEU B 198 -35.02 -1.69 9.78
N GLY B 199 -36.15 -1.88 10.46
CA GLY B 199 -36.14 -2.26 11.86
C GLY B 199 -36.44 -3.72 12.14
N GLU B 200 -36.83 -3.98 13.39
CA GLU B 200 -37.19 -5.34 13.76
C GLU B 200 -37.89 -5.37 15.11
N THR B 201 -39.13 -5.80 15.08
CA THR B 201 -39.89 -6.09 16.27
C THR B 201 -39.00 -6.93 17.19
N PRO B 202 -39.19 -6.78 18.50
CA PRO B 202 -38.38 -7.50 19.49
C PRO B 202 -38.43 -9.01 19.30
N ASP B 203 -39.40 -9.50 18.52
CA ASP B 203 -39.56 -10.94 18.30
C ASP B 203 -38.94 -11.44 16.98
N GLY B 204 -38.30 -10.55 16.24
CA GLY B 204 -37.57 -10.95 15.04
C GLY B 204 -38.19 -10.48 13.73
N THR B 205 -39.51 -10.32 13.73
CA THR B 205 -40.22 -9.85 12.54
C THR B 205 -39.64 -8.52 12.06
N LEU B 206 -39.26 -8.46 10.79
CA LEU B 206 -38.76 -7.22 10.19
C LEU B 206 -39.87 -6.19 10.20
N VAL B 207 -39.50 -4.93 10.03
CA VAL B 207 -40.49 -3.86 10.14
C VAL B 207 -39.97 -2.53 9.57
N ASN B 208 -40.90 -1.63 9.23
CA ASN B 208 -40.55 -0.36 8.60
C ASN B 208 -40.33 0.77 9.61
N ILE B 209 -39.38 1.66 9.33
CA ILE B 209 -39.06 2.77 10.22
C ILE B 209 -38.95 4.12 9.50
N ASN B 210 -39.92 5.01 9.73
CA ASN B 210 -39.97 6.30 9.04
C ASN B 210 -38.69 7.13 9.10
N ALA B 211 -38.23 7.57 7.93
CA ALA B 211 -36.95 8.26 7.77
C ALA B 211 -36.45 9.09 8.96
N ASP B 212 -37.02 10.29 9.11
CA ASP B 212 -36.48 11.27 10.05
C ASP B 212 -36.74 10.91 11.50
N VAL B 213 -37.61 9.93 11.73
CA VAL B 213 -37.84 9.43 13.09
C VAL B 213 -36.72 8.48 13.52
N ALA B 214 -36.11 7.82 12.55
CA ALA B 214 -34.92 7.01 12.79
C ALA B 214 -33.71 7.92 12.98
N VAL B 215 -33.65 8.99 12.20
CA VAL B 215 -32.63 10.03 12.42
C VAL B 215 -32.74 10.62 13.83
N ARG B 216 -33.96 10.88 14.28
CA ARG B 216 -34.20 11.28 15.66
C ARG B 216 -33.40 10.38 16.60
N ALA B 217 -33.62 9.08 16.47
CA ALA B 217 -32.94 8.07 17.29
C ALA B 217 -31.43 7.96 17.04
N LEU B 218 -30.98 8.23 15.82
CA LEU B 218 -29.54 8.18 15.56
C LEU B 218 -28.85 9.30 16.31
N VAL B 219 -29.36 10.51 16.11
CA VAL B 219 -28.82 11.68 16.77
C VAL B 219 -28.89 11.54 18.28
N HIS B 220 -30.01 11.04 18.79
CA HIS B 220 -30.16 10.95 20.24
C HIS B 220 -29.08 10.10 20.89
N ALA B 221 -28.75 8.98 20.26
CA ALA B 221 -27.86 7.99 20.87
C ALA B 221 -26.38 8.19 20.52
N LEU B 222 -26.11 9.01 19.52
CA LEU B 222 -24.72 9.30 19.18
C LEU B 222 -24.29 10.66 19.73
N GLN B 223 -25.24 11.60 19.81
CA GLN B 223 -24.95 12.99 20.13
C GLN B 223 -23.89 13.57 19.20
N PRO B 224 -24.12 13.47 17.88
CA PRO B 224 -23.06 13.86 16.96
C PRO B 224 -22.70 15.31 17.17
N TYR B 225 -21.47 15.67 16.87
CA TYR B 225 -21.13 17.07 16.80
C TYR B 225 -22.00 17.67 15.71
N LYS B 226 -21.76 17.26 14.47
CA LYS B 226 -22.44 17.78 13.29
C LYS B 226 -23.58 16.87 12.81
N VAL B 227 -24.70 17.46 12.41
CA VAL B 227 -25.74 16.68 11.75
C VAL B 227 -25.92 17.25 10.36
N VAL B 228 -26.33 16.41 9.41
CA VAL B 228 -26.33 16.79 8.01
C VAL B 228 -27.45 16.19 7.19
N PHE B 229 -28.11 17.05 6.44
CA PHE B 229 -29.04 16.60 5.41
C PHE B 229 -28.42 16.94 4.06
N LEU B 230 -28.29 15.93 3.21
CA LEU B 230 -27.77 16.14 1.87
C LEU B 230 -28.90 16.05 0.86
N THR B 231 -28.91 16.99 -0.09
CA THR B 231 -29.92 17.04 -1.14
C THR B 231 -29.37 17.76 -2.36
N GLY B 232 -29.99 17.49 -3.51
CA GLY B 232 -29.63 18.15 -4.75
C GLY B 232 -29.83 19.65 -4.66
N THR B 233 -30.72 20.06 -3.74
CA THR B 233 -30.93 21.47 -3.44
C THR B 233 -29.90 21.93 -2.41
N GLY B 234 -28.95 22.74 -2.86
CA GLY B 234 -27.80 23.12 -2.06
C GLY B 234 -28.10 23.72 -0.68
N GLY B 235 -29.33 23.58 -0.22
CA GLY B 235 -29.68 24.12 1.07
C GLY B 235 -31.07 24.71 1.10
N LEU B 236 -31.21 25.79 1.86
CA LEU B 236 -32.50 26.45 2.03
C LEU B 236 -32.48 27.84 1.40
N LEU B 237 -33.66 28.44 1.27
CA LEU B 237 -33.78 29.72 0.56
C LEU B 237 -34.47 30.82 1.37
N ASP B 238 -33.95 32.04 1.28
CA ASP B 238 -34.57 33.17 1.97
C ASP B 238 -35.80 33.71 1.23
N GLU B 239 -36.24 34.91 1.61
CA GLU B 239 -37.38 35.56 0.97
C GLU B 239 -37.09 35.80 -0.50
N ASP B 240 -35.83 36.10 -0.81
CA ASP B 240 -35.40 36.43 -2.16
C ASP B 240 -35.16 35.19 -3.04
N GLY B 241 -34.79 34.08 -2.43
CA GLY B 241 -34.53 32.87 -3.16
C GLY B 241 -33.05 32.59 -3.33
N ASP B 242 -32.26 33.00 -2.34
CA ASP B 242 -30.84 32.70 -2.30
C ASP B 242 -30.53 31.81 -1.10
N ILE B 243 -29.44 31.06 -1.16
CA ILE B 243 -29.07 30.17 -0.07
C ILE B 243 -28.94 30.93 1.26
N LEU B 244 -29.83 30.63 2.18
CA LEU B 244 -29.86 31.25 3.48
C LEU B 244 -28.74 30.70 4.36
N SER B 245 -27.55 31.29 4.26
CA SER B 245 -26.37 30.77 4.96
C SER B 245 -26.67 30.18 6.33
N SER B 246 -26.99 31.04 7.29
CA SER B 246 -27.12 30.60 8.67
C SER B 246 -28.43 30.98 9.36
N ILE B 247 -28.89 30.10 10.22
CA ILE B 247 -30.06 30.36 11.04
C ILE B 247 -29.68 30.27 12.52
N ASN B 248 -30.13 31.25 13.29
CA ASN B 248 -29.94 31.26 14.72
C ASN B 248 -31.28 30.93 15.34
N LEU B 249 -31.52 29.63 15.53
CA LEU B 249 -32.76 29.16 16.14
C LEU B 249 -33.26 30.06 17.27
N ALA B 250 -32.34 30.47 18.13
CA ALA B 250 -32.65 31.30 19.28
C ALA B 250 -33.39 32.58 18.90
N THR B 251 -32.91 33.22 17.84
CA THR B 251 -33.36 34.56 17.44
C THR B 251 -34.27 34.51 16.20
N ASP B 252 -34.12 33.44 15.43
CA ASP B 252 -34.68 33.42 14.09
C ASP B 252 -35.90 32.52 13.89
N PHE B 253 -36.13 31.61 14.83
CA PHE B 253 -37.15 30.57 14.66
C PHE B 253 -38.57 31.13 14.68
N GLY B 254 -38.92 31.82 15.76
CA GLY B 254 -40.20 32.48 15.87
C GLY B 254 -40.46 33.21 14.57
N ASP B 255 -39.56 34.14 14.24
CA ASP B 255 -39.66 34.95 13.03
C ASP B 255 -39.87 34.12 11.76
N LEU B 256 -39.54 32.83 11.85
CA LEU B 256 -39.64 31.96 10.69
C LEU B 256 -40.91 31.12 10.70
N MET B 257 -41.55 31.07 11.86
CA MET B 257 -42.85 30.43 11.95
C MET B 257 -43.95 31.50 12.04
N GLN B 258 -43.52 32.76 12.18
CA GLN B 258 -44.42 33.90 12.10
C GLN B 258 -44.27 34.55 10.72
N ALA B 259 -43.72 33.78 9.78
CA ALA B 259 -43.38 34.33 8.46
C ALA B 259 -44.42 34.01 7.39
N ASP B 260 -44.15 34.49 6.18
CA ASP B 260 -45.11 34.40 5.08
C ASP B 260 -44.53 33.60 3.91
N TRP B 261 -43.25 33.85 3.61
CA TRP B 261 -42.58 33.16 2.51
C TRP B 261 -42.05 31.78 2.93
N VAL B 262 -42.13 31.50 4.22
CA VAL B 262 -41.82 30.17 4.73
C VAL B 262 -43.04 29.28 4.55
N ASN B 263 -43.15 28.66 3.38
CA ASN B 263 -44.30 27.84 3.05
C ASN B 263 -44.35 26.56 3.89
N GLY B 264 -45.45 25.85 3.82
CA GLY B 264 -45.66 24.64 4.60
C GLY B 264 -44.51 23.66 4.60
N GLY B 265 -43.86 23.50 3.44
CA GLY B 265 -42.73 22.59 3.32
C GLY B 265 -41.60 23.00 4.24
N MET B 266 -41.14 24.23 4.07
CA MET B 266 -40.08 24.77 4.92
C MET B 266 -40.42 24.67 6.42
N ARG B 267 -41.71 24.61 6.74
CA ARG B 267 -42.17 24.57 8.13
C ARG B 267 -41.81 23.27 8.84
N LEU B 268 -42.14 22.13 8.23
CA LEU B 268 -41.78 20.83 8.80
C LEU B 268 -40.30 20.84 9.18
N LYS B 269 -39.46 21.09 8.18
CA LYS B 269 -38.02 21.00 8.33
C LYS B 269 -37.51 21.73 9.57
N LEU B 270 -38.20 22.79 9.96
CA LEU B 270 -37.79 23.58 11.11
C LEU B 270 -38.24 22.96 12.43
N GLU B 271 -39.52 22.61 12.53
CA GLU B 271 -40.02 21.96 13.73
C GLU B 271 -39.12 20.80 14.12
N GLU B 272 -38.72 20.01 13.12
CA GLU B 272 -37.90 18.80 13.32
C GLU B 272 -36.42 19.10 13.52
N ILE B 273 -35.96 20.22 12.97
CA ILE B 273 -34.57 20.61 13.14
C ILE B 273 -34.34 21.22 14.53
N LYS B 274 -35.33 21.91 15.07
CA LYS B 274 -35.22 22.34 16.46
C LYS B 274 -35.30 21.12 17.38
N ARG B 275 -36.07 20.12 16.93
CA ARG B 275 -36.21 18.89 17.69
C ARG B 275 -34.87 18.18 17.83
N LEU B 276 -34.12 18.09 16.74
CA LEU B 276 -32.82 17.45 16.79
C LEU B 276 -31.82 18.20 17.68
N LEU B 277 -31.69 19.50 17.46
CA LEU B 277 -30.71 20.31 18.20
C LEU B 277 -31.01 20.45 19.69
N ASP B 278 -32.29 20.34 20.04
CA ASP B 278 -32.72 20.47 21.43
C ASP B 278 -32.29 19.26 22.25
N ASP B 279 -31.88 18.20 21.56
CA ASP B 279 -31.48 16.96 22.21
C ASP B 279 -29.95 16.88 22.31
N LEU B 280 -29.28 17.53 21.37
CA LEU B 280 -27.82 17.58 21.31
C LEU B 280 -27.29 18.64 22.26
N PRO B 281 -25.96 18.82 22.32
CA PRO B 281 -25.35 19.96 23.01
C PRO B 281 -25.54 21.28 22.25
N LEU B 282 -24.89 22.33 22.72
CA LEU B 282 -24.96 23.64 22.07
C LEU B 282 -24.07 23.67 20.83
N SER B 283 -22.94 22.96 20.92
CA SER B 283 -21.92 22.93 19.88
C SER B 283 -22.35 22.13 18.65
N SER B 284 -23.26 21.20 18.89
CA SER B 284 -23.86 20.43 17.80
C SER B 284 -24.57 21.37 16.84
N SER B 285 -24.61 20.99 15.57
CA SER B 285 -25.10 21.88 14.54
C SER B 285 -25.71 21.08 13.41
N VAL B 286 -26.95 21.41 13.04
CA VAL B 286 -27.49 20.89 11.79
C VAL B 286 -26.74 21.58 10.67
N SER B 287 -27.15 21.33 9.43
CA SER B 287 -26.44 21.82 8.26
C SER B 287 -27.08 21.16 7.06
N ILE B 288 -27.32 21.90 5.99
CA ILE B 288 -27.94 21.30 4.82
C ILE B 288 -27.40 21.86 3.52
N THR B 289 -26.69 21.03 2.75
CA THR B 289 -26.05 21.49 1.51
C THR B 289 -26.10 20.43 0.41
N ARG B 290 -25.09 20.46 -0.46
CA ARG B 290 -24.97 19.55 -1.58
C ARG B 290 -23.57 18.94 -1.60
N PRO B 291 -23.49 17.60 -1.68
CA PRO B 291 -22.23 16.85 -1.63
C PRO B 291 -21.05 17.54 -2.34
N SER B 292 -21.29 18.25 -3.44
CA SER B 292 -20.17 18.91 -4.10
C SER B 292 -19.64 20.02 -3.20
N GLU B 293 -20.53 20.53 -2.35
CA GLU B 293 -20.26 21.68 -1.49
C GLU B 293 -20.08 21.30 -0.04
N LEU B 294 -20.53 20.10 0.33
CA LEU B 294 -20.46 19.62 1.70
C LEU B 294 -19.04 19.72 2.32
N ALA B 295 -18.03 19.72 1.45
CA ALA B 295 -16.65 19.90 1.90
C ALA B 295 -16.47 21.28 2.52
N ARG B 296 -16.65 22.32 1.70
CA ARG B 296 -16.62 23.71 2.16
C ARG B 296 -17.47 23.92 3.41
N GLU B 297 -18.72 23.48 3.34
CA GLU B 297 -19.66 23.62 4.45
C GLU B 297 -19.08 23.16 5.80
N LEU B 298 -18.09 22.29 5.76
CA LEU B 298 -17.59 21.68 6.99
C LEU B 298 -16.29 22.25 7.56
N PHE B 299 -15.31 22.52 6.70
CA PHE B 299 -13.99 22.93 7.17
C PHE B 299 -13.62 24.39 6.88
N THR B 300 -14.65 25.21 6.64
CA THR B 300 -14.48 26.64 6.42
C THR B 300 -15.40 27.40 7.37
N HIS B 301 -15.21 28.73 7.44
CA HIS B 301 -16.08 29.58 8.25
C HIS B 301 -17.27 30.05 7.42
N ALA B 302 -17.00 30.35 6.15
CA ALA B 302 -18.03 30.77 5.23
C ALA B 302 -19.09 29.69 5.08
N GLY B 303 -18.63 28.44 5.01
CA GLY B 303 -19.52 27.34 4.74
C GLY B 303 -20.01 27.42 3.32
N SER B 304 -21.03 26.64 3.00
CA SER B 304 -21.54 26.56 1.66
C SER B 304 -22.91 25.90 1.70
N GLY B 305 -23.84 26.54 2.41
CA GLY B 305 -25.19 26.04 2.52
C GLY B 305 -25.79 26.43 3.86
N THR B 306 -27.08 26.19 4.02
CA THR B 306 -27.75 26.51 5.29
C THR B 306 -27.04 25.88 6.48
N LEU B 307 -26.55 26.71 7.40
CA LEU B 307 -26.11 26.21 8.69
C LEU B 307 -27.25 26.47 9.66
N ILE B 308 -27.37 25.64 10.69
CA ILE B 308 -28.41 25.86 11.70
C ILE B 308 -27.92 25.43 13.06
N ARG B 309 -27.69 26.41 13.93
CA ARG B 309 -27.27 26.11 15.26
C ARG B 309 -28.44 26.44 16.15
N ARG B 310 -28.30 26.14 17.44
CA ARG B 310 -29.31 26.58 18.40
C ARG B 310 -29.01 28.05 18.66
N GLY B 311 -27.73 28.35 18.93
CA GLY B 311 -27.30 29.73 19.01
C GLY B 311 -27.54 30.47 20.32
N GLU B 312 -27.61 31.79 20.25
CA GLU B 312 -27.69 32.62 21.45
C GLU B 312 -28.42 33.94 21.27
N ARG B 313 -28.98 34.44 22.36
CA ARG B 313 -29.83 35.63 22.34
C ARG B 313 -29.04 36.93 22.11
N ILE B 314 -29.59 37.82 21.30
CA ILE B 314 -28.94 39.09 20.98
C ILE B 314 -29.73 40.30 21.48
N VAL B 315 -29.17 40.99 22.48
CA VAL B 315 -29.76 42.22 22.96
C VAL B 315 -29.69 43.30 21.87
N ALA B 316 -30.63 44.24 21.93
CA ALA B 316 -30.68 45.31 20.96
C ALA B 316 -31.07 46.61 21.68
N THR B 317 -30.06 47.40 22.06
CA THR B 317 -30.28 48.57 22.90
C THR B 317 -29.81 49.89 22.29
N ASP B 318 -29.89 50.94 23.10
CA ASP B 318 -29.39 52.26 22.74
C ASP B 318 -28.95 53.05 23.98
N ASP B 319 -28.80 52.35 25.11
CA ASP B 319 -28.15 52.93 26.29
C ASP B 319 -26.71 52.47 26.37
N LYS B 320 -25.80 53.34 25.95
CA LYS B 320 -24.38 53.06 25.99
C LYS B 320 -23.94 52.41 27.30
N SER B 321 -24.81 52.46 28.30
CA SER B 321 -24.47 52.03 29.65
C SER B 321 -24.95 50.63 30.03
N SER B 322 -25.96 50.11 29.33
CA SER B 322 -26.43 48.75 29.59
C SER B 322 -25.50 47.75 28.91
N LEU B 323 -24.29 48.21 28.61
CA LEU B 323 -23.30 47.43 27.89
C LEU B 323 -22.03 47.26 28.71
N ASP B 324 -21.52 46.02 28.78
CA ASP B 324 -20.30 45.73 29.50
C ASP B 324 -19.05 46.19 28.73
N LEU B 325 -18.89 47.50 28.57
CA LEU B 325 -17.70 48.07 27.95
C LEU B 325 -16.45 47.25 28.27
N GLY B 326 -16.43 46.67 29.47
CA GLY B 326 -15.30 45.86 29.89
C GLY B 326 -15.08 44.83 28.82
N ARG B 327 -15.96 43.83 28.80
CA ARG B 327 -15.93 42.72 27.84
C ARG B 327 -15.75 43.17 26.39
N LEU B 328 -16.40 44.28 26.02
CA LEU B 328 -16.32 44.83 24.67
C LEU B 328 -14.92 45.25 24.26
N ASP B 329 -14.27 46.04 25.11
CA ASP B 329 -12.93 46.52 24.80
C ASP B 329 -11.93 45.38 24.59
N ASN B 330 -12.22 44.21 25.17
CA ASN B 330 -11.40 43.02 24.95
C ASN B 330 -11.84 42.26 23.70
N LEU B 331 -13.04 42.58 23.22
CA LEU B 331 -13.56 42.04 21.96
C LEU B 331 -12.92 42.76 20.77
N VAL B 332 -12.96 44.10 20.75
CA VAL B 332 -12.24 44.85 19.73
C VAL B 332 -10.76 44.47 19.80
N LYS B 333 -10.24 44.41 21.02
CA LYS B 333 -8.85 44.05 21.25
C LYS B 333 -8.53 42.71 20.62
N ALA B 334 -9.51 41.80 20.62
CA ALA B 334 -9.33 40.46 20.10
C ALA B 334 -9.54 40.40 18.59
N ALA B 335 -10.64 40.97 18.10
CA ALA B 335 -10.98 40.96 16.68
C ALA B 335 -9.88 41.61 15.82
N PHE B 336 -9.79 42.94 15.90
CA PHE B 336 -8.77 43.73 15.20
C PHE B 336 -7.43 43.56 15.88
N GLY B 337 -6.36 43.92 15.16
CA GLY B 337 -5.02 43.78 15.72
C GLY B 337 -4.86 44.20 17.18
N ARG B 338 -5.34 45.40 17.50
CA ARG B 338 -5.01 46.06 18.76
C ARG B 338 -6.25 46.62 19.46
N PRO B 339 -6.08 47.28 20.62
CA PRO B 339 -7.25 47.77 21.36
C PRO B 339 -7.60 49.22 21.01
N ALA B 340 -8.66 49.77 21.61
CA ALA B 340 -9.06 51.15 21.30
C ALA B 340 -8.22 52.18 22.06
N VAL B 341 -8.33 53.45 21.65
CA VAL B 341 -7.47 54.49 22.21
C VAL B 341 -7.96 55.03 23.57
N GLU B 342 -7.05 55.59 24.36
CA GLU B 342 -7.43 56.19 25.65
C GLU B 342 -8.65 57.09 25.49
N GLY B 343 -9.61 56.94 26.39
CA GLY B 343 -10.83 57.75 26.33
C GLY B 343 -11.54 57.69 25.00
N TYR B 344 -11.80 56.48 24.51
CA TYR B 344 -12.70 56.29 23.40
C TYR B 344 -14.05 55.82 23.92
N TRP B 345 -13.99 54.73 24.68
CA TRP B 345 -15.17 54.16 25.33
C TRP B 345 -15.81 55.11 26.31
N ASP B 346 -15.07 56.14 26.69
CA ASP B 346 -15.64 57.23 27.46
C ASP B 346 -16.54 58.09 26.58
N ARG B 347 -16.04 58.51 25.42
CA ARG B 347 -16.75 59.50 24.63
C ARG B 347 -17.54 58.99 23.41
N LEU B 348 -17.53 57.68 23.16
CA LEU B 348 -18.41 57.12 22.13
C LEU B 348 -19.87 57.46 22.40
N ARG B 349 -20.55 58.04 21.42
CA ARG B 349 -21.96 58.39 21.57
C ARG B 349 -22.85 57.41 20.81
N VAL B 350 -22.98 56.21 21.37
CA VAL B 350 -23.80 55.14 20.82
C VAL B 350 -25.13 55.57 20.19
N ASP B 351 -25.41 55.03 19.03
CA ASP B 351 -26.70 55.20 18.35
C ASP B 351 -27.57 53.97 18.68
N ARG B 352 -27.14 52.81 18.18
CA ARG B 352 -27.76 51.53 18.54
C ARG B 352 -26.68 50.48 18.66
N ALA B 353 -27.00 49.39 19.34
CA ALA B 353 -26.01 48.35 19.58
C ALA B 353 -26.65 46.97 19.62
N PHE B 354 -26.09 46.06 18.82
CA PHE B 354 -26.55 44.69 18.74
C PHE B 354 -25.39 43.87 19.19
N VAL B 355 -25.58 43.18 20.31
CA VAL B 355 -24.53 42.36 20.89
C VAL B 355 -25.08 40.99 21.26
N THR B 356 -24.44 39.96 20.71
CA THR B 356 -24.71 38.58 21.10
C THR B 356 -24.39 38.35 22.59
N GLU B 357 -25.38 37.83 23.32
CA GLU B 357 -25.34 37.75 24.78
C GLU B 357 -24.02 37.30 25.39
N SER B 358 -23.18 36.64 24.60
CA SER B 358 -21.89 36.16 25.04
C SER B 358 -20.81 37.22 24.91
N TYR B 359 -21.19 38.39 24.41
CA TYR B 359 -20.22 39.46 24.13
C TYR B 359 -19.10 38.96 23.24
N ARG B 360 -19.48 38.26 22.18
CA ARG B 360 -18.53 37.66 21.24
C ARG B 360 -18.69 38.16 19.80
N ALA B 361 -19.79 38.85 19.52
CA ALA B 361 -20.01 39.38 18.18
C ALA B 361 -20.87 40.63 18.26
N ALA B 362 -20.25 41.80 18.12
CA ALA B 362 -20.98 43.05 18.34
C ALA B 362 -20.96 43.98 17.13
N ALA B 363 -22.04 44.74 16.99
CA ALA B 363 -22.16 45.75 15.95
C ALA B 363 -22.67 47.05 16.55
N ILE B 364 -21.76 47.97 16.79
CA ILE B 364 -22.10 49.29 17.32
C ILE B 364 -22.01 50.35 16.25
N THR B 365 -23.12 51.05 16.07
CA THR B 365 -23.20 52.16 15.13
C THR B 365 -23.22 53.48 15.88
N THR B 366 -22.39 54.43 15.46
CA THR B 366 -22.51 55.80 15.93
C THR B 366 -23.46 56.55 15.00
N ARG B 367 -23.15 57.83 14.78
CA ARG B 367 -23.95 58.64 13.87
C ARG B 367 -23.02 59.64 13.20
N LEU B 368 -23.16 59.78 11.88
CA LEU B 368 -22.40 60.76 11.11
C LEU B 368 -23.35 61.69 10.35
N ASP B 369 -23.22 63.00 10.59
CA ASP B 369 -24.13 64.03 10.07
C ASP B 369 -25.39 63.45 9.43
N GLY B 370 -26.16 62.71 10.22
CA GLY B 370 -27.41 62.13 9.77
C GLY B 370 -27.27 60.64 9.55
N TRP B 371 -26.24 60.24 8.81
CA TRP B 371 -26.04 58.85 8.41
C TRP B 371 -25.64 57.94 9.57
N VAL B 372 -26.33 56.80 9.66
CA VAL B 372 -25.99 55.73 10.58
C VAL B 372 -24.62 55.20 10.20
N TYR B 373 -23.64 55.41 11.06
CA TYR B 373 -22.28 55.04 10.69
C TYR B 373 -21.76 53.85 11.50
N LEU B 374 -21.49 52.74 10.81
CA LEU B 374 -20.90 51.61 11.51
C LEU B 374 -19.47 51.94 11.99
N ASP B 375 -19.33 52.12 13.30
CA ASP B 375 -18.03 52.44 13.86
C ASP B 375 -17.23 51.20 14.25
N LYS B 376 -17.92 50.19 14.74
CA LYS B 376 -17.28 48.94 15.15
C LYS B 376 -18.04 47.70 14.70
N PHE B 377 -17.33 46.77 14.06
CA PHE B 377 -17.90 45.45 13.80
C PHE B 377 -16.97 44.36 14.26
N ALA B 378 -17.18 43.87 15.47
CA ALA B 378 -16.27 42.88 16.05
C ALA B 378 -16.81 41.44 15.98
N VAL B 379 -16.07 40.56 15.34
CA VAL B 379 -16.36 39.13 15.42
C VAL B 379 -15.11 38.29 15.60
N LEU B 380 -15.17 37.38 16.57
CA LEU B 380 -14.10 36.43 16.81
C LEU B 380 -14.24 35.26 15.82
N ASP B 381 -13.14 34.58 15.52
CA ASP B 381 -13.15 33.48 14.55
C ASP B 381 -14.24 32.46 14.89
N ASP B 382 -14.21 31.97 16.13
CA ASP B 382 -15.25 31.06 16.62
C ASP B 382 -16.63 31.65 16.37
N ALA B 383 -16.91 32.78 17.00
CA ALA B 383 -18.18 33.48 16.82
C ALA B 383 -18.54 33.54 15.34
N ARG B 384 -17.55 33.87 14.52
CA ARG B 384 -17.70 33.91 13.07
C ARG B 384 -17.96 32.50 12.56
N GLY B 385 -17.28 31.53 13.16
CA GLY B 385 -17.42 30.13 12.78
C GLY B 385 -18.61 29.43 13.41
N GLU B 386 -19.65 30.19 13.73
CA GLU B 386 -20.92 29.62 14.21
C GLU B 386 -22.10 30.53 13.89
N GLY B 387 -22.05 31.15 12.72
CA GLY B 387 -23.16 31.92 12.21
C GLY B 387 -23.44 33.28 12.81
N LEU B 388 -22.99 33.51 14.04
CA LEU B 388 -23.29 34.73 14.81
C LEU B 388 -22.99 36.06 14.12
N GLY B 389 -21.78 36.17 13.53
CA GLY B 389 -21.37 37.37 12.80
C GLY B 389 -22.45 37.87 11.87
N ARG B 390 -22.86 37.01 10.95
CA ARG B 390 -24.04 37.28 10.13
C ARG B 390 -25.19 37.80 11.01
N THR B 391 -25.75 36.91 11.83
CA THR B 391 -26.91 37.20 12.68
C THR B 391 -26.92 38.59 13.33
N VAL B 392 -25.75 39.04 13.74
CA VAL B 392 -25.60 40.38 14.31
C VAL B 392 -25.67 41.44 13.22
N TRP B 393 -24.92 41.21 12.15
CA TRP B 393 -24.96 42.08 10.99
C TRP B 393 -26.40 42.20 10.49
N ASN B 394 -27.14 41.08 10.51
CA ASN B 394 -28.50 41.02 9.98
C ASN B 394 -29.51 41.88 10.75
N ARG B 395 -29.16 42.27 11.97
CA ARG B 395 -30.03 43.13 12.74
C ARG B 395 -29.57 44.57 12.55
N LEU B 396 -28.31 44.71 12.14
CA LEU B 396 -27.77 46.01 11.80
C LEU B 396 -28.31 46.48 10.44
N VAL B 397 -28.12 45.69 9.40
CA VAL B 397 -28.61 46.01 8.05
C VAL B 397 -30.10 46.28 8.01
N ASP B 398 -30.83 45.63 8.92
CA ASP B 398 -32.29 45.69 8.89
C ASP B 398 -32.81 46.96 9.55
N TYR B 399 -32.16 47.37 10.63
CA TYR B 399 -32.51 48.58 11.35
C TYR B 399 -31.94 49.82 10.66
N ALA B 400 -30.98 49.60 9.77
CA ALA B 400 -30.38 50.71 9.03
C ALA B 400 -30.08 50.30 7.58
N PRO B 401 -31.06 50.52 6.70
CA PRO B 401 -30.91 50.28 5.25
C PRO B 401 -30.06 51.41 4.69
N GLN B 402 -30.00 52.49 5.46
CA GLN B 402 -29.12 53.60 5.17
C GLN B 402 -27.89 53.45 6.05
N LEU B 403 -26.81 52.93 5.48
CA LEU B 403 -25.64 52.60 6.26
C LEU B 403 -24.34 52.99 5.59
N ILE B 404 -23.51 53.77 6.27
CA ILE B 404 -22.17 54.04 5.79
C ILE B 404 -21.20 53.28 6.70
N TRP B 405 -20.02 52.92 6.18
CA TRP B 405 -18.94 52.45 7.03
C TRP B 405 -17.62 52.44 6.28
N ARG B 406 -16.54 52.14 6.97
CA ARG B 406 -15.24 52.10 6.31
C ARG B 406 -14.40 51.01 6.90
N SER B 407 -13.16 50.91 6.46
CA SER B 407 -12.28 49.82 6.87
C SER B 407 -10.98 49.88 6.10
N ARG B 408 -9.87 49.60 6.77
CA ARG B 408 -8.55 49.61 6.12
C ARG B 408 -8.51 48.84 4.80
N THR B 409 -8.01 49.51 3.76
CA THR B 409 -7.99 48.94 2.42
C THR B 409 -7.43 47.52 2.34
N ASN B 410 -6.58 47.12 3.29
CA ASN B 410 -6.07 45.74 3.26
C ASN B 410 -6.71 44.82 4.28
N ASN B 411 -7.92 45.18 4.72
CA ASN B 411 -8.68 44.31 5.63
C ASN B 411 -9.34 43.10 4.96
N PRO B 412 -8.91 41.88 5.32
CA PRO B 412 -9.44 40.63 4.76
C PRO B 412 -10.97 40.51 4.77
N VAL B 413 -11.59 41.04 5.82
CA VAL B 413 -13.04 41.08 5.88
C VAL B 413 -13.67 42.01 4.84
N ASN B 414 -12.83 42.77 4.14
CA ASN B 414 -13.31 43.60 3.03
C ASN B 414 -14.21 42.82 2.08
N GLY B 415 -13.73 41.67 1.64
CA GLY B 415 -14.51 40.75 0.83
C GLY B 415 -15.95 40.64 1.28
N PHE B 416 -16.19 40.45 2.57
CA PHE B 416 -17.56 40.35 3.08
C PHE B 416 -18.35 41.66 2.94
N TYR B 417 -17.70 42.78 3.17
CA TYR B 417 -18.35 44.07 3.04
C TYR B 417 -18.73 44.30 1.58
N PHE B 418 -17.80 44.01 0.66
CA PHE B 418 -18.12 44.12 -0.77
C PHE B 418 -19.35 43.30 -1.15
N GLU B 419 -19.37 42.03 -0.74
CA GLU B 419 -20.48 41.15 -1.12
C GLU B 419 -21.77 41.77 -0.62
N GLU B 420 -21.66 42.75 0.25
CA GLU B 420 -22.84 43.22 0.99
C GLU B 420 -23.25 44.68 0.72
N CYS B 421 -22.47 45.40 -0.07
CA CYS B 421 -22.68 46.83 -0.23
C CYS B 421 -23.53 47.14 -1.46
N ASP B 422 -23.76 48.44 -1.67
CA ASP B 422 -24.39 48.95 -2.87
C ASP B 422 -23.39 49.83 -3.58
N GLY B 423 -22.25 50.06 -2.94
CA GLY B 423 -21.22 50.88 -3.54
C GLY B 423 -19.99 51.03 -2.65
N ALA B 424 -18.93 51.66 -3.16
CA ALA B 424 -17.68 51.74 -2.43
C ALA B 424 -16.65 52.61 -3.11
N VAL B 425 -15.93 53.39 -2.32
CA VAL B 425 -14.84 54.22 -2.83
C VAL B 425 -13.55 53.75 -2.20
N ARG B 426 -12.41 53.86 -2.88
CA ARG B 426 -11.22 53.13 -2.41
C ARG B 426 -9.93 53.92 -2.47
N ARG B 427 -9.27 54.03 -1.31
CA ARG B 427 -8.02 54.75 -1.20
C ARG B 427 -6.86 53.91 -0.67
N ASP B 428 -5.64 54.31 -1.03
CA ASP B 428 -4.38 53.72 -0.54
C ASP B 428 -4.42 53.07 0.85
N GLU B 429 -5.06 53.72 1.82
CA GLU B 429 -5.09 53.20 3.19
C GLU B 429 -6.50 52.78 3.68
N TRP B 430 -7.51 53.55 3.29
CA TRP B 430 -8.88 53.22 3.67
C TRP B 430 -9.78 52.91 2.48
N THR B 431 -11.06 52.72 2.80
CA THR B 431 -12.06 52.32 1.83
C THR B 431 -13.38 52.52 2.54
N VAL B 432 -14.29 53.24 1.91
CA VAL B 432 -15.60 53.45 2.53
C VAL B 432 -16.66 52.63 1.78
N PHE B 433 -17.74 52.25 2.47
CA PHE B 433 -18.81 51.47 1.84
C PHE B 433 -20.16 52.11 2.07
N TRP B 434 -21.21 51.48 1.54
CA TRP B 434 -22.59 51.88 1.85
C TRP B 434 -23.64 50.91 1.33
N ARG B 435 -24.80 50.92 1.97
CA ARG B 435 -25.98 50.23 1.48
C ARG B 435 -27.04 51.31 1.46
N GLY B 436 -28.21 50.99 0.93
CA GLY B 436 -29.20 52.03 0.67
C GLY B 436 -29.05 52.54 -0.74
N GLU B 437 -30.17 52.80 -1.40
CA GLU B 437 -30.16 53.00 -2.85
C GLU B 437 -29.51 54.30 -3.29
N MET B 438 -28.79 54.95 -2.39
CA MET B 438 -28.09 56.18 -2.74
C MET B 438 -27.15 55.96 -3.92
N GLY B 439 -27.22 56.86 -4.90
CA GLY B 439 -26.22 56.93 -5.94
C GLY B 439 -25.02 57.62 -5.34
N PRO B 440 -24.00 57.88 -6.16
CA PRO B 440 -22.74 58.48 -5.69
C PRO B 440 -22.81 59.99 -5.52
N VAL B 441 -24.00 60.58 -5.70
CA VAL B 441 -24.16 62.03 -5.64
C VAL B 441 -24.61 62.48 -4.26
N GLU B 442 -25.30 61.58 -3.55
CA GLU B 442 -25.88 61.88 -2.25
C GLU B 442 -24.86 61.60 -1.17
N VAL B 443 -24.05 60.59 -1.44
CA VAL B 443 -23.12 60.03 -0.48
C VAL B 443 -21.75 60.63 -0.68
N ALA B 444 -21.64 61.53 -1.65
CA ALA B 444 -20.35 62.08 -2.03
C ALA B 444 -19.71 62.72 -0.81
N ASP B 445 -20.56 63.25 0.06
CA ASP B 445 -20.13 64.08 1.17
C ASP B 445 -19.61 63.24 2.32
N VAL B 446 -20.52 62.50 2.94
CA VAL B 446 -20.19 61.69 4.11
C VAL B 446 -18.89 60.92 3.89
N VAL B 447 -18.83 60.18 2.80
CA VAL B 447 -17.64 59.40 2.43
C VAL B 447 -16.35 60.17 2.65
N GLU B 448 -16.33 61.43 2.21
CA GLU B 448 -15.13 62.25 2.29
C GLU B 448 -14.79 62.54 3.74
N LYS B 449 -15.84 62.79 4.52
CA LYS B 449 -15.71 63.06 5.95
C LYS B 449 -15.21 61.81 6.65
N ALA B 450 -15.68 60.65 6.17
CA ALA B 450 -15.33 59.35 6.75
C ALA B 450 -13.89 58.96 6.43
N PHE B 451 -13.38 59.43 5.31
CA PHE B 451 -12.00 59.16 4.97
C PHE B 451 -11.11 59.91 5.93
N ALA B 452 -11.60 61.07 6.40
CA ALA B 452 -10.83 61.99 7.25
C ALA B 452 -11.29 62.03 8.72
N LEU B 453 -12.07 61.04 9.12
CA LEU B 453 -12.26 60.75 10.53
C LEU B 453 -10.93 60.22 11.05
N PRO B 454 -10.68 60.34 12.37
CA PRO B 454 -9.43 59.88 13.00
C PRO B 454 -9.41 58.42 13.51
N PRO B 455 -8.23 57.80 13.50
CA PRO B 455 -8.00 56.44 13.98
C PRO B 455 -8.48 56.27 15.42
N THR B 456 -9.29 55.25 15.68
CA THR B 456 -9.73 54.95 17.05
C THR B 456 -9.14 53.60 17.54
N LEU B 457 -8.14 53.11 16.83
CA LEU B 457 -7.39 51.93 17.26
C LEU B 457 -5.89 52.23 17.23
N GLU B 458 -5.25 52.09 18.38
CA GLU B 458 -3.83 52.42 18.50
C GLU B 458 -2.96 51.68 17.48
N ALA B 459 -1.73 52.16 17.31
CA ALA B 459 -0.77 51.57 16.40
C ALA B 459 -0.03 50.39 17.06
N ALA C 25 6.96 1.37 4.65
CA ALA C 25 7.61 1.43 5.96
C ALA C 25 6.80 0.72 7.06
N PRO C 26 5.48 1.00 7.13
CA PRO C 26 4.63 0.38 8.16
C PRO C 26 4.19 -1.06 7.82
N GLY C 27 3.39 -1.19 6.77
CA GLY C 27 2.77 -2.45 6.41
C GLY C 27 3.71 -3.61 6.10
N VAL C 28 4.86 -3.31 5.48
CA VAL C 28 5.79 -4.36 5.10
C VAL C 28 6.31 -5.14 6.33
N ARG C 29 7.29 -4.56 7.03
CA ARG C 29 7.99 -5.19 8.16
C ARG C 29 7.07 -6.04 9.02
N GLN C 30 5.86 -5.54 9.26
CA GLN C 30 4.88 -6.22 10.09
C GLN C 30 4.17 -7.39 9.41
N THR C 31 3.54 -7.13 8.26
CA THR C 31 2.79 -8.17 7.55
C THR C 31 3.72 -9.16 6.85
N ILE C 32 4.77 -9.55 7.55
CA ILE C 32 5.58 -10.70 7.19
C ILE C 32 5.86 -11.41 8.51
N VAL C 33 5.82 -10.69 9.62
CA VAL C 33 5.74 -11.38 10.91
C VAL C 33 4.49 -12.27 10.81
N GLN C 34 3.32 -11.69 11.06
CA GLN C 34 2.06 -12.45 10.96
C GLN C 34 1.76 -12.89 9.50
N LEU C 35 2.82 -13.35 8.83
CA LEU C 35 2.74 -14.02 7.52
C LEU C 35 3.56 -15.29 7.64
N LEU C 36 4.81 -15.26 7.17
CA LEU C 36 5.78 -16.32 7.40
C LEU C 36 5.85 -16.83 8.86
N SER C 37 4.70 -16.84 9.54
CA SER C 37 4.58 -17.51 10.83
C SER C 37 3.50 -18.57 10.68
N HIS C 38 2.99 -18.65 9.46
CA HIS C 38 2.03 -19.66 9.02
C HIS C 38 2.60 -20.41 7.82
N MET C 39 3.75 -19.94 7.34
CA MET C 39 4.49 -20.57 6.26
C MET C 39 5.36 -21.70 6.81
N ARG C 40 5.84 -22.55 5.90
CA ARG C 40 6.48 -23.80 6.31
C ARG C 40 7.98 -23.65 6.58
N ASP C 41 8.62 -22.76 5.86
CA ASP C 41 10.03 -22.47 6.10
C ASP C 41 10.12 -21.31 7.07
N GLY C 42 9.04 -21.07 7.79
CA GLY C 42 8.79 -19.77 8.40
C GLY C 42 9.53 -19.48 9.68
N LYS C 43 9.46 -20.40 10.63
CA LYS C 43 10.15 -20.27 11.91
C LYS C 43 11.65 -20.33 11.66
N GLU C 44 12.04 -21.09 10.65
CA GLU C 44 13.45 -21.31 10.41
C GLU C 44 14.09 -20.07 9.80
N ILE C 45 13.24 -19.23 9.22
CA ILE C 45 13.68 -17.98 8.59
C ILE C 45 13.84 -16.89 9.64
N ARG C 46 12.76 -16.60 10.39
CA ARG C 46 12.78 -15.61 11.46
C ARG C 46 14.05 -15.76 12.29
N GLU C 47 14.46 -17.01 12.47
CA GLU C 47 15.58 -17.30 13.33
C GLU C 47 16.96 -17.00 12.70
N TYR C 48 17.17 -17.18 11.40
CA TYR C 48 18.45 -16.69 10.91
C TYR C 48 18.48 -15.17 11.04
N LEU C 49 17.45 -14.53 10.53
CA LEU C 49 17.29 -13.08 10.60
C LEU C 49 17.73 -12.52 11.93
N HIS C 50 17.01 -12.90 12.98
CA HIS C 50 17.33 -12.51 14.35
C HIS C 50 18.80 -12.71 14.74
N ARG C 51 19.26 -13.94 14.70
CA ARG C 51 20.65 -14.24 14.98
C ARG C 51 21.63 -13.61 13.96
N PHE C 52 21.16 -13.34 12.74
CA PHE C 52 21.97 -12.73 11.69
C PHE C 52 21.99 -11.24 12.00
N SER C 53 21.40 -10.87 13.13
CA SER C 53 21.57 -9.52 13.66
C SER C 53 22.94 -9.39 14.36
N GLY C 54 23.97 -9.57 13.53
CA GLY C 54 25.26 -8.94 13.65
C GLY C 54 25.17 -7.81 12.62
N ILE C 55 24.15 -6.98 12.79
CA ILE C 55 23.86 -5.88 11.88
C ILE C 55 25.13 -5.13 11.52
N ASP C 56 25.61 -4.35 12.49
CA ASP C 56 26.66 -3.33 12.32
C ASP C 56 26.65 -2.66 10.94
N GLN C 57 25.59 -1.92 10.66
CA GLN C 57 25.42 -1.26 9.38
C GLN C 57 25.26 -2.35 8.30
N GLU C 58 26.27 -2.42 7.42
CA GLU C 58 26.24 -3.28 6.25
C GLU C 58 27.04 -4.57 6.38
N ARG C 59 27.36 -4.97 7.61
CA ARG C 59 28.12 -6.20 7.88
C ARG C 59 27.28 -7.41 7.54
N PHE C 60 26.24 -7.19 6.75
CA PHE C 60 25.25 -8.22 6.52
C PHE C 60 25.74 -9.29 5.55
N ALA C 61 26.04 -8.90 4.31
CA ALA C 61 26.23 -9.91 3.25
C ALA C 61 26.73 -9.33 1.92
N VAL C 62 27.97 -9.65 1.56
CA VAL C 62 28.51 -9.27 0.25
C VAL C 62 28.17 -10.29 -0.81
N ILE C 63 27.77 -9.82 -1.98
CA ILE C 63 27.30 -10.70 -3.05
C ILE C 63 27.89 -10.36 -4.42
N LYS C 64 28.82 -11.19 -4.88
CA LYS C 64 29.36 -11.04 -6.22
C LYS C 64 28.34 -11.70 -7.13
N VAL C 65 28.23 -11.23 -8.36
CA VAL C 65 27.27 -11.80 -9.29
C VAL C 65 27.84 -11.73 -10.69
N GLY C 66 27.86 -12.87 -11.38
CA GLY C 66 28.43 -12.96 -12.71
C GLY C 66 27.79 -11.95 -13.66
N GLY C 67 28.53 -11.51 -14.67
CA GLY C 67 27.99 -10.59 -15.65
C GLY C 67 26.99 -11.33 -16.53
N ALA C 68 27.27 -12.62 -16.73
CA ALA C 68 26.41 -13.47 -17.52
C ALA C 68 25.14 -13.84 -16.74
N VAL C 69 24.89 -13.15 -15.65
CA VAL C 69 23.65 -13.33 -14.91
C VAL C 69 22.79 -12.10 -15.07
N ILE C 70 23.41 -10.94 -14.88
CA ILE C 70 22.73 -9.67 -15.09
C ILE C 70 22.19 -9.61 -16.51
N GLN C 71 22.78 -10.43 -17.38
CA GLN C 71 22.36 -10.49 -18.78
C GLN C 71 21.27 -11.53 -18.97
N ASP C 72 21.64 -12.80 -18.85
CA ASP C 72 20.76 -13.93 -19.16
C ASP C 72 19.59 -14.18 -18.20
N ASP C 73 19.62 -13.54 -17.02
CA ASP C 73 18.48 -13.66 -16.11
C ASP C 73 18.51 -12.56 -15.06
N LEU C 74 18.04 -11.39 -15.43
CA LEU C 74 17.98 -10.25 -14.54
C LEU C 74 16.80 -10.36 -13.59
N PRO C 75 15.59 -10.54 -14.12
CA PRO C 75 14.39 -10.47 -13.28
C PRO C 75 14.42 -11.44 -12.12
N GLY C 76 15.33 -12.41 -12.17
CA GLY C 76 15.43 -13.42 -11.15
C GLY C 76 16.40 -12.96 -10.11
N LEU C 77 17.64 -12.74 -10.53
CA LEU C 77 18.64 -12.05 -9.73
C LEU C 77 18.04 -10.90 -8.96
N ALA C 78 17.11 -10.19 -9.61
CA ALA C 78 16.54 -8.96 -9.06
C ALA C 78 15.43 -9.25 -8.07
N SER C 79 14.61 -10.25 -8.38
CA SER C 79 13.62 -10.75 -7.42
C SER C 79 14.32 -11.33 -6.20
N ALA C 80 15.37 -12.11 -6.45
CA ALA C 80 16.18 -12.70 -5.38
C ALA C 80 16.66 -11.69 -4.34
N LEU C 81 17.44 -10.72 -4.79
CA LEU C 81 17.94 -9.68 -3.92
C LEU C 81 16.83 -8.79 -3.32
N ALA C 82 15.69 -8.68 -3.97
CA ALA C 82 14.61 -7.87 -3.39
C ALA C 82 14.05 -8.56 -2.16
N PHE C 83 13.91 -9.88 -2.25
CA PHE C 83 13.41 -10.69 -1.15
C PHE C 83 14.30 -10.52 0.09
N LEU C 84 15.62 -10.72 -0.07
CA LEU C 84 16.57 -10.52 1.02
C LEU C 84 16.29 -9.22 1.77
N GLN C 85 16.22 -8.13 1.00
CA GLN C 85 16.04 -6.82 1.59
C GLN C 85 14.63 -6.63 2.20
N THR C 86 13.60 -7.24 1.64
CA THR C 86 12.29 -7.05 2.23
C THR C 86 12.03 -8.08 3.32
N VAL C 87 13.06 -8.86 3.63
CA VAL C 87 12.97 -9.90 4.64
C VAL C 87 13.72 -9.46 5.87
N GLY C 88 14.80 -8.70 5.65
CA GLY C 88 15.46 -7.98 6.71
C GLY C 88 16.84 -7.49 6.31
N LEU C 89 17.51 -8.24 5.42
CA LEU C 89 18.93 -8.02 5.16
C LEU C 89 19.27 -6.81 4.28
N THR C 90 20.55 -6.50 4.21
CA THR C 90 21.02 -5.38 3.43
C THR C 90 22.19 -5.86 2.61
N PRO C 91 21.91 -6.44 1.44
CA PRO C 91 22.99 -6.99 0.60
C PRO C 91 23.94 -5.89 0.11
N VAL C 92 25.16 -6.26 -0.23
CA VAL C 92 26.09 -5.31 -0.83
C VAL C 92 26.59 -5.93 -2.14
N VAL C 93 25.78 -5.79 -3.19
CA VAL C 93 26.06 -6.41 -4.48
C VAL C 93 27.27 -5.81 -5.21
N VAL C 94 28.09 -6.68 -5.80
CA VAL C 94 29.17 -6.25 -6.70
C VAL C 94 29.04 -6.96 -8.03
N HIS C 95 29.32 -6.26 -9.14
CA HIS C 95 29.04 -6.83 -10.45
C HIS C 95 30.12 -6.54 -11.49
N GLY C 96 30.31 -7.49 -12.41
CA GLY C 96 31.26 -7.37 -13.49
C GLY C 96 30.56 -7.02 -14.79
N GLY C 97 31.21 -7.29 -15.91
CA GLY C 97 30.63 -6.96 -17.20
C GLY C 97 30.79 -8.02 -18.27
N GLY C 98 31.39 -9.14 -17.89
CA GLY C 98 31.66 -10.25 -18.78
C GLY C 98 31.05 -10.16 -20.16
N PRO C 99 30.17 -11.12 -20.50
CA PRO C 99 29.46 -11.06 -21.77
C PRO C 99 29.17 -9.64 -22.27
N GLN C 100 28.42 -8.86 -21.51
CA GLN C 100 27.98 -7.54 -21.99
C GLN C 100 29.08 -6.63 -22.51
N LEU C 101 30.31 -6.77 -22.02
CA LEU C 101 31.41 -5.94 -22.54
C LEU C 101 32.60 -6.73 -23.09
N ASP C 102 32.89 -7.89 -22.47
CA ASP C 102 33.94 -8.80 -22.95
C ASP C 102 33.52 -9.23 -24.36
N ALA C 103 32.24 -9.01 -24.65
CA ALA C 103 31.71 -9.14 -25.99
C ALA C 103 31.26 -7.78 -26.49
N ALA C 104 29.99 -7.73 -26.90
CA ALA C 104 29.32 -6.53 -27.40
C ALA C 104 30.20 -5.30 -27.65
N LEU C 105 30.14 -4.34 -26.74
CA LEU C 105 30.55 -2.96 -27.03
C LEU C 105 32.04 -2.72 -27.27
N GLU C 106 32.81 -3.79 -27.44
CA GLU C 106 34.24 -3.66 -27.75
C GLU C 106 34.63 -4.33 -29.06
N ALA C 107 34.02 -5.47 -29.35
CA ALA C 107 34.13 -6.06 -30.68
C ALA C 107 33.34 -5.15 -31.62
N ALA C 108 32.52 -4.29 -31.02
CA ALA C 108 31.68 -3.34 -31.75
C ALA C 108 32.45 -2.08 -32.13
N ASP C 109 32.56 -1.12 -31.20
CA ASP C 109 33.31 0.10 -31.45
C ASP C 109 34.81 -0.19 -31.59
N ILE C 110 35.07 -1.41 -32.06
CA ILE C 110 36.37 -1.91 -32.56
C ILE C 110 37.70 -1.55 -31.86
N PRO C 111 37.75 -1.64 -30.52
CA PRO C 111 39.08 -1.46 -29.92
C PRO C 111 39.82 -2.78 -29.73
N THR C 112 39.13 -3.90 -29.86
CA THR C 112 39.71 -5.22 -29.62
C THR C 112 40.09 -5.40 -28.14
N GLU C 113 40.51 -6.61 -27.79
CA GLU C 113 40.82 -6.95 -26.40
C GLU C 113 42.24 -7.49 -26.28
N ARG C 114 43.03 -6.89 -25.40
CA ARG C 114 44.43 -7.28 -25.23
C ARG C 114 44.67 -8.00 -23.90
N VAL C 115 44.96 -9.30 -23.97
CA VAL C 115 45.20 -10.13 -22.80
C VAL C 115 46.69 -10.44 -22.62
N ASP C 116 47.31 -9.79 -21.63
CA ASP C 116 48.70 -10.05 -21.27
C ASP C 116 48.78 -11.14 -20.21
N GLY C 117 48.98 -10.74 -18.97
CA GLY C 117 48.74 -11.63 -17.85
C GLY C 117 47.32 -12.13 -18.09
N LEU C 118 46.35 -11.28 -17.73
CA LEU C 118 44.95 -11.51 -18.11
C LEU C 118 44.09 -10.24 -18.10
N ARG C 119 44.17 -9.50 -19.21
CA ARG C 119 43.28 -8.36 -19.50
C ARG C 119 43.95 -7.01 -19.28
N VAL C 120 44.33 -6.35 -20.38
CA VAL C 120 44.79 -4.96 -20.33
C VAL C 120 43.70 -4.05 -20.90
N THR C 121 43.90 -2.73 -20.85
CA THR C 121 42.85 -1.81 -21.26
C THR C 121 43.34 -0.41 -21.59
N ARG C 122 43.81 -0.19 -22.82
CA ARG C 122 44.32 1.13 -23.21
C ARG C 122 43.25 2.22 -23.08
N ASP C 123 43.70 3.48 -23.14
CA ASP C 123 42.85 4.66 -22.97
C ASP C 123 41.53 4.58 -23.72
N GLU C 124 41.61 4.18 -24.98
CA GLU C 124 40.43 4.10 -25.84
C GLU C 124 39.38 3.12 -25.33
N ALA C 125 39.80 2.16 -24.51
CA ALA C 125 38.87 1.15 -24.03
C ALA C 125 38.02 1.66 -22.87
N ILE C 126 38.50 2.70 -22.19
CA ILE C 126 37.85 3.16 -20.96
C ILE C 126 36.41 3.62 -21.12
N PRO C 127 36.16 4.63 -21.97
CA PRO C 127 34.76 5.06 -22.09
C PRO C 127 33.80 3.90 -22.41
N ILE C 128 34.30 2.82 -22.98
CA ILE C 128 33.42 1.69 -23.25
C ILE C 128 33.04 1.03 -21.92
N ILE C 129 34.04 0.79 -21.07
CA ILE C 129 33.81 0.19 -19.77
C ILE C 129 32.93 1.08 -18.92
N ARG C 130 33.40 2.27 -18.59
CA ARG C 130 32.55 3.25 -17.92
C ARG C 130 31.10 3.16 -18.41
N ASP C 131 30.90 3.34 -19.72
CA ASP C 131 29.56 3.31 -20.32
C ASP C 131 28.74 2.09 -19.86
N THR C 132 29.30 0.90 -20.05
CA THR C 132 28.57 -0.38 -19.92
C THR C 132 28.29 -0.76 -18.47
N LEU C 133 29.21 -0.43 -17.58
CA LEU C 133 29.07 -0.83 -16.18
C LEU C 133 27.98 -0.01 -15.50
N THR C 134 27.98 1.28 -15.77
CA THR C 134 26.93 2.13 -15.27
C THR C 134 25.56 1.76 -15.87
N GLN C 135 25.57 1.06 -17.01
CA GLN C 135 24.34 0.54 -17.63
C GLN C 135 23.73 -0.63 -16.85
N ALA C 136 24.53 -1.69 -16.71
CA ALA C 136 24.13 -2.91 -16.01
C ALA C 136 23.81 -2.59 -14.56
N ASN C 137 24.67 -1.77 -14.00
CA ASN C 137 24.42 -1.19 -12.71
C ASN C 137 22.98 -0.72 -12.68
N LEU C 138 22.70 0.31 -13.46
CA LEU C 138 21.39 0.91 -13.43
C LEU C 138 20.31 -0.07 -13.79
N ALA C 139 20.64 -0.93 -14.75
CA ALA C 139 19.72 -1.98 -15.18
C ALA C 139 19.24 -2.73 -13.96
N LEU C 140 20.19 -3.03 -13.09
CA LEU C 140 19.95 -3.84 -11.90
C LEU C 140 19.21 -3.07 -10.81
N VAL C 141 19.76 -1.93 -10.41
CA VAL C 141 19.07 -1.04 -9.49
C VAL C 141 17.58 -0.87 -9.85
N ASP C 142 17.28 -0.48 -11.07
CA ASP C 142 15.89 -0.30 -11.47
C ASP C 142 15.11 -1.62 -11.41
N ALA C 143 15.72 -2.70 -11.89
CA ALA C 143 15.09 -4.03 -11.91
C ALA C 143 14.63 -4.50 -10.51
N ILE C 144 15.52 -4.43 -9.54
CA ILE C 144 15.17 -4.67 -8.14
C ILE C 144 13.92 -3.91 -7.69
N ARG C 145 13.92 -2.60 -7.84
CA ARG C 145 12.76 -1.82 -7.46
C ARG C 145 11.56 -2.36 -8.21
N ASP C 146 11.70 -2.51 -9.52
CA ASP C 146 10.62 -3.05 -10.33
C ASP C 146 10.07 -4.28 -9.62
N ALA C 147 10.98 -5.05 -9.04
CA ALA C 147 10.65 -6.33 -8.44
C ALA C 147 10.30 -6.25 -6.94
N GLY C 148 10.02 -5.05 -6.44
CA GLY C 148 9.49 -4.89 -5.10
C GLY C 148 10.54 -4.40 -4.12
N GLY C 149 11.76 -4.25 -4.60
CA GLY C 149 12.88 -3.99 -3.71
C GLY C 149 13.15 -2.54 -3.45
N ARG C 150 14.23 -2.29 -2.71
CA ARG C 150 14.78 -0.97 -2.54
C ARG C 150 16.27 -1.15 -2.80
N ALA C 151 16.81 -0.38 -3.73
CA ALA C 151 18.23 -0.48 -4.05
C ALA C 151 18.83 0.90 -4.30
N ALA C 152 20.14 0.93 -4.46
CA ALA C 152 20.86 2.18 -4.60
C ALA C 152 22.02 1.98 -5.57
N ALA C 153 22.11 2.87 -6.55
CA ALA C 153 23.15 2.78 -7.56
C ALA C 153 24.48 3.39 -7.10
N VAL C 154 25.51 2.57 -6.96
CA VAL C 154 26.82 3.05 -6.56
C VAL C 154 27.87 2.63 -7.61
N PRO C 155 27.84 3.31 -8.77
CA PRO C 155 28.67 2.97 -9.93
C PRO C 155 30.11 3.43 -9.78
N ARG C 156 30.34 4.49 -9.00
CA ARG C 156 31.69 4.97 -8.74
C ARG C 156 31.75 5.50 -7.32
N GLY C 157 32.95 5.62 -6.77
CA GLY C 157 33.14 6.31 -5.51
C GLY C 157 33.57 5.46 -4.33
N VAL C 158 33.47 4.13 -4.47
CA VAL C 158 33.89 3.24 -3.40
C VAL C 158 35.36 2.86 -3.56
N PHE C 159 35.68 2.26 -4.69
CA PHE C 159 37.03 1.76 -4.93
C PHE C 159 38.07 2.84 -5.27
N GLU C 160 38.94 3.15 -4.31
CA GLU C 160 40.08 4.03 -4.55
C GLU C 160 41.29 3.16 -4.83
N ALA C 161 41.84 3.24 -6.04
CA ALA C 161 42.91 2.33 -6.46
C ALA C 161 44.12 3.01 -7.10
N ASP C 162 45.29 2.37 -6.98
CA ASP C 162 46.51 2.83 -7.64
C ASP C 162 46.67 2.13 -8.99
N ILE C 163 47.26 2.84 -9.94
CA ILE C 163 47.49 2.28 -11.28
C ILE C 163 48.86 1.62 -11.32
N VAL C 164 48.88 0.29 -11.21
CA VAL C 164 50.14 -0.45 -11.01
C VAL C 164 50.60 -1.23 -12.24
N ASP C 165 51.20 -0.53 -13.20
CA ASP C 165 51.65 -1.12 -14.45
C ASP C 165 51.90 -0.03 -15.48
N ALA C 166 50.85 0.74 -15.76
CA ALA C 166 50.87 1.87 -16.69
C ALA C 166 51.32 1.48 -18.10
N ASP C 167 52.62 1.25 -18.25
CA ASP C 167 53.23 0.90 -19.53
C ASP C 167 52.86 -0.50 -20.03
N LYS C 168 52.31 -1.31 -19.13
CA LYS C 168 51.91 -2.66 -19.50
C LYS C 168 50.39 -2.77 -19.65
N LEU C 169 49.71 -3.07 -18.56
CA LEU C 169 48.26 -3.31 -18.58
C LEU C 169 47.47 -2.07 -18.96
N GLY C 170 48.17 -0.98 -19.22
CA GLY C 170 47.56 0.26 -19.65
C GLY C 170 46.88 1.06 -18.55
N ARG C 171 45.67 0.63 -18.16
CA ARG C 171 44.83 1.41 -17.27
C ARG C 171 44.04 0.53 -16.29
N VAL C 172 44.74 -0.38 -15.61
CA VAL C 172 44.13 -1.24 -14.59
C VAL C 172 44.77 -0.97 -13.22
N GLY C 173 43.96 -1.06 -12.15
CA GLY C 173 44.43 -0.68 -10.83
C GLY C 173 44.01 -1.57 -9.66
N GLU C 174 44.66 -1.36 -8.51
CA GLU C 174 44.47 -2.19 -7.33
C GLU C 174 43.93 -1.39 -6.15
N PRO C 175 42.83 -1.86 -5.52
CA PRO C 175 42.11 -1.23 -4.40
C PRO C 175 42.96 -0.90 -3.15
N ARG C 176 43.36 0.37 -3.05
CA ARG C 176 44.23 0.85 -1.98
C ARG C 176 43.45 1.65 -0.92
N HIS C 177 42.19 1.29 -0.70
CA HIS C 177 41.36 1.87 0.37
C HIS C 177 39.88 1.76 0.02
N ILE C 178 39.06 1.28 0.95
CA ILE C 178 37.63 1.17 0.69
C ILE C 178 36.77 2.26 1.31
N HIS C 179 35.97 2.90 0.48
CA HIS C 179 35.13 4.00 0.92
C HIS C 179 33.69 3.56 1.14
N LEU C 180 33.33 3.31 2.40
CA LEU C 180 32.02 2.76 2.72
C LEU C 180 30.95 3.84 2.89
N ASP C 181 31.37 5.10 2.87
CA ASP C 181 30.48 6.25 2.98
C ASP C 181 29.15 6.03 2.27
N LEU C 182 29.22 5.96 0.94
CA LEU C 182 28.06 5.70 0.06
C LEU C 182 27.31 4.39 0.36
N VAL C 183 28.04 3.34 0.66
CA VAL C 183 27.44 2.08 1.04
C VAL C 183 26.70 2.29 2.34
N GLY C 184 27.39 2.89 3.31
CA GLY C 184 26.84 3.18 4.61
C GLY C 184 25.47 3.80 4.52
N SER C 185 25.30 4.76 3.61
CA SER C 185 24.04 5.44 3.38
C SER C 185 22.95 4.42 3.06
N ALA C 186 23.03 3.83 1.87
CA ALA C 186 22.09 2.81 1.46
C ALA C 186 21.64 1.92 2.63
N ALA C 187 22.61 1.41 3.36
CA ALA C 187 22.32 0.55 4.50
C ALA C 187 21.27 1.14 5.44
N ARG C 188 21.48 2.39 5.87
CA ARG C 188 20.59 3.05 6.82
C ARG C 188 19.30 3.43 6.13
N ALA C 189 19.31 3.39 4.80
CA ALA C 189 18.19 3.82 3.97
C ALA C 189 17.29 2.66 3.66
N GLY C 190 17.77 1.47 4.05
CA GLY C 190 17.09 0.22 3.82
C GLY C 190 17.30 -0.29 2.41
N GLN C 191 18.28 0.30 1.72
CA GLN C 191 18.54 -0.05 0.33
C GLN C 191 19.69 -1.03 0.20
N ALA C 192 19.69 -1.77 -0.90
CA ALA C 192 20.80 -2.62 -1.24
C ALA C 192 21.81 -1.75 -1.98
N ALA C 193 23.08 -1.88 -1.64
CA ALA C 193 24.11 -1.18 -2.40
C ALA C 193 24.50 -1.98 -3.63
N ILE C 194 24.46 -1.35 -4.81
CA ILE C 194 24.82 -2.05 -6.04
C ILE C 194 26.06 -1.45 -6.67
N LEU C 195 27.21 -2.07 -6.45
CA LEU C 195 28.49 -1.45 -6.79
C LEU C 195 29.13 -2.06 -8.01
N ALA C 196 29.61 -1.20 -8.91
CA ALA C 196 30.31 -1.64 -10.10
C ALA C 196 31.81 -1.62 -9.86
N CYS C 197 32.57 -2.23 -10.75
CA CYS C 197 34.00 -2.40 -10.53
C CYS C 197 34.87 -1.30 -11.14
N LEU C 198 34.43 -0.06 -11.01
CA LEU C 198 35.26 1.07 -11.42
C LEU C 198 35.81 1.78 -10.18
N GLY C 199 37.04 2.25 -10.28
CA GLY C 199 37.64 2.99 -9.20
C GLY C 199 38.40 4.18 -9.74
N GLU C 200 38.37 5.28 -8.99
CA GLU C 200 39.22 6.41 -9.30
C GLU C 200 40.61 6.10 -8.82
N THR C 201 41.52 7.05 -9.01
CA THR C 201 42.82 6.99 -8.35
C THR C 201 42.88 8.16 -7.36
N PRO C 202 43.92 8.23 -6.51
CA PRO C 202 43.98 9.33 -5.56
C PRO C 202 43.98 10.69 -6.26
N ASP C 203 43.99 10.68 -7.59
CA ASP C 203 43.95 11.92 -8.36
C ASP C 203 42.66 12.06 -9.20
N GLY C 204 41.74 11.11 -9.03
CA GLY C 204 40.44 11.18 -9.68
C GLY C 204 40.35 10.56 -11.08
N THR C 205 41.43 9.91 -11.49
CA THR C 205 41.47 9.25 -12.80
C THR C 205 40.77 7.88 -12.80
N LEU C 206 40.03 7.58 -13.87
CA LEU C 206 39.26 6.33 -13.97
C LEU C 206 40.15 5.14 -14.28
N VAL C 207 39.69 3.96 -13.87
CA VAL C 207 40.47 2.73 -14.06
C VAL C 207 39.69 1.45 -13.76
N ASN C 208 40.00 0.39 -14.50
CA ASN C 208 39.31 -0.88 -14.37
C ASN C 208 39.84 -1.67 -13.17
N ILE C 209 39.01 -2.55 -12.62
CA ILE C 209 39.36 -3.36 -11.45
C ILE C 209 38.74 -4.74 -11.52
N ASN C 210 39.49 -5.76 -11.96
CA ASN C 210 38.89 -7.09 -12.08
C ASN C 210 38.20 -7.45 -10.76
N ALA C 211 37.05 -8.11 -10.83
CA ALA C 211 36.20 -8.30 -9.63
C ALA C 211 36.76 -9.26 -8.58
N ASP C 212 37.72 -10.09 -8.96
CA ASP C 212 38.37 -11.01 -8.03
C ASP C 212 39.03 -10.21 -6.92
N VAL C 213 39.93 -9.31 -7.29
CA VAL C 213 40.64 -8.47 -6.33
C VAL C 213 39.67 -7.55 -5.59
N ALA C 214 38.61 -7.15 -6.27
CA ALA C 214 37.69 -6.14 -5.75
C ALA C 214 36.69 -6.70 -4.73
N VAL C 215 36.51 -8.01 -4.73
CA VAL C 215 35.64 -8.63 -3.74
C VAL C 215 36.45 -8.93 -2.47
N ARG C 216 37.72 -9.27 -2.64
CA ARG C 216 38.64 -9.41 -1.50
C ARG C 216 38.58 -8.13 -0.67
N ALA C 217 38.95 -7.04 -1.32
CA ALA C 217 39.08 -5.71 -0.72
C ALA C 217 37.83 -5.29 0.01
N LEU C 218 36.69 -5.58 -0.59
CA LEU C 218 35.44 -5.17 -0.03
C LEU C 218 35.12 -6.04 1.18
N VAL C 219 35.39 -7.33 1.05
CA VAL C 219 34.95 -8.29 2.06
C VAL C 219 35.84 -8.22 3.29
N HIS C 220 37.08 -7.83 3.08
CA HIS C 220 37.96 -7.48 4.20
C HIS C 220 37.40 -6.27 4.96
N ALA C 221 37.33 -5.14 4.29
CA ALA C 221 36.72 -3.92 4.85
C ALA C 221 35.44 -4.10 5.69
N LEU C 222 34.45 -4.74 5.10
CA LEU C 222 33.15 -4.94 5.74
C LEU C 222 33.14 -6.07 6.76
N GLN C 223 33.92 -7.14 6.54
CA GLN C 223 33.88 -8.31 7.39
C GLN C 223 32.49 -8.97 7.55
N PRO C 224 31.91 -9.42 6.45
CA PRO C 224 30.52 -9.88 6.49
C PRO C 224 30.37 -11.27 7.10
N TYR C 225 29.15 -11.56 7.55
CA TYR C 225 28.81 -12.85 8.12
C TYR C 225 28.47 -13.88 7.01
N LYS C 226 28.13 -13.38 5.83
CA LYS C 226 27.80 -14.24 4.67
C LYS C 226 28.41 -13.72 3.38
N VAL C 227 28.88 -14.63 2.52
CA VAL C 227 29.39 -14.23 1.21
C VAL C 227 28.86 -15.14 0.11
N VAL C 228 27.94 -14.60 -0.67
CA VAL C 228 27.29 -15.33 -1.75
C VAL C 228 28.01 -15.18 -3.10
N PHE C 229 28.03 -16.23 -3.89
CA PHE C 229 28.46 -16.14 -5.26
C PHE C 229 27.34 -16.62 -6.19
N LEU C 230 26.73 -15.67 -6.86
CA LEU C 230 25.64 -15.95 -7.77
C LEU C 230 26.19 -16.18 -9.17
N THR C 231 26.08 -17.44 -9.59
CA THR C 231 26.53 -17.89 -10.90
C THR C 231 25.35 -18.52 -11.65
N GLY C 232 25.47 -18.65 -12.97
CA GLY C 232 24.44 -19.30 -13.76
C GLY C 232 24.30 -20.77 -13.40
N THR C 233 25.44 -21.41 -13.19
CA THR C 233 25.52 -22.84 -12.83
C THR C 233 24.97 -23.09 -11.42
N GLY C 234 25.18 -22.13 -10.53
CA GLY C 234 24.56 -22.17 -9.23
C GLY C 234 25.00 -23.35 -8.40
N GLY C 235 26.31 -23.54 -8.30
CA GLY C 235 26.82 -24.62 -7.48
C GLY C 235 28.27 -24.93 -7.74
N LEU C 236 28.76 -25.93 -7.04
CA LEU C 236 30.11 -26.44 -7.20
C LEU C 236 30.00 -27.98 -7.07
N LEU C 237 30.81 -28.71 -7.84
CA LEU C 237 30.47 -30.11 -8.15
C LEU C 237 31.41 -31.16 -7.59
N ASP C 238 30.84 -32.24 -7.06
CA ASP C 238 31.62 -33.33 -6.46
C ASP C 238 32.36 -34.14 -7.52
N GLU C 239 32.83 -35.32 -7.13
CA GLU C 239 33.53 -36.21 -8.07
C GLU C 239 32.54 -36.77 -9.10
N ASP C 240 31.31 -36.98 -8.66
CA ASP C 240 30.27 -37.59 -9.49
C ASP C 240 29.42 -36.57 -10.27
N GLY C 241 29.94 -35.36 -10.45
CA GLY C 241 29.25 -34.33 -11.23
C GLY C 241 27.98 -33.81 -10.60
N ASP C 242 27.66 -34.33 -9.42
CA ASP C 242 26.56 -33.81 -8.62
C ASP C 242 26.99 -32.54 -7.91
N ILE C 243 26.04 -31.81 -7.34
CA ILE C 243 26.37 -30.61 -6.62
C ILE C 243 27.01 -30.96 -5.28
N LEU C 244 28.05 -30.20 -4.95
CA LEU C 244 28.81 -30.36 -3.72
C LEU C 244 28.19 -29.54 -2.60
N SER C 245 27.43 -30.21 -1.75
CA SER C 245 26.56 -29.58 -0.77
C SER C 245 27.32 -28.68 0.20
N SER C 246 28.47 -29.16 0.65
CA SER C 246 29.15 -28.58 1.79
C SER C 246 30.64 -28.88 1.77
N ILE C 247 31.46 -27.86 2.03
CA ILE C 247 32.89 -28.07 2.14
C ILE C 247 33.45 -27.60 3.48
N ASN C 248 34.20 -28.49 4.14
CA ASN C 248 34.93 -28.14 5.35
C ASN C 248 36.37 -27.86 4.99
N LEU C 249 36.70 -26.61 4.76
CA LEU C 249 38.05 -26.25 4.37
C LEU C 249 39.10 -26.88 5.27
N ALA C 250 38.80 -26.96 6.56
CA ALA C 250 39.74 -27.50 7.53
C ALA C 250 40.12 -28.95 7.21
N THR C 251 39.12 -29.78 6.99
CA THR C 251 39.35 -31.20 6.68
C THR C 251 39.41 -31.45 5.19
N ASP C 252 38.42 -30.93 4.47
CA ASP C 252 38.22 -31.29 3.08
C ASP C 252 39.14 -30.57 2.13
N PHE C 253 39.74 -29.46 2.56
CA PHE C 253 40.49 -28.60 1.64
C PHE C 253 41.77 -29.20 1.04
N GLY C 254 42.60 -29.78 1.90
CA GLY C 254 43.84 -30.42 1.45
C GLY C 254 43.61 -31.42 0.33
N ASP C 255 42.93 -32.52 0.65
CA ASP C 255 42.66 -33.55 -0.34
C ASP C 255 42.12 -32.90 -1.60
N LEU C 256 41.36 -31.82 -1.43
CA LEU C 256 40.64 -31.19 -2.53
C LEU C 256 41.56 -30.59 -3.60
N MET C 257 42.54 -29.79 -3.18
CA MET C 257 43.49 -29.22 -4.13
C MET C 257 44.29 -30.32 -4.75
N GLN C 258 45.00 -31.07 -3.91
CA GLN C 258 45.72 -32.27 -4.36
C GLN C 258 44.74 -33.39 -4.66
N ALA C 259 44.00 -33.23 -5.74
CA ALA C 259 43.02 -34.22 -6.19
C ALA C 259 42.89 -34.17 -7.69
N ASP C 260 43.32 -35.23 -8.35
CA ASP C 260 43.28 -35.31 -9.80
C ASP C 260 41.95 -34.81 -10.37
N TRP C 261 40.85 -35.20 -9.75
CA TRP C 261 39.51 -35.00 -10.31
C TRP C 261 38.95 -33.56 -10.25
N VAL C 262 39.55 -32.70 -9.43
CA VAL C 262 39.16 -31.29 -9.37
C VAL C 262 39.97 -30.48 -10.37
N ASN C 263 39.31 -29.96 -11.39
CA ASN C 263 39.97 -29.18 -12.43
C ASN C 263 40.78 -27.99 -11.90
N GLY C 264 41.55 -27.35 -12.79
CA GLY C 264 42.34 -26.18 -12.44
C GLY C 264 41.48 -24.95 -12.17
N GLY C 265 40.45 -24.77 -12.99
CA GLY C 265 39.51 -23.67 -12.83
C GLY C 265 38.92 -23.64 -11.45
N MET C 266 38.29 -24.74 -11.05
CA MET C 266 37.74 -24.83 -9.71
C MET C 266 38.81 -24.74 -8.62
N ARG C 267 40.00 -25.27 -8.88
CA ARG C 267 41.06 -25.18 -7.88
C ARG C 267 41.30 -23.73 -7.48
N LEU C 268 41.20 -22.83 -8.45
CA LEU C 268 41.39 -21.41 -8.14
C LEU C 268 40.24 -20.89 -7.30
N LYS C 269 39.01 -21.09 -7.76
CA LYS C 269 37.83 -20.73 -6.98
C LYS C 269 38.09 -21.04 -5.51
N LEU C 270 38.80 -22.14 -5.27
CA LEU C 270 39.13 -22.57 -3.91
C LEU C 270 40.31 -21.78 -3.32
N GLU C 271 41.45 -21.83 -3.98
CA GLU C 271 42.61 -21.06 -3.53
C GLU C 271 42.22 -19.63 -3.19
N GLU C 272 41.14 -19.15 -3.80
CA GLU C 272 40.73 -17.76 -3.69
C GLU C 272 39.61 -17.56 -2.69
N ILE C 273 38.84 -18.61 -2.44
CA ILE C 273 37.80 -18.59 -1.41
C ILE C 273 38.36 -18.72 0.02
N LYS C 274 39.40 -19.54 0.18
CA LYS C 274 40.06 -19.70 1.47
C LYS C 274 40.67 -18.36 1.81
N ARG C 275 41.39 -17.80 0.86
CA ARG C 275 41.94 -16.45 0.98
C ARG C 275 40.89 -15.48 1.57
N LEU C 276 39.62 -15.67 1.22
CA LEU C 276 38.59 -14.78 1.72
C LEU C 276 38.19 -15.10 3.15
N LEU C 277 37.91 -16.39 3.39
CA LEU C 277 37.36 -16.89 4.65
C LEU C 277 38.38 -16.86 5.78
N ASP C 278 39.66 -16.87 5.40
CA ASP C 278 40.78 -16.70 6.31
C ASP C 278 40.89 -15.26 6.79
N ASP C 279 40.22 -14.34 6.12
CA ASP C 279 40.29 -12.92 6.48
C ASP C 279 39.10 -12.54 7.35
N LEU C 280 38.15 -13.46 7.47
CA LEU C 280 36.98 -13.23 8.29
C LEU C 280 36.99 -14.19 9.48
N PRO C 281 36.12 -13.93 10.48
CA PRO C 281 35.81 -14.78 11.63
C PRO C 281 35.42 -16.21 11.24
N LEU C 282 35.04 -17.02 12.22
CA LEU C 282 34.52 -18.37 11.97
C LEU C 282 33.02 -18.32 11.88
N SER C 283 32.45 -17.17 12.22
CA SER C 283 31.02 -16.98 12.03
C SER C 283 30.75 -17.12 10.53
N SER C 284 31.74 -16.70 9.75
CA SER C 284 31.58 -16.48 8.32
C SER C 284 31.56 -17.75 7.45
N SER C 285 30.88 -17.64 6.32
CA SER C 285 30.67 -18.74 5.41
C SER C 285 30.30 -18.22 4.02
N VAL C 286 30.89 -18.80 2.98
CA VAL C 286 30.53 -18.44 1.63
C VAL C 286 29.50 -19.41 1.02
N SER C 287 28.60 -18.91 0.18
CA SER C 287 27.61 -19.75 -0.49
C SER C 287 27.56 -19.48 -1.97
N ILE C 288 27.80 -20.52 -2.76
CA ILE C 288 27.68 -20.43 -4.20
C ILE C 288 26.35 -20.99 -4.62
N THR C 289 25.50 -20.17 -5.27
CA THR C 289 24.24 -20.64 -5.85
C THR C 289 23.87 -19.80 -7.03
N ARG C 290 22.66 -20.08 -7.53
CA ARG C 290 21.98 -19.28 -8.53
C ARG C 290 20.79 -18.65 -7.82
N PRO C 291 20.35 -17.47 -8.28
CA PRO C 291 19.31 -16.71 -7.60
C PRO C 291 18.08 -17.50 -7.17
N SER C 292 17.52 -18.30 -8.07
CA SER C 292 16.26 -18.97 -7.75
C SER C 292 16.36 -19.84 -6.50
N GLU C 293 17.57 -20.10 -6.03
CA GLU C 293 17.79 -21.02 -4.92
C GLU C 293 18.46 -20.30 -3.76
N LEU C 294 18.91 -19.09 -4.03
CA LEU C 294 19.63 -18.30 -3.04
C LEU C 294 18.91 -18.19 -1.72
N ALA C 295 17.60 -18.06 -1.74
CA ALA C 295 16.87 -17.89 -0.49
C ALA C 295 16.75 -19.22 0.24
N ARG C 296 16.41 -20.28 -0.50
CA ARG C 296 16.27 -21.60 0.10
C ARG C 296 17.63 -22.09 0.57
N GLU C 297 18.66 -21.31 0.26
CA GLU C 297 20.03 -21.68 0.59
C GLU C 297 20.59 -20.95 1.82
N LEU C 298 20.09 -19.75 2.10
CA LEU C 298 20.53 -18.98 3.24
C LEU C 298 19.66 -19.27 4.45
N PHE C 299 18.53 -19.92 4.24
CA PHE C 299 17.59 -20.10 5.32
C PHE C 299 17.11 -21.56 5.40
N THR C 300 17.96 -22.51 5.07
CA THR C 300 17.63 -23.90 5.41
C THR C 300 18.87 -24.74 5.73
N HIS C 301 18.77 -25.51 6.81
CA HIS C 301 19.80 -26.47 7.19
C HIS C 301 20.04 -27.46 6.06
N ALA C 302 19.04 -27.66 5.22
CA ALA C 302 19.30 -28.30 3.94
C ALA C 302 20.25 -27.40 3.16
N GLY C 303 19.66 -26.41 2.47
CA GLY C 303 20.38 -25.55 1.56
C GLY C 303 20.17 -25.95 0.10
N SER C 304 21.09 -25.48 -0.74
CA SER C 304 21.09 -25.75 -2.17
C SER C 304 22.34 -25.06 -2.71
N GLY C 305 23.21 -25.79 -3.38
CA GLY C 305 24.45 -25.18 -3.82
C GLY C 305 25.51 -25.22 -2.72
N THR C 306 26.77 -25.13 -3.15
CA THR C 306 27.90 -25.31 -2.26
C THR C 306 27.94 -24.28 -1.17
N LEU C 307 28.15 -24.72 0.07
CA LEU C 307 28.48 -23.81 1.18
C LEU C 307 29.86 -24.15 1.72
N ILE C 308 30.70 -23.12 1.91
CA ILE C 308 32.05 -23.33 2.39
C ILE C 308 32.33 -22.63 3.73
N ARG C 309 33.27 -23.15 4.52
CA ARG C 309 33.62 -22.54 5.81
C ARG C 309 35.07 -22.88 6.18
N ARG C 310 35.58 -22.27 7.24
CA ARG C 310 36.88 -22.67 7.73
C ARG C 310 36.70 -24.00 8.44
N GLY C 311 35.55 -24.15 9.08
CA GLY C 311 35.17 -25.43 9.65
C GLY C 311 36.11 -25.88 10.74
N GLU C 312 35.78 -26.98 11.40
CA GLU C 312 36.64 -27.53 12.44
C GLU C 312 37.25 -28.87 12.03
N ARG C 313 38.39 -29.18 12.65
CA ARG C 313 39.04 -30.48 12.49
C ARG C 313 38.22 -31.53 13.22
N ILE C 314 38.42 -32.79 12.85
CA ILE C 314 37.75 -33.90 13.51
C ILE C 314 38.79 -34.71 14.26
N VAL C 315 38.50 -35.04 15.51
CA VAL C 315 39.40 -35.96 16.20
C VAL C 315 38.81 -37.35 16.09
N ALA C 316 39.68 -38.33 15.87
CA ALA C 316 39.27 -39.70 15.66
C ALA C 316 40.04 -40.55 16.64
N THR C 317 39.32 -41.32 17.45
CA THR C 317 39.98 -42.09 18.48
C THR C 317 39.30 -43.43 18.74
N ASP C 318 39.97 -44.28 19.50
CA ASP C 318 39.41 -45.55 19.96
C ASP C 318 39.73 -45.72 21.44
N ASP C 319 40.22 -44.65 22.05
CA ASP C 319 40.48 -44.60 23.48
C ASP C 319 39.41 -43.77 24.16
N LYS C 320 38.39 -44.41 24.72
CA LYS C 320 37.30 -43.69 25.38
C LYS C 320 37.78 -42.72 26.46
N SER C 321 38.71 -43.18 27.30
CA SER C 321 39.26 -42.34 28.36
C SER C 321 39.85 -41.07 27.76
N SER C 322 39.74 -40.97 26.43
CA SER C 322 40.17 -39.78 25.70
C SER C 322 38.96 -38.99 25.15
N LEU C 323 37.88 -38.92 25.91
CA LEU C 323 36.64 -38.34 25.42
C LEU C 323 35.80 -37.70 26.54
N ASP C 324 35.38 -36.46 26.30
CA ASP C 324 34.60 -35.69 27.24
C ASP C 324 33.23 -36.32 27.47
N LEU C 325 33.19 -37.55 27.97
CA LEU C 325 31.92 -38.26 28.13
C LEU C 325 30.75 -37.36 28.45
N GLY C 326 30.89 -36.55 29.50
CA GLY C 326 29.86 -35.60 29.90
C GLY C 326 29.50 -34.62 28.81
N ARG C 327 30.51 -34.12 28.08
CA ARG C 327 30.25 -33.22 26.98
C ARG C 327 29.45 -33.94 25.91
N LEU C 328 29.96 -35.11 25.46
CA LEU C 328 29.20 -36.01 24.58
C LEU C 328 27.83 -36.36 25.14
N ASP C 329 27.77 -36.79 26.41
CA ASP C 329 26.46 -37.09 26.96
C ASP C 329 25.50 -35.93 26.72
N ASN C 330 26.04 -34.71 26.67
CA ASN C 330 25.23 -33.56 26.26
C ASN C 330 24.88 -33.63 24.76
N LEU C 331 25.87 -33.90 23.92
CA LEU C 331 25.64 -33.96 22.48
C LEU C 331 24.51 -34.89 22.10
N VAL C 332 24.46 -36.04 22.76
CA VAL C 332 23.40 -37.02 22.55
C VAL C 332 22.06 -36.50 23.08
N LYS C 333 21.98 -36.21 24.37
CA LYS C 333 20.73 -35.78 24.97
C LYS C 333 20.06 -34.72 24.08
N ALA C 334 20.89 -33.91 23.42
CA ALA C 334 20.45 -32.72 22.69
C ALA C 334 19.96 -33.05 21.31
N ALA C 335 20.67 -33.98 20.68
CA ALA C 335 20.37 -34.39 19.32
C ALA C 335 19.10 -35.25 19.26
N PHE C 336 18.98 -36.21 20.17
CA PHE C 336 17.87 -37.15 20.14
C PHE C 336 16.55 -36.67 20.76
N GLY C 337 16.65 -35.94 21.88
CA GLY C 337 15.45 -35.41 22.52
C GLY C 337 15.17 -36.12 23.83
N ARG C 338 15.97 -37.14 24.11
CA ARG C 338 15.80 -37.88 25.33
C ARG C 338 17.18 -38.22 25.88
N PRO C 339 17.24 -38.55 27.16
CA PRO C 339 18.48 -38.80 27.91
C PRO C 339 18.93 -40.24 27.78
N ALA C 340 20.23 -40.46 27.61
CA ALA C 340 20.76 -41.81 27.63
C ALA C 340 20.44 -42.44 28.99
N VAL C 341 20.33 -43.76 29.02
CA VAL C 341 19.94 -44.43 30.27
C VAL C 341 21.13 -44.69 31.20
N GLU C 342 20.83 -44.84 32.47
CA GLU C 342 21.85 -44.86 33.52
C GLU C 342 23.09 -45.72 33.21
N GLY C 343 24.26 -45.19 33.59
CA GLY C 343 25.53 -45.84 33.34
C GLY C 343 25.68 -46.43 31.95
N TYR C 344 25.05 -45.80 30.95
CA TYR C 344 25.19 -46.24 29.57
C TYR C 344 26.63 -46.08 29.08
N TRP C 345 27.26 -44.99 29.51
CA TRP C 345 28.57 -44.60 29.00
C TRP C 345 29.72 -45.39 29.56
N ASP C 346 29.63 -45.69 30.85
CA ASP C 346 30.69 -46.40 31.58
C ASP C 346 30.76 -47.84 31.07
N ARG C 347 29.61 -48.36 30.67
CA ARG C 347 29.52 -49.67 30.02
C ARG C 347 30.05 -49.64 28.58
N LEU C 348 29.52 -48.74 27.75
CA LEU C 348 29.94 -48.59 26.35
C LEU C 348 31.35 -49.08 26.04
N ARG C 349 31.49 -49.99 25.08
CA ARG C 349 32.82 -50.51 24.76
C ARG C 349 33.62 -49.53 23.89
N VAL C 350 33.28 -49.45 22.61
CA VAL C 350 33.85 -48.42 21.70
C VAL C 350 34.91 -48.94 20.74
N ASP C 351 34.57 -48.93 19.46
CA ASP C 351 35.45 -49.39 18.38
C ASP C 351 36.22 -48.18 17.84
N ARG C 352 35.51 -47.06 17.77
CA ARG C 352 36.04 -45.90 17.11
C ARG C 352 35.08 -44.76 17.37
N ALA C 353 35.62 -43.60 17.75
CA ALA C 353 34.80 -42.40 17.90
C ALA C 353 35.31 -41.32 17.01
N PHE C 354 34.40 -40.72 16.26
CA PHE C 354 34.70 -39.56 15.46
C PHE C 354 33.91 -38.40 16.02
N VAL C 355 34.63 -37.37 16.47
CA VAL C 355 34.01 -36.23 17.10
C VAL C 355 34.61 -34.96 16.56
N THR C 356 33.76 -33.98 16.34
CA THR C 356 34.19 -32.71 15.80
C THR C 356 34.71 -31.83 16.93
N GLU C 357 35.75 -31.06 16.64
CA GLU C 357 36.46 -30.29 17.66
C GLU C 357 35.52 -29.56 18.64
N SER C 358 34.34 -29.17 18.16
CA SER C 358 33.38 -28.42 18.97
C SER C 358 32.44 -29.31 19.77
N TYR C 359 32.53 -30.62 19.56
CA TYR C 359 31.51 -31.58 19.99
C TYR C 359 30.09 -31.16 19.61
N ARG C 360 29.87 -30.84 18.33
CA ARG C 360 28.52 -30.58 17.85
C ARG C 360 28.06 -31.64 16.85
N ALA C 361 28.90 -32.63 16.61
CA ALA C 361 28.54 -33.76 15.76
C ALA C 361 29.45 -34.95 16.04
N ALA C 362 28.88 -36.10 16.36
CA ALA C 362 29.68 -37.29 16.64
C ALA C 362 29.15 -38.57 15.98
N ALA C 363 30.04 -39.53 15.78
CA ALA C 363 29.64 -40.91 15.53
C ALA C 363 30.43 -41.86 16.42
N ILE C 364 29.74 -42.71 17.20
CA ILE C 364 30.46 -43.80 17.92
C ILE C 364 30.12 -45.25 17.53
N THR C 365 31.14 -45.97 17.06
CA THR C 365 30.97 -47.36 16.69
C THR C 365 31.43 -48.33 17.77
N THR C 366 30.57 -49.28 18.11
CA THR C 366 30.95 -50.43 18.88
C THR C 366 31.27 -51.56 17.90
N ARG C 367 31.35 -52.79 18.40
CA ARG C 367 31.33 -53.96 17.50
C ARG C 367 30.13 -54.84 17.80
N LEU C 368 29.80 -55.69 16.83
CA LEU C 368 28.66 -56.59 16.91
C LEU C 368 29.10 -57.86 16.20
N ASP C 369 29.24 -58.95 16.95
CA ASP C 369 29.70 -60.21 16.38
C ASP C 369 30.76 -59.97 15.31
N GLY C 370 31.48 -58.86 15.43
CA GLY C 370 32.60 -58.61 14.53
C GLY C 370 32.27 -57.68 13.37
N TRP C 371 31.08 -57.10 13.40
CA TRP C 371 30.70 -56.07 12.44
C TRP C 371 30.89 -54.71 13.11
N VAL C 372 31.44 -53.75 12.38
CA VAL C 372 31.47 -52.37 12.87
C VAL C 372 30.02 -51.90 13.02
N TYR C 373 29.66 -51.42 14.21
CA TYR C 373 28.27 -51.00 14.40
C TYR C 373 28.11 -49.55 14.88
N LEU C 374 27.21 -48.80 14.24
CA LEU C 374 27.03 -47.40 14.55
C LEU C 374 26.06 -47.27 15.69
N ASP C 375 26.62 -46.99 16.87
CA ASP C 375 25.86 -46.98 18.12
C ASP C 375 25.22 -45.64 18.35
N LYS C 376 25.97 -44.58 18.03
CA LYS C 376 25.43 -43.23 18.04
C LYS C 376 25.91 -42.46 16.84
N PHE C 377 24.97 -42.04 16.01
CA PHE C 377 25.21 -40.90 15.14
C PHE C 377 24.39 -39.72 15.66
N ALA C 378 25.03 -38.84 16.42
CA ALA C 378 24.33 -37.67 16.94
C ALA C 378 24.94 -36.36 16.42
N VAL C 379 24.09 -35.52 15.83
CA VAL C 379 24.50 -34.26 15.23
C VAL C 379 23.47 -33.19 15.57
N LEU C 380 23.93 -31.99 15.88
CA LEU C 380 23.02 -30.90 16.26
C LEU C 380 22.52 -30.12 15.06
N ASP C 381 21.37 -29.49 15.23
CA ASP C 381 20.76 -28.70 14.17
C ASP C 381 21.76 -27.79 13.43
N ASP C 382 22.45 -26.91 14.14
CA ASP C 382 23.35 -25.96 13.47
C ASP C 382 24.58 -26.67 12.94
N ALA C 383 24.84 -27.85 13.47
CA ALA C 383 25.98 -28.62 13.00
C ALA C 383 25.64 -29.22 11.64
N ARG C 384 24.40 -29.70 11.48
CA ARG C 384 23.87 -30.14 10.19
C ARG C 384 24.04 -28.99 9.17
N GLY C 385 23.64 -27.79 9.57
CA GLY C 385 23.72 -26.63 8.71
C GLY C 385 25.11 -26.19 8.26
N GLU C 386 26.13 -26.42 9.07
CA GLU C 386 27.49 -26.09 8.66
C GLU C 386 28.10 -27.24 7.87
N GLY C 387 27.28 -28.26 7.64
CA GLY C 387 27.65 -29.46 6.90
C GLY C 387 28.69 -30.31 7.58
N LEU C 388 28.55 -30.48 8.89
CA LEU C 388 29.51 -31.27 9.68
C LEU C 388 29.00 -32.69 9.88
N GLY C 389 27.67 -32.85 9.94
CA GLY C 389 27.09 -34.17 9.98
C GLY C 389 27.75 -34.95 8.87
N ARG C 390 27.63 -34.43 7.65
CA ARG C 390 28.23 -35.02 6.46
C ARG C 390 29.70 -35.31 6.72
N THR C 391 30.42 -34.32 7.24
CA THR C 391 31.85 -34.48 7.48
C THR C 391 32.23 -35.60 8.48
N VAL C 392 31.46 -35.76 9.54
CA VAL C 392 31.68 -36.89 10.42
C VAL C 392 31.32 -38.18 9.71
N TRP C 393 30.18 -38.21 9.03
CA TRP C 393 29.76 -39.41 8.30
C TRP C 393 30.89 -39.89 7.41
N ASN C 394 31.32 -39.05 6.49
CA ASN C 394 32.42 -39.41 5.62
C ASN C 394 33.57 -40.16 6.31
N ARG C 395 34.22 -39.55 7.29
CA ARG C 395 35.35 -40.24 7.95
C ARG C 395 34.97 -41.58 8.59
N LEU C 396 33.76 -41.68 9.12
CA LEU C 396 33.22 -42.95 9.56
C LEU C 396 33.25 -44.01 8.44
N VAL C 397 32.59 -43.76 7.32
CA VAL C 397 32.51 -44.75 6.24
C VAL C 397 33.75 -44.83 5.39
N ASP C 398 34.75 -44.01 5.71
CA ASP C 398 36.08 -44.16 5.13
C ASP C 398 36.90 -45.03 6.09
N TYR C 399 36.25 -45.46 7.17
CA TYR C 399 36.87 -46.32 8.17
C TYR C 399 36.25 -47.68 8.10
N ALA C 400 34.92 -47.67 8.02
CA ALA C 400 34.12 -48.90 8.07
C ALA C 400 33.34 -49.21 6.76
N PRO C 401 34.05 -49.69 5.73
CA PRO C 401 33.46 -50.16 4.47
C PRO C 401 32.34 -51.17 4.66
N GLN C 402 32.40 -51.95 5.74
CA GLN C 402 31.21 -52.65 6.17
C GLN C 402 30.75 -52.03 7.45
N LEU C 403 29.51 -51.58 7.44
CA LEU C 403 28.92 -50.90 8.59
C LEU C 403 27.44 -51.21 8.73
N ILE C 404 27.02 -51.63 9.91
CA ILE C 404 25.60 -51.86 10.19
C ILE C 404 25.10 -50.72 11.07
N TRP C 405 23.84 -50.33 10.93
CA TRP C 405 23.23 -49.42 11.90
C TRP C 405 21.73 -49.51 11.97
N ARG C 406 21.14 -48.98 13.03
CA ARG C 406 19.69 -48.91 13.08
C ARG C 406 19.20 -47.48 13.33
N SER C 407 17.88 -47.29 13.35
CA SER C 407 17.32 -45.98 13.40
C SER C 407 15.87 -46.19 13.66
N ARG C 408 15.16 -45.17 14.12
CA ARG C 408 13.75 -45.38 14.38
C ARG C 408 13.05 -45.09 13.08
N THR C 409 11.95 -45.78 12.83
CA THR C 409 11.21 -45.58 11.60
C THR C 409 10.67 -44.16 11.53
N ASN C 410 10.97 -43.39 12.57
CA ASN C 410 10.62 -41.99 12.63
C ASN C 410 11.81 -41.13 12.29
N ASN C 411 12.84 -41.17 13.13
CA ASN C 411 14.01 -40.32 12.95
C ASN C 411 14.14 -39.83 11.51
N PRO C 412 13.85 -38.55 11.28
CA PRO C 412 13.83 -37.98 9.93
C PRO C 412 15.18 -37.98 9.24
N VAL C 413 16.19 -38.59 9.87
CA VAL C 413 17.49 -38.72 9.22
C VAL C 413 17.47 -39.93 8.29
N ASN C 414 16.42 -40.74 8.40
CA ASN C 414 16.28 -41.97 7.60
C ASN C 414 16.60 -41.82 6.12
N GLY C 415 16.08 -40.75 5.51
CA GLY C 415 16.32 -40.45 4.12
C GLY C 415 17.77 -40.21 3.76
N PHE C 416 18.54 -39.64 4.69
CA PHE C 416 19.97 -39.50 4.49
C PHE C 416 20.63 -40.86 4.69
N TYR C 417 19.98 -41.71 5.47
CA TYR C 417 20.57 -43.00 5.72
C TYR C 417 20.34 -43.86 4.46
N PHE C 418 19.11 -43.86 3.99
CA PHE C 418 18.75 -44.59 2.80
C PHE C 418 19.61 -44.26 1.57
N GLU C 419 20.23 -43.09 1.49
CA GLU C 419 21.09 -42.82 0.32
C GLU C 419 22.52 -43.20 0.62
N GLU C 420 22.78 -43.62 1.85
CA GLU C 420 24.11 -44.02 2.22
C GLU C 420 24.13 -45.52 2.41
N CYS C 421 22.94 -46.09 2.54
CA CYS C 421 22.82 -47.52 2.75
C CYS C 421 23.01 -48.29 1.47
N ASP C 422 22.96 -49.61 1.58
CA ASP C 422 23.16 -50.54 0.48
C ASP C 422 22.14 -51.59 0.79
N GLY C 423 21.80 -51.65 2.06
CA GLY C 423 20.77 -52.55 2.53
C GLY C 423 19.80 -51.79 3.39
N ALA C 424 18.61 -52.36 3.56
CA ALA C 424 17.63 -51.75 4.42
C ALA C 424 16.51 -52.73 4.72
N VAL C 425 16.33 -53.03 6.01
CA VAL C 425 15.18 -53.82 6.43
C VAL C 425 14.32 -53.03 7.42
N ARG C 426 13.03 -52.89 7.10
CA ARG C 426 12.10 -52.04 7.85
C ARG C 426 11.27 -52.86 8.82
N ARG C 427 11.01 -52.31 10.01
CA ARG C 427 9.96 -52.87 10.85
C ARG C 427 9.13 -51.72 11.42
N ASP C 428 8.08 -52.07 12.16
CA ASP C 428 7.16 -51.08 12.73
C ASP C 428 7.85 -49.91 13.44
N GLU C 429 8.90 -50.22 14.20
CA GLU C 429 9.56 -49.23 15.03
C GLU C 429 11.00 -48.98 14.59
N TRP C 430 11.74 -50.05 14.31
CA TRP C 430 13.14 -49.89 13.92
C TRP C 430 13.41 -50.13 12.42
N THR C 431 14.59 -49.74 11.97
CA THR C 431 14.98 -49.93 10.57
C THR C 431 16.49 -50.12 10.45
N VAL C 432 16.94 -51.35 10.16
CA VAL C 432 18.36 -51.60 10.03
C VAL C 432 18.92 -51.35 8.65
N PHE C 433 20.05 -50.64 8.59
CA PHE C 433 20.72 -50.30 7.34
C PHE C 433 22.08 -50.99 7.33
N TRP C 434 22.57 -51.33 6.14
CA TRP C 434 23.98 -51.70 6.06
C TRP C 434 24.68 -51.06 4.87
N ARG C 435 26.00 -51.01 4.94
CA ARG C 435 26.75 -50.22 4.00
C ARG C 435 28.00 -51.00 3.62
N GLY C 436 28.14 -52.18 4.21
CA GLY C 436 29.11 -53.13 3.71
C GLY C 436 28.69 -53.64 2.34
N GLU C 437 29.39 -54.65 1.84
CA GLU C 437 29.02 -55.23 0.57
C GLU C 437 28.43 -56.64 0.72
N MET C 438 28.30 -57.10 1.97
CA MET C 438 27.69 -58.39 2.21
C MET C 438 26.29 -58.43 1.62
N GLY C 439 25.71 -59.63 1.55
CA GLY C 439 24.43 -59.81 0.91
C GLY C 439 23.29 -60.11 1.84
N PRO C 440 22.03 -59.89 1.37
CA PRO C 440 20.83 -60.11 2.17
C PRO C 440 20.94 -61.29 3.16
N VAL C 441 21.54 -62.41 2.73
CA VAL C 441 21.57 -63.66 3.51
C VAL C 441 22.83 -63.83 4.35
N GLU C 442 23.84 -63.00 4.07
CA GLU C 442 25.04 -62.94 4.91
C GLU C 442 24.82 -62.06 6.15
N VAL C 443 24.31 -60.84 5.93
CA VAL C 443 23.90 -59.95 7.00
C VAL C 443 22.76 -60.60 7.80
N ALA C 444 21.73 -61.08 7.11
CA ALA C 444 20.72 -61.95 7.70
C ALA C 444 20.83 -62.10 9.21
N ASP C 445 21.90 -62.77 9.66
CA ASP C 445 22.11 -63.11 11.07
C ASP C 445 22.61 -61.97 11.99
N VAL C 446 23.38 -61.01 11.46
CA VAL C 446 23.72 -59.83 12.26
C VAL C 446 22.63 -58.77 12.21
N VAL C 447 21.85 -58.74 11.15
CA VAL C 447 20.78 -57.76 11.05
C VAL C 447 19.78 -58.00 12.17
N GLU C 448 19.50 -59.26 12.40
CA GLU C 448 18.62 -59.68 13.48
C GLU C 448 19.08 -59.26 14.87
N LYS C 449 20.39 -59.17 15.03
CA LYS C 449 20.98 -58.88 16.32
C LYS C 449 20.81 -57.42 16.70
N ALA C 450 20.87 -56.53 15.71
CA ALA C 450 20.66 -55.11 15.96
C ALA C 450 19.22 -54.84 16.38
N PHE C 451 18.26 -55.41 15.67
CA PHE C 451 16.87 -55.37 16.09
C PHE C 451 16.74 -55.85 17.54
N ALA C 452 17.42 -56.95 17.87
CA ALA C 452 17.33 -57.53 19.22
C ALA C 452 17.91 -56.63 20.30
N LEU C 453 19.04 -55.98 20.01
CA LEU C 453 19.64 -54.98 20.88
C LEU C 453 18.62 -54.07 21.56
N PRO C 454 18.90 -53.68 22.82
CA PRO C 454 17.95 -52.93 23.64
C PRO C 454 18.19 -51.43 23.48
N PRO C 455 17.15 -50.60 23.70
CA PRO C 455 17.25 -49.13 23.61
C PRO C 455 18.27 -48.61 24.59
N THR C 456 19.06 -47.65 24.13
CA THR C 456 20.05 -47.05 24.99
C THR C 456 19.67 -45.58 25.32
N LEU C 457 18.50 -45.16 24.84
CA LEU C 457 17.87 -43.89 25.21
C LEU C 457 16.45 -44.19 25.71
N GLU C 458 15.88 -43.30 26.52
CA GLU C 458 14.60 -43.60 27.18
C GLU C 458 13.38 -43.31 26.30
N ALA C 459 12.20 -43.19 26.91
CA ALA C 459 10.95 -42.87 26.19
C ALA C 459 11.16 -42.06 24.91
N GLN D 30 -3.17 9.14 -1.96
CA GLN D 30 -2.47 10.42 -1.98
C GLN D 30 -3.18 11.42 -2.90
N THR D 31 -4.47 11.20 -3.12
CA THR D 31 -5.25 12.06 -4.02
C THR D 31 -5.49 13.45 -3.44
N ILE D 32 -4.46 14.28 -3.54
CA ILE D 32 -4.51 15.67 -3.11
C ILE D 32 -4.90 16.55 -4.30
N VAL D 33 -6.08 16.31 -4.87
CA VAL D 33 -6.50 16.99 -6.10
C VAL D 33 -7.94 17.56 -6.07
N GLN D 34 -8.94 16.67 -6.06
CA GLN D 34 -10.34 17.08 -6.05
C GLN D 34 -10.63 17.93 -4.81
N LEU D 35 -9.81 17.72 -3.79
CA LEU D 35 -10.06 18.34 -2.49
C LEU D 35 -9.74 19.83 -2.47
N LEU D 36 -8.94 20.28 -3.43
CA LEU D 36 -8.48 21.66 -3.43
C LEU D 36 -9.04 22.57 -4.54
N SER D 37 -10.04 22.06 -5.27
CA SER D 37 -10.75 22.88 -6.26
C SER D 37 -11.82 23.72 -5.57
N HIS D 38 -11.51 24.17 -4.36
CA HIS D 38 -12.38 25.05 -3.59
C HIS D 38 -11.58 26.31 -3.26
N MET D 39 -10.27 26.18 -3.38
CA MET D 39 -9.33 27.17 -2.84
C MET D 39 -9.01 28.34 -3.78
N ARG D 40 -7.77 28.82 -3.75
CA ARG D 40 -7.39 30.05 -4.45
C ARG D 40 -6.42 29.83 -5.61
N ASP D 41 -5.13 29.83 -5.26
CA ASP D 41 -4.06 29.73 -6.25
C ASP D 41 -3.42 28.34 -6.23
N GLY D 42 -4.12 27.39 -5.62
CA GLY D 42 -3.71 26.00 -5.66
C GLY D 42 -4.36 25.29 -6.83
N LYS D 43 -4.98 26.09 -7.71
CA LYS D 43 -5.70 25.57 -8.88
C LYS D 43 -4.80 25.41 -10.09
N GLU D 44 -3.76 26.25 -10.17
CA GLU D 44 -2.78 26.16 -11.25
C GLU D 44 -1.91 24.91 -11.07
N ILE D 45 -1.75 24.48 -9.83
CA ILE D 45 -1.02 23.26 -9.50
C ILE D 45 -1.99 22.10 -9.35
N ARG D 46 -3.23 22.32 -9.79
CA ARG D 46 -4.25 21.29 -9.82
C ARG D 46 -4.48 20.88 -11.27
N GLU D 47 -4.21 21.81 -12.20
CA GLU D 47 -4.31 21.54 -13.63
C GLU D 47 -2.99 21.02 -14.19
N TYR D 48 -2.04 20.78 -13.28
CA TYR D 48 -0.72 20.29 -13.65
C TYR D 48 -0.41 19.01 -12.87
N LEU D 49 -0.81 19.00 -11.59
CA LEU D 49 -0.73 17.81 -10.76
C LEU D 49 -1.65 16.75 -11.35
N HIS D 50 -2.61 17.21 -12.15
CA HIS D 50 -3.57 16.35 -12.82
C HIS D 50 -3.06 16.04 -14.23
N ARG D 51 -1.88 16.58 -14.56
CA ARG D 51 -1.32 16.49 -15.91
C ARG D 51 0.04 15.80 -15.91
N PHE D 60 11.56 17.87 -12.98
CA PHE D 60 10.66 19.01 -12.93
C PHE D 60 11.36 20.27 -12.44
N ALA D 61 11.76 20.27 -11.19
CA ALA D 61 12.36 21.47 -10.61
C ALA D 61 13.87 21.30 -10.45
N VAL D 62 14.65 22.15 -11.12
CA VAL D 62 16.10 22.17 -10.92
C VAL D 62 16.36 23.13 -9.77
N ILE D 63 17.34 22.80 -8.94
CA ILE D 63 17.70 23.69 -7.84
C ILE D 63 19.21 23.84 -7.77
N LYS D 64 19.67 25.04 -7.41
CA LYS D 64 21.04 25.20 -6.97
C LYS D 64 20.97 25.68 -5.53
N VAL D 65 21.79 25.08 -4.68
CA VAL D 65 21.95 25.56 -3.31
C VAL D 65 23.37 26.10 -3.16
N GLY D 66 23.49 27.38 -2.84
CA GLY D 66 24.78 27.94 -2.50
C GLY D 66 25.35 27.15 -1.33
N GLY D 67 26.44 26.41 -1.59
CA GLY D 67 27.03 25.54 -0.59
C GLY D 67 27.09 26.10 0.82
N ALA D 68 27.02 27.41 0.92
CA ALA D 68 27.01 28.10 2.21
C ALA D 68 25.84 27.62 3.08
N VAL D 69 24.75 27.24 2.43
CA VAL D 69 23.51 26.89 3.14
C VAL D 69 23.52 25.46 3.65
N ILE D 70 24.29 24.59 2.99
CA ILE D 70 24.32 23.19 3.39
C ILE D 70 24.82 23.12 4.82
N GLN D 71 25.98 23.73 5.06
CA GLN D 71 26.57 23.77 6.38
C GLN D 71 25.63 24.51 7.34
N ASP D 72 25.47 25.80 7.09
CA ASP D 72 24.68 26.67 7.95
C ASP D 72 23.34 26.06 8.38
N ASP D 73 22.32 26.19 7.53
CA ASP D 73 20.96 25.73 7.87
C ASP D 73 20.61 24.49 7.06
N LEU D 74 21.03 23.33 7.56
CA LEU D 74 20.83 22.07 6.85
C LEU D 74 19.45 21.43 7.04
N PRO D 75 18.86 21.55 8.25
CA PRO D 75 17.55 20.94 8.50
C PRO D 75 16.38 21.71 7.87
N GLY D 76 16.55 23.01 7.59
CA GLY D 76 15.50 23.80 6.98
C GLY D 76 15.35 23.53 5.49
N LEU D 77 16.49 23.33 4.83
CA LEU D 77 16.54 23.01 3.40
C LEU D 77 16.08 21.58 3.18
N ALA D 78 16.12 20.79 4.24
CA ALA D 78 15.68 19.41 4.17
C ALA D 78 14.17 19.36 4.12
N SER D 79 13.52 19.74 5.23
CA SER D 79 12.07 19.74 5.29
C SER D 79 11.50 20.66 4.21
N ALA D 80 12.36 21.47 3.61
CA ALA D 80 12.02 22.25 2.44
C ALA D 80 11.72 21.34 1.26
N LEU D 81 12.77 20.73 0.72
CA LEU D 81 12.62 19.82 -0.41
C LEU D 81 11.65 18.69 -0.11
N ALA D 82 11.51 18.35 1.18
CA ALA D 82 10.62 17.27 1.56
C ALA D 82 9.18 17.68 1.27
N PHE D 83 8.90 18.95 1.58
CA PHE D 83 7.58 19.51 1.35
C PHE D 83 7.34 19.75 -0.13
N LEU D 84 8.42 19.74 -0.91
CA LEU D 84 8.33 19.99 -2.34
C LEU D 84 7.90 18.72 -3.04
N GLN D 85 8.04 17.61 -2.36
CA GLN D 85 7.68 16.33 -2.94
C GLN D 85 6.26 15.98 -2.55
N THR D 86 5.89 16.33 -1.32
CA THR D 86 4.54 16.07 -0.82
C THR D 86 3.52 16.91 -1.59
N VAL D 87 3.93 17.41 -2.76
CA VAL D 87 3.03 18.19 -3.62
C VAL D 87 3.11 17.76 -5.09
N GLY D 88 4.25 17.20 -5.49
CA GLY D 88 4.36 16.65 -6.84
C GLY D 88 5.49 17.17 -7.71
N LEU D 89 6.49 17.80 -7.10
CA LEU D 89 7.69 18.20 -7.84
C LEU D 89 8.81 17.21 -7.55
N THR D 90 9.73 17.05 -8.50
CA THR D 90 10.89 16.18 -8.28
C THR D 90 12.19 16.99 -8.18
N PRO D 91 12.49 17.50 -6.98
CA PRO D 91 13.72 18.26 -6.76
C PRO D 91 14.92 17.56 -7.37
N VAL D 92 15.68 18.30 -8.17
CA VAL D 92 16.96 17.84 -8.69
C VAL D 92 18.02 18.83 -8.27
N VAL D 93 18.41 18.76 -7.00
CA VAL D 93 19.29 19.73 -6.37
C VAL D 93 20.72 19.71 -6.90
N VAL D 94 21.34 20.88 -6.95
CA VAL D 94 22.74 21.00 -7.33
C VAL D 94 23.41 21.71 -6.19
N HIS D 95 24.57 21.22 -5.77
CA HIS D 95 25.31 21.86 -4.69
C HIS D 95 26.78 21.99 -5.03
N GLY D 96 27.36 23.12 -4.65
CA GLY D 96 28.80 23.33 -4.73
C GLY D 96 29.32 23.63 -3.34
N GLY D 97 30.63 23.82 -3.22
CA GLY D 97 31.20 24.20 -1.94
C GLY D 97 30.76 25.60 -1.56
N GLY D 98 30.48 25.80 -0.27
CA GLY D 98 30.30 27.13 0.27
C GLY D 98 31.67 27.52 0.78
N PRO D 99 31.78 28.64 1.51
CA PRO D 99 33.07 28.91 2.15
C PRO D 99 33.50 27.72 3.03
N GLN D 100 32.63 26.72 3.14
CA GLN D 100 32.91 25.48 3.89
C GLN D 100 33.78 24.50 3.10
N LEU D 101 33.81 24.65 1.77
CA LEU D 101 34.75 23.92 0.92
C LEU D 101 35.96 24.80 0.64
N ASP D 102 35.74 26.12 0.72
CA ASP D 102 36.80 27.12 0.56
C ASP D 102 37.76 27.10 1.73
N ALA D 103 37.20 27.08 2.93
CA ALA D 103 38.01 27.09 4.14
C ALA D 103 38.84 25.80 4.22
N ALA D 104 38.17 24.66 4.11
CA ALA D 104 38.87 23.40 4.04
C ALA D 104 39.76 23.34 2.79
N LEU D 105 40.24 24.50 2.35
CA LEU D 105 41.08 24.61 1.15
C LEU D 105 42.19 25.66 1.27
N GLU D 106 41.81 26.91 1.49
CA GLU D 106 42.78 27.99 1.62
C GLU D 106 43.48 27.98 2.97
N ALA D 107 43.11 27.02 3.82
CA ALA D 107 43.78 26.78 5.08
C ALA D 107 45.02 25.93 4.85
N ALA D 108 44.86 24.84 4.09
CA ALA D 108 45.97 23.97 3.71
C ALA D 108 46.76 24.55 2.54
N ASP D 109 46.67 25.87 2.38
CA ASP D 109 47.40 26.63 1.35
C ASP D 109 47.21 26.12 -0.07
N ILE D 110 45.99 26.26 -0.58
CA ILE D 110 45.70 26.01 -1.99
C ILE D 110 44.65 26.99 -2.49
N PRO D 111 44.94 28.31 -2.42
CA PRO D 111 43.99 29.33 -2.85
C PRO D 111 43.56 29.15 -4.31
N THR D 112 42.31 28.71 -4.51
CA THR D 112 41.81 28.41 -5.85
C THR D 112 41.57 29.66 -6.69
N GLU D 113 41.15 30.74 -6.06
CA GLU D 113 40.81 31.97 -6.76
C GLU D 113 39.69 31.74 -7.78
N ARG D 114 39.05 32.83 -8.19
CA ARG D 114 38.06 32.77 -9.24
C ARG D 114 38.77 32.72 -10.59
N VAL D 115 40.08 32.46 -10.53
CA VAL D 115 40.93 32.42 -11.73
C VAL D 115 40.58 33.55 -12.69
N ASP D 116 40.21 34.70 -12.13
CA ASP D 116 39.87 35.89 -12.90
C ASP D 116 38.63 35.69 -13.79
N GLY D 117 37.80 34.71 -13.44
CA GLY D 117 36.56 34.44 -14.16
C GLY D 117 35.36 34.36 -13.25
N LEU D 118 35.18 33.20 -12.63
CA LEU D 118 34.14 33.00 -11.60
C LEU D 118 34.58 32.05 -10.49
N ARG D 119 35.22 30.93 -10.86
CA ARG D 119 35.63 29.93 -9.88
C ARG D 119 36.47 28.79 -10.45
N VAL D 120 36.65 27.77 -9.61
CA VAL D 120 37.05 26.41 -10.02
C VAL D 120 38.35 26.22 -10.81
N THR D 121 39.47 26.70 -10.28
CA THR D 121 40.76 26.35 -10.86
C THR D 121 41.66 25.69 -9.82
N ARG D 122 42.20 24.52 -10.15
CA ARG D 122 43.20 23.90 -9.30
C ARG D 122 43.75 22.56 -9.80
N ASP D 123 44.55 21.90 -8.96
CA ASP D 123 45.31 20.73 -9.39
C ASP D 123 45.34 19.62 -8.35
N GLU D 124 45.92 19.90 -7.19
CA GLU D 124 46.05 18.91 -6.11
C GLU D 124 44.86 19.00 -5.16
N ALA D 125 43.95 19.93 -5.44
CA ALA D 125 42.76 20.10 -4.61
C ALA D 125 41.64 19.15 -5.04
N ILE D 126 41.84 18.51 -6.19
CA ILE D 126 40.93 17.46 -6.63
C ILE D 126 40.63 16.49 -5.49
N PRO D 127 41.69 15.90 -4.88
CA PRO D 127 41.45 14.89 -3.83
C PRO D 127 40.75 15.41 -2.58
N ILE D 128 40.71 16.74 -2.42
CA ILE D 128 40.04 17.35 -1.26
C ILE D 128 38.59 17.73 -1.58
N ILE D 129 38.40 18.58 -2.57
CA ILE D 129 37.06 18.96 -2.95
C ILE D 129 36.18 17.70 -2.99
N ARG D 130 36.69 16.69 -3.68
CA ARG D 130 35.97 15.43 -3.90
C ARG D 130 35.13 15.00 -2.69
N ASP D 131 35.75 15.02 -1.51
CA ASP D 131 35.06 14.54 -0.32
C ASP D 131 34.20 15.62 0.33
N THR D 132 34.75 16.82 0.49
CA THR D 132 34.03 17.91 1.13
C THR D 132 32.66 17.97 0.50
N LEU D 133 32.64 17.75 -0.81
CA LEU D 133 31.41 17.67 -1.54
C LEU D 133 30.73 16.36 -1.22
N THR D 134 31.38 15.25 -1.54
CA THR D 134 30.77 13.94 -1.40
C THR D 134 30.05 13.72 -0.08
N GLN D 135 30.57 14.33 0.99
CA GLN D 135 29.90 14.25 2.28
C GLN D 135 28.81 15.30 2.33
N ALA D 136 29.04 16.42 1.66
CA ALA D 136 28.02 17.44 1.49
C ALA D 136 26.76 16.82 0.88
N ASN D 137 26.97 16.03 -0.17
CA ASN D 137 25.93 15.22 -0.79
C ASN D 137 25.22 14.38 0.27
N LEU D 138 25.98 13.43 0.81
CA LEU D 138 25.48 12.54 1.85
C LEU D 138 24.84 13.31 3.00
N ALA D 139 25.48 14.37 3.44
CA ALA D 139 25.00 15.11 4.60
C ALA D 139 23.56 15.49 4.35
N LEU D 140 23.30 15.86 3.10
CA LEU D 140 22.02 16.43 2.70
C LEU D 140 20.96 15.37 2.52
N VAL D 141 21.36 14.25 1.94
CA VAL D 141 20.48 13.12 1.68
C VAL D 141 19.93 12.52 2.96
N ASP D 142 20.80 12.31 3.93
CA ASP D 142 20.35 11.81 5.22
C ASP D 142 19.47 12.85 5.91
N ALA D 143 19.86 14.12 5.83
CA ALA D 143 19.04 15.23 6.34
C ALA D 143 17.63 15.17 5.77
N ILE D 144 17.55 15.03 4.46
CA ILE D 144 16.28 14.92 3.77
C ILE D 144 15.48 13.70 4.20
N ARG D 145 16.13 12.53 4.22
CA ARG D 145 15.46 11.29 4.61
C ARG D 145 14.81 11.36 5.98
N ASP D 146 15.34 12.22 6.85
CA ASP D 146 14.77 12.41 8.19
C ASP D 146 13.61 13.39 8.12
N ALA D 147 13.60 14.21 7.06
CA ALA D 147 12.50 15.12 6.81
C ALA D 147 11.34 14.44 6.06
N GLY D 148 11.29 13.11 6.17
CA GLY D 148 10.21 12.32 5.59
C GLY D 148 10.40 12.04 4.11
N GLY D 149 11.33 12.77 3.49
CA GLY D 149 11.54 12.70 2.05
C GLY D 149 12.13 11.40 1.53
N ARG D 150 12.42 11.40 0.23
CA ARG D 150 13.12 10.29 -0.41
C ARG D 150 14.25 10.91 -1.21
N ALA D 151 15.49 10.62 -0.84
CA ALA D 151 16.61 11.17 -1.58
C ALA D 151 17.43 10.12 -2.32
N ALA D 152 18.39 10.62 -3.11
CA ALA D 152 19.37 9.77 -3.76
C ALA D 152 20.66 10.56 -3.97
N ALA D 153 21.76 9.99 -3.50
CA ALA D 153 23.07 10.60 -3.68
C ALA D 153 23.61 10.34 -5.08
N VAL D 154 24.03 11.41 -5.74
CA VAL D 154 24.51 11.33 -7.12
C VAL D 154 25.65 12.33 -7.29
N PRO D 155 26.77 12.07 -6.61
CA PRO D 155 27.86 13.05 -6.56
C PRO D 155 28.83 12.88 -7.73
N ARG D 156 28.44 12.12 -8.74
CA ARG D 156 29.36 11.78 -9.82
C ARG D 156 28.65 11.20 -11.05
N GLY D 157 29.30 11.28 -12.20
CA GLY D 157 28.87 10.57 -13.39
C GLY D 157 27.70 11.18 -14.14
N VAL D 158 27.41 12.43 -13.84
CA VAL D 158 26.36 13.16 -14.54
C VAL D 158 26.98 14.22 -15.43
N PHE D 159 28.11 14.77 -15.01
CA PHE D 159 28.72 15.87 -15.76
C PHE D 159 29.96 15.44 -16.53
N GLU D 160 29.94 15.65 -17.85
CA GLU D 160 31.13 15.45 -18.67
C GLU D 160 31.75 16.81 -19.01
N ALA D 161 33.08 16.85 -19.12
CA ALA D 161 33.79 18.10 -19.43
C ALA D 161 34.99 17.94 -20.37
N HIS D 177 27.00 18.77 -22.65
CA HIS D 177 27.25 17.34 -22.47
C HIS D 177 26.83 16.82 -21.10
N ILE D 178 25.67 16.17 -21.03
CA ILE D 178 25.11 15.63 -19.78
C ILE D 178 24.66 14.18 -19.90
N HIS D 179 24.78 13.42 -18.81
CA HIS D 179 24.25 12.06 -18.73
C HIS D 179 23.12 11.93 -17.71
N LEU D 180 21.88 12.04 -18.17
CA LEU D 180 20.71 11.99 -17.30
C LEU D 180 20.44 10.64 -16.65
N ASP D 181 21.03 9.60 -17.23
CA ASP D 181 20.81 8.21 -16.79
C ASP D 181 20.38 8.11 -15.33
N LEU D 182 21.28 8.48 -14.42
CA LEU D 182 21.08 8.30 -12.98
C LEU D 182 19.95 9.18 -12.43
N VAL D 183 19.78 10.35 -13.02
CA VAL D 183 18.75 11.27 -12.58
C VAL D 183 17.35 10.70 -12.87
N GLY D 184 17.09 10.37 -14.13
CA GLY D 184 15.86 9.68 -14.47
C GLY D 184 15.56 8.52 -13.53
N SER D 185 16.55 7.67 -13.29
CA SER D 185 16.38 6.54 -12.37
C SER D 185 15.91 6.94 -10.98
N ALA D 186 16.43 8.05 -10.46
CA ALA D 186 15.99 8.48 -9.15
C ALA D 186 14.52 8.86 -9.23
N ALA D 187 14.24 9.95 -9.93
CA ALA D 187 12.86 10.43 -10.15
C ALA D 187 11.86 9.31 -10.48
N ARG D 188 12.35 8.25 -11.13
CA ARG D 188 11.49 7.15 -11.54
C ARG D 188 10.94 6.46 -10.30
N ALA D 189 11.77 6.38 -9.28
CA ALA D 189 11.38 5.74 -8.03
C ALA D 189 11.07 6.80 -6.98
N GLY D 190 10.79 8.00 -7.47
CA GLY D 190 10.30 9.09 -6.65
C GLY D 190 11.35 9.68 -5.74
N GLN D 191 12.54 9.88 -6.29
CA GLN D 191 13.65 10.30 -5.46
C GLN D 191 14.34 11.57 -5.95
N ALA D 192 14.48 12.55 -5.05
CA ALA D 192 15.23 13.75 -5.35
C ALA D 192 16.65 13.37 -5.67
N ALA D 193 17.09 13.64 -6.89
CA ALA D 193 18.48 13.41 -7.25
C ALA D 193 19.30 14.55 -6.67
N ILE D 194 20.20 14.28 -5.74
CA ILE D 194 21.10 15.33 -5.26
C ILE D 194 22.45 15.19 -5.95
N LEU D 195 22.73 16.08 -6.89
CA LEU D 195 23.96 16.01 -7.67
C LEU D 195 24.98 17.00 -7.16
N ALA D 196 26.20 16.54 -6.99
CA ALA D 196 27.30 17.43 -6.65
C ALA D 196 27.86 17.96 -7.95
N CYS D 197 28.69 18.99 -7.86
CA CYS D 197 29.31 19.52 -9.06
C CYS D 197 30.61 18.80 -9.33
N LEU D 198 30.52 17.56 -9.81
CA LEU D 198 31.71 16.76 -10.08
C LEU D 198 31.76 16.22 -11.51
N GLY D 199 32.91 16.38 -12.17
CA GLY D 199 32.99 16.10 -13.59
C GLY D 199 34.04 15.10 -14.05
N GLU D 200 33.89 14.68 -15.30
CA GLU D 200 34.86 13.78 -15.91
C GLU D 200 35.07 14.08 -17.39
N THR D 201 36.33 14.05 -17.82
CA THR D 201 36.65 14.15 -19.23
C THR D 201 36.08 12.95 -19.95
N PRO D 202 35.98 13.02 -21.28
CA PRO D 202 35.55 11.87 -22.08
C PRO D 202 36.45 10.66 -21.85
N ASP D 203 37.49 10.82 -21.04
CA ASP D 203 38.40 9.72 -20.76
C ASP D 203 38.55 9.44 -19.27
N GLY D 204 37.74 10.10 -18.44
CA GLY D 204 37.68 9.76 -17.03
C GLY D 204 38.52 10.57 -16.05
N THR D 205 39.10 11.70 -16.49
CA THR D 205 39.82 12.56 -15.57
C THR D 205 38.86 13.46 -14.83
N LEU D 206 38.85 13.35 -13.50
CA LEU D 206 38.00 14.18 -12.67
C LEU D 206 38.30 15.64 -12.95
N VAL D 207 37.27 16.48 -12.95
CA VAL D 207 37.41 17.94 -13.09
C VAL D 207 36.39 18.68 -12.22
N ASN D 208 36.74 19.89 -11.77
CA ASN D 208 35.82 20.71 -11.00
C ASN D 208 34.96 21.54 -11.95
N ILE D 209 33.68 21.71 -11.61
CA ILE D 209 32.78 22.48 -12.48
C ILE D 209 31.96 23.58 -11.75
N ASN D 210 32.02 24.80 -12.29
CA ASN D 210 31.34 25.91 -11.64
C ASN D 210 29.85 25.68 -11.50
N ALA D 211 29.30 26.01 -10.34
CA ALA D 211 27.89 25.78 -10.06
C ALA D 211 26.96 26.38 -11.13
N ASP D 212 27.56 27.02 -12.15
CA ASP D 212 26.78 27.75 -13.13
C ASP D 212 26.60 27.02 -14.45
N VAL D 213 27.69 26.55 -15.04
CA VAL D 213 27.58 25.86 -16.33
C VAL D 213 27.04 24.46 -16.11
N ALA D 214 26.84 24.13 -14.84
CA ALA D 214 26.17 22.89 -14.45
C ALA D 214 24.68 23.11 -14.62
N VAL D 215 24.14 23.97 -13.76
CA VAL D 215 22.73 24.31 -13.79
C VAL D 215 22.29 24.82 -15.16
N ARG D 216 23.22 25.00 -16.07
CA ARG D 216 22.86 25.41 -17.43
C ARG D 216 22.53 24.19 -18.30
N ALA D 217 23.53 23.40 -18.64
CA ALA D 217 23.31 22.26 -19.54
C ALA D 217 22.42 21.23 -18.86
N LEU D 218 22.27 21.37 -17.54
CA LEU D 218 21.30 20.56 -16.81
C LEU D 218 19.89 21.10 -17.05
N VAL D 219 19.68 22.38 -16.77
CA VAL D 219 18.42 23.03 -17.09
C VAL D 219 18.07 22.85 -18.57
N HIS D 220 19.09 22.96 -19.43
CA HIS D 220 18.88 22.67 -20.84
C HIS D 220 18.36 21.25 -20.96
N ALA D 221 19.17 20.30 -20.50
CA ALA D 221 18.83 18.88 -20.58
C ALA D 221 17.46 18.55 -20.01
N LEU D 222 17.13 19.11 -18.84
CA LEU D 222 15.87 18.77 -18.17
C LEU D 222 14.63 19.57 -18.60
N GLN D 223 14.80 20.70 -19.25
CA GLN D 223 13.67 21.60 -19.54
C GLN D 223 12.69 21.62 -18.37
N PRO D 224 13.18 22.02 -17.18
CA PRO D 224 12.47 22.00 -15.90
C PRO D 224 11.30 22.98 -15.81
N TYR D 225 10.13 22.51 -15.36
CA TYR D 225 8.99 23.39 -15.19
C TYR D 225 9.43 24.60 -14.38
N LYS D 226 9.89 24.33 -13.17
CA LYS D 226 10.35 25.38 -12.27
C LYS D 226 11.89 25.36 -12.23
N VAL D 227 12.49 26.48 -11.84
CA VAL D 227 13.91 26.53 -11.51
C VAL D 227 14.13 27.43 -10.30
N VAL D 228 14.96 26.98 -9.36
CA VAL D 228 15.16 27.74 -8.12
C VAL D 228 16.62 28.03 -7.85
N PHE D 229 16.93 29.30 -7.64
CA PHE D 229 18.21 29.68 -7.08
C PHE D 229 17.99 30.04 -5.61
N LEU D 230 18.70 29.33 -4.73
CA LEU D 230 18.63 29.56 -3.29
C LEU D 230 19.91 30.21 -2.79
N THR D 231 19.76 31.03 -1.75
CA THR D 231 20.87 31.76 -1.16
C THR D 231 20.51 32.06 0.28
N GLY D 232 21.39 32.77 0.99
CA GLY D 232 21.04 33.36 2.27
C GLY D 232 20.26 34.62 1.99
N THR D 233 20.77 35.41 1.05
CA THR D 233 20.07 36.58 0.52
C THR D 233 18.94 36.13 -0.39
N GLY D 234 17.86 35.64 0.20
CA GLY D 234 16.76 35.06 -0.55
C GLY D 234 15.77 36.07 -1.13
N GLY D 235 16.22 36.81 -2.14
CA GLY D 235 15.36 37.76 -2.82
C GLY D 235 16.13 38.84 -3.57
N LEU D 236 15.45 39.55 -4.46
CA LEU D 236 16.05 40.67 -5.19
C LEU D 236 15.58 42.03 -4.69
N LEU D 237 16.50 42.97 -4.60
CA LEU D 237 16.19 44.29 -4.06
C LEU D 237 16.04 45.32 -5.18
N ASP D 238 15.29 46.38 -4.90
CA ASP D 238 15.01 47.43 -5.89
C ASP D 238 15.73 48.75 -5.59
N GLU D 239 15.40 49.79 -6.34
CA GLU D 239 15.88 51.13 -6.07
C GLU D 239 15.82 51.34 -4.56
N ASP D 240 14.61 51.31 -4.04
CA ASP D 240 14.32 51.66 -2.65
C ASP D 240 15.06 50.78 -1.64
N GLY D 241 15.52 49.62 -2.08
CA GLY D 241 16.14 48.67 -1.19
C GLY D 241 15.08 47.87 -0.46
N ASP D 242 14.20 47.24 -1.24
CA ASP D 242 13.15 46.36 -0.70
C ASP D 242 13.29 44.96 -1.28
N ILE D 243 12.18 44.24 -1.34
CA ILE D 243 12.15 42.92 -1.98
C ILE D 243 11.27 42.91 -3.21
N LEU D 244 11.88 43.26 -4.35
CA LEU D 244 11.25 43.10 -5.65
C LEU D 244 10.62 41.69 -5.75
N SER D 245 9.37 41.61 -6.18
CA SER D 245 8.63 40.34 -6.22
C SER D 245 8.48 39.72 -7.60
N SER D 246 8.67 40.50 -8.67
CA SER D 246 8.37 40.01 -10.02
C SER D 246 9.32 40.58 -11.08
N ILE D 247 9.48 39.86 -12.19
CA ILE D 247 10.18 40.39 -13.37
C ILE D 247 9.66 39.73 -14.64
N ASN D 248 9.30 40.55 -15.62
CA ASN D 248 8.76 40.01 -16.87
C ASN D 248 9.69 40.28 -18.04
N LEU D 249 10.76 39.47 -18.15
CA LEU D 249 11.82 39.69 -19.12
C LEU D 249 11.40 40.47 -20.37
N ALA D 250 10.37 39.99 -21.06
CA ALA D 250 9.93 40.60 -22.31
C ALA D 250 9.10 41.90 -22.16
N THR D 251 8.79 42.28 -20.93
CA THR D 251 8.11 43.57 -20.71
C THR D 251 8.89 44.49 -19.76
N ASP D 252 10.22 44.33 -19.73
CA ASP D 252 11.11 45.20 -18.97
C ASP D 252 12.52 44.61 -18.82
N PHE D 253 13.19 44.38 -19.94
CA PHE D 253 14.59 43.99 -19.92
C PHE D 253 15.47 45.22 -20.15
N GLY D 254 15.22 45.93 -21.25
CA GLY D 254 15.99 47.11 -21.59
C GLY D 254 15.84 48.28 -20.63
N ASP D 255 14.94 48.13 -19.66
CA ASP D 255 14.71 49.15 -18.64
C ASP D 255 15.61 48.89 -17.42
N LEU D 256 16.10 47.66 -17.32
CA LEU D 256 16.85 47.23 -16.15
C LEU D 256 18.36 47.23 -16.41
N MET D 257 18.76 46.93 -17.64
CA MET D 257 20.18 46.96 -18.01
C MET D 257 20.64 48.39 -18.25
N GLN D 258 19.66 49.31 -18.29
CA GLN D 258 19.93 50.72 -18.55
C GLN D 258 19.77 51.54 -17.28
N ALA D 259 19.31 50.91 -16.22
CA ALA D 259 19.20 51.55 -14.92
C ALA D 259 20.60 51.79 -14.36
N ASP D 260 20.75 52.83 -13.54
CA ASP D 260 22.07 53.19 -13.00
C ASP D 260 22.22 52.77 -11.53
N TRP D 261 21.09 52.37 -10.93
CA TRP D 261 21.08 51.83 -9.57
C TRP D 261 21.27 50.32 -9.62
N VAL D 262 21.19 49.75 -10.82
CA VAL D 262 21.42 48.31 -11.01
C VAL D 262 22.90 48.03 -11.23
N ASN D 263 23.56 47.48 -10.21
CA ASN D 263 25.00 47.26 -10.25
C ASN D 263 25.44 46.21 -11.28
N GLY D 264 26.74 45.93 -11.31
CA GLY D 264 27.32 44.98 -12.24
C GLY D 264 27.15 43.53 -11.80
N GLY D 265 26.95 43.32 -10.50
CA GLY D 265 26.65 42.01 -9.98
C GLY D 265 25.33 41.50 -10.53
N MET D 266 24.25 42.20 -10.22
CA MET D 266 22.94 41.86 -10.78
C MET D 266 22.97 41.90 -12.30
N ARG D 267 23.73 42.83 -12.86
CA ARG D 267 23.74 43.10 -14.29
C ARG D 267 24.02 41.88 -15.16
N LEU D 268 24.94 41.02 -14.74
CA LEU D 268 25.29 39.83 -15.50
C LEU D 268 24.54 38.58 -14.98
N LYS D 269 24.26 38.58 -13.67
CA LYS D 269 23.44 37.54 -13.05
C LYS D 269 22.10 37.43 -13.79
N LEU D 270 21.38 38.54 -13.85
CA LEU D 270 20.16 38.61 -14.64
C LEU D 270 20.39 38.04 -16.04
N GLU D 271 21.38 38.57 -16.76
CA GLU D 271 21.61 38.19 -18.16
C GLU D 271 22.01 36.73 -18.30
N GLU D 272 22.25 36.07 -17.17
CA GLU D 272 22.39 34.61 -17.16
C GLU D 272 21.01 33.98 -17.05
N ILE D 273 20.17 34.55 -16.20
CA ILE D 273 18.77 34.13 -16.06
C ILE D 273 18.03 34.20 -17.38
N LYS D 274 18.33 35.21 -18.18
CA LYS D 274 17.68 35.33 -19.48
C LYS D 274 18.08 34.17 -20.37
N ARG D 275 19.37 33.84 -20.34
CA ARG D 275 19.88 32.75 -21.17
C ARG D 275 19.30 31.41 -20.75
N LEU D 276 18.83 31.32 -19.50
CA LEU D 276 18.13 30.14 -19.04
C LEU D 276 16.66 30.15 -19.48
N LEU D 277 15.94 31.22 -19.13
CA LEU D 277 14.49 31.28 -19.38
C LEU D 277 14.11 31.25 -20.87
N ASP D 278 15.04 31.66 -21.73
CA ASP D 278 14.81 31.59 -23.17
C ASP D 278 14.92 30.14 -23.64
N ASP D 279 15.54 29.30 -22.80
CA ASP D 279 15.71 27.88 -23.09
C ASP D 279 14.40 27.10 -22.89
N LEU D 280 13.63 27.50 -21.88
CA LEU D 280 12.48 26.73 -21.42
C LEU D 280 11.17 27.33 -21.86
N PRO D 281 10.08 26.55 -21.75
CA PRO D 281 8.66 26.88 -21.91
C PRO D 281 8.28 28.23 -21.33
N LEU D 282 7.06 28.67 -21.60
CA LEU D 282 6.56 29.90 -21.00
C LEU D 282 5.99 29.66 -19.61
N SER D 283 5.46 28.46 -19.41
CA SER D 283 5.00 28.02 -18.10
C SER D 283 6.16 27.93 -17.11
N SER D 284 7.38 27.78 -17.63
CA SER D 284 8.57 27.76 -16.79
C SER D 284 8.90 29.13 -16.21
N SER D 285 9.73 29.14 -15.19
CA SER D 285 10.05 30.37 -14.48
C SER D 285 11.28 30.17 -13.61
N VAL D 286 11.62 31.19 -12.84
CA VAL D 286 12.70 31.10 -11.85
C VAL D 286 12.23 31.72 -10.54
N SER D 287 12.54 31.08 -9.42
CA SER D 287 12.33 31.71 -8.12
C SER D 287 13.69 31.91 -7.45
N ILE D 288 13.72 32.64 -6.34
CA ILE D 288 14.97 32.95 -5.64
C ILE D 288 14.79 33.33 -4.17
N THR D 289 14.66 32.35 -3.28
CA THR D 289 14.38 32.64 -1.87
C THR D 289 15.36 32.04 -0.85
N ARG D 290 14.81 31.69 0.31
CA ARG D 290 15.54 31.02 1.38
C ARG D 290 14.95 29.62 1.54
N PRO D 291 15.54 28.80 2.42
CA PRO D 291 14.97 27.47 2.66
C PRO D 291 13.51 27.52 3.15
N SER D 292 13.24 28.31 4.20
CA SER D 292 11.88 28.45 4.74
C SER D 292 11.09 29.58 4.07
N GLU D 293 11.28 29.71 2.76
CA GLU D 293 10.46 30.55 1.92
C GLU D 293 10.15 29.78 0.65
N LEU D 294 10.79 28.63 0.51
CA LEU D 294 10.55 27.74 -0.62
C LEU D 294 9.13 27.21 -0.56
N ALA D 295 8.41 27.63 0.48
CA ALA D 295 7.02 27.26 0.65
C ALA D 295 6.14 28.11 -0.26
N ARG D 296 5.95 29.37 0.15
CA ARG D 296 5.02 30.25 -0.53
C ARG D 296 5.59 30.90 -1.78
N GLU D 297 6.72 30.41 -2.28
CA GLU D 297 7.39 31.08 -3.40
C GLU D 297 7.45 30.25 -4.68
N LEU D 298 6.57 29.25 -4.79
CA LEU D 298 6.63 28.38 -5.96
C LEU D 298 5.36 28.40 -6.82
N PHE D 299 4.21 28.56 -6.17
CA PHE D 299 2.95 28.82 -6.88
C PHE D 299 1.90 29.29 -5.90
N THR D 300 2.35 29.92 -4.82
CA THR D 300 1.46 30.52 -3.84
C THR D 300 1.49 32.05 -3.94
N HIS D 301 0.37 32.68 -3.58
CA HIS D 301 0.26 34.13 -3.66
C HIS D 301 0.74 34.83 -2.39
N ALA D 302 2.07 34.87 -2.24
CA ALA D 302 2.70 35.56 -1.12
C ALA D 302 4.19 35.72 -1.39
N GLY D 303 4.92 34.63 -1.27
CA GLY D 303 6.33 34.57 -1.62
C GLY D 303 7.15 35.81 -1.32
N SER D 304 7.89 35.77 -0.22
CA SER D 304 8.71 36.91 0.19
C SER D 304 10.04 36.98 -0.56
N GLY D 305 10.09 36.33 -1.72
CA GLY D 305 11.28 36.32 -2.54
C GLY D 305 10.97 36.51 -4.01
N THR D 306 12.00 36.82 -4.79
CA THR D 306 11.86 37.15 -6.21
C THR D 306 11.21 36.04 -7.03
N LEU D 307 10.64 36.41 -8.18
CA LEU D 307 10.03 35.48 -9.14
C LEU D 307 10.11 36.04 -10.55
N ILE D 308 11.14 35.63 -11.28
CA ILE D 308 11.30 35.99 -12.69
C ILE D 308 10.42 35.12 -13.60
N ARG D 309 10.14 35.62 -14.80
CA ARG D 309 9.45 34.88 -15.85
C ARG D 309 9.71 35.57 -17.19
N ARG D 310 9.85 34.79 -18.26
CA ARG D 310 10.13 35.34 -19.59
C ARG D 310 9.02 36.28 -20.04
N GLY D 311 7.80 35.75 -20.14
CA GLY D 311 6.68 36.52 -20.62
C GLY D 311 6.81 36.68 -22.13
N GLU D 312 5.68 36.84 -22.79
CA GLU D 312 5.66 37.05 -24.22
C GLU D 312 5.48 38.54 -24.54
N ARG D 313 5.30 38.83 -25.82
CA ARG D 313 5.15 40.21 -26.30
C ARG D 313 3.67 40.58 -26.33
N ILE D 314 3.33 41.82 -25.99
CA ILE D 314 1.95 42.30 -26.17
C ILE D 314 1.77 43.14 -27.43
N VAL D 315 0.95 42.63 -28.34
CA VAL D 315 0.46 43.42 -29.47
C VAL D 315 -0.57 44.45 -28.98
N ALA D 316 -0.42 45.71 -29.40
CA ALA D 316 -1.34 46.74 -28.98
C ALA D 316 -1.76 47.61 -30.15
N THR D 317 -3.04 47.59 -30.50
CA THR D 317 -3.49 48.35 -31.67
C THR D 317 -4.81 49.14 -31.56
N ASP D 318 -5.09 49.92 -32.61
CA ASP D 318 -6.36 50.59 -32.79
C ASP D 318 -7.05 50.09 -34.05
N ASP D 319 -6.31 49.30 -34.82
CA ASP D 319 -6.83 48.76 -36.08
C ASP D 319 -7.43 47.38 -35.84
N LYS D 320 -8.75 47.31 -35.81
CA LYS D 320 -9.45 46.05 -35.69
C LYS D 320 -9.08 45.13 -36.87
N SER D 321 -8.70 45.74 -37.99
CA SER D 321 -8.27 44.97 -39.15
C SER D 321 -7.09 44.06 -38.82
N SER D 322 -6.24 44.50 -37.89
CA SER D 322 -5.00 43.80 -37.58
C SER D 322 -5.11 42.84 -36.39
N LEU D 323 -6.32 42.33 -36.17
CA LEU D 323 -6.54 41.33 -35.14
C LEU D 323 -7.27 40.11 -35.72
N ASP D 324 -6.95 38.93 -35.20
CA ASP D 324 -7.60 37.71 -35.63
C ASP D 324 -8.89 37.52 -34.83
N LEU D 325 -9.99 38.02 -35.38
CA LEU D 325 -11.27 37.99 -34.67
C LEU D 325 -11.77 36.57 -34.47
N GLY D 326 -11.05 35.59 -34.99
CA GLY D 326 -11.35 34.20 -34.70
C GLY D 326 -10.75 33.80 -33.37
N ARG D 327 -9.43 33.82 -33.29
CA ARG D 327 -8.72 33.58 -32.04
C ARG D 327 -9.31 34.42 -30.92
N LEU D 328 -9.71 35.66 -31.22
CA LEU D 328 -10.36 36.48 -30.20
C LEU D 328 -11.74 35.93 -29.86
N ASP D 329 -12.55 35.63 -30.88
CA ASP D 329 -13.87 35.10 -30.61
C ASP D 329 -13.81 33.81 -29.82
N ASN D 330 -12.69 33.10 -29.93
CA ASN D 330 -12.50 31.85 -29.22
C ASN D 330 -11.81 32.03 -27.85
N LEU D 331 -11.07 33.12 -27.69
CA LEU D 331 -10.53 33.48 -26.39
C LEU D 331 -11.67 33.83 -25.45
N VAL D 332 -12.54 34.72 -25.93
CA VAL D 332 -13.74 35.14 -25.18
C VAL D 332 -14.70 33.99 -24.90
N LYS D 333 -14.98 33.18 -25.92
CA LYS D 333 -15.86 32.03 -25.75
C LYS D 333 -15.30 31.22 -24.61
N ALA D 334 -13.97 31.03 -24.61
CA ALA D 334 -13.34 30.23 -23.58
C ALA D 334 -13.48 30.90 -22.24
N ALA D 335 -12.92 32.10 -22.11
CA ALA D 335 -12.85 32.80 -20.83
C ALA D 335 -14.21 32.95 -20.12
N PHE D 336 -15.14 33.62 -20.78
CA PHE D 336 -16.46 33.75 -20.18
C PHE D 336 -17.19 32.46 -20.36
N GLY D 337 -18.22 32.27 -19.55
CA GLY D 337 -19.04 31.09 -19.69
C GLY D 337 -19.37 30.86 -21.16
N ARG D 338 -19.78 31.93 -21.85
CA ARG D 338 -20.54 31.82 -23.07
C ARG D 338 -19.93 32.56 -24.25
N PRO D 339 -20.63 32.58 -25.40
CA PRO D 339 -20.25 33.23 -26.66
C PRO D 339 -20.74 34.66 -26.81
N ALA D 340 -20.01 35.42 -27.61
CA ALA D 340 -20.35 36.80 -27.91
C ALA D 340 -21.61 36.77 -28.76
N VAL D 341 -22.40 37.84 -28.73
CA VAL D 341 -23.68 37.85 -29.44
C VAL D 341 -23.46 37.96 -30.95
N GLU D 342 -24.54 37.89 -31.73
CA GLU D 342 -24.40 37.82 -33.19
C GLU D 342 -23.77 39.09 -33.79
N GLY D 343 -22.60 38.92 -34.41
CA GLY D 343 -21.86 40.01 -35.02
C GLY D 343 -21.38 41.07 -34.05
N TYR D 344 -21.30 40.71 -32.77
CA TYR D 344 -20.78 41.60 -31.75
C TYR D 344 -19.43 42.19 -32.17
N TRP D 345 -18.68 41.45 -32.97
CA TRP D 345 -17.40 41.91 -33.49
C TRP D 345 -17.57 42.86 -34.68
N ASP D 346 -18.39 42.45 -35.63
CA ASP D 346 -18.55 43.25 -36.83
C ASP D 346 -18.91 44.68 -36.43
N ARG D 347 -19.76 44.82 -35.41
CA ARG D 347 -20.20 46.15 -34.94
C ARG D 347 -19.14 46.87 -34.06
N LEU D 348 -18.53 46.13 -33.14
CA LEU D 348 -17.54 46.66 -32.19
C LEU D 348 -16.68 47.78 -32.74
N ARG D 349 -16.61 48.89 -32.00
CA ARG D 349 -15.85 50.06 -32.44
C ARG D 349 -14.57 50.27 -31.60
N VAL D 350 -13.47 49.68 -32.01
CA VAL D 350 -12.26 49.62 -31.17
C VAL D 350 -11.52 50.93 -30.89
N ASP D 351 -11.14 51.12 -29.62
CA ASP D 351 -10.32 52.27 -29.20
C ASP D 351 -8.84 51.88 -29.21
N ARG D 352 -8.41 51.10 -28.23
CA ARG D 352 -7.07 50.51 -28.23
C ARG D 352 -7.35 49.02 -27.94
N ALA D 353 -6.48 48.11 -28.33
CA ALA D 353 -6.57 46.70 -27.89
C ALA D 353 -5.22 46.11 -27.54
N PHE D 354 -5.19 45.34 -26.46
CA PHE D 354 -3.97 44.67 -26.07
C PHE D 354 -4.27 43.20 -26.06
N VAL D 355 -3.78 42.53 -27.09
CA VAL D 355 -3.82 41.09 -27.15
C VAL D 355 -2.38 40.60 -27.02
N THR D 356 -2.17 39.70 -26.06
CA THR D 356 -0.88 39.07 -25.89
C THR D 356 -0.60 38.19 -27.11
N GLU D 357 0.65 38.13 -27.53
CA GLU D 357 1.03 37.47 -28.78
C GLU D 357 0.37 36.11 -29.01
N SER D 358 0.19 35.35 -27.93
CA SER D 358 -0.36 34.00 -27.96
C SER D 358 -1.88 33.95 -28.09
N TYR D 359 -2.56 34.97 -27.58
CA TYR D 359 -4.03 35.07 -27.59
C TYR D 359 -4.66 34.31 -26.45
N ARG D 360 -3.91 34.12 -25.38
CA ARG D 360 -4.47 33.53 -24.16
C ARG D 360 -5.08 34.60 -23.22
N ALA D 361 -4.83 35.87 -23.52
CA ALA D 361 -5.31 36.99 -22.69
C ALA D 361 -5.41 38.27 -23.51
N ALA D 362 -6.40 39.11 -23.20
CA ALA D 362 -6.74 40.22 -24.08
C ALA D 362 -7.63 41.28 -23.45
N ALA D 363 -7.28 42.54 -23.68
CA ALA D 363 -8.10 43.66 -23.25
C ALA D 363 -8.47 44.54 -24.43
N ILE D 364 -9.76 44.82 -24.56
CA ILE D 364 -10.26 45.64 -25.65
C ILE D 364 -11.02 46.79 -25.08
N THR D 365 -10.75 47.96 -25.61
CA THR D 365 -11.23 49.18 -25.01
C THR D 365 -12.02 49.96 -26.04
N THR D 366 -13.25 50.29 -25.70
CA THR D 366 -14.00 51.21 -26.54
C THR D 366 -14.23 52.57 -25.86
N ARG D 367 -14.71 53.54 -26.63
CA ARG D 367 -14.97 54.84 -26.05
C ARG D 367 -16.42 54.97 -25.55
N LEU D 368 -16.61 55.66 -24.43
CA LEU D 368 -17.93 55.90 -23.81
C LEU D 368 -18.09 57.35 -23.35
N ASP D 369 -18.88 58.14 -24.06
CA ASP D 369 -19.04 59.55 -23.74
C ASP D 369 -17.69 60.23 -23.62
N GLY D 370 -16.70 59.69 -24.32
CA GLY D 370 -15.38 60.28 -24.35
C GLY D 370 -14.46 59.46 -23.50
N TRP D 371 -15.05 58.93 -22.44
CA TRP D 371 -14.35 58.19 -21.42
C TRP D 371 -13.81 56.91 -22.02
N VAL D 372 -12.76 56.36 -21.45
CA VAL D 372 -12.26 55.05 -21.88
C VAL D 372 -13.08 54.00 -21.16
N TYR D 373 -13.60 53.03 -21.91
CA TYR D 373 -14.44 51.99 -21.32
C TYR D 373 -13.92 50.61 -21.76
N LEU D 374 -13.81 49.69 -20.81
CA LEU D 374 -13.30 48.35 -21.09
C LEU D 374 -14.43 47.41 -21.46
N ASP D 375 -14.55 47.18 -22.77
CA ASP D 375 -15.64 46.39 -23.29
C ASP D 375 -15.46 44.90 -23.08
N LYS D 376 -14.20 44.44 -23.03
CA LYS D 376 -13.90 43.01 -22.94
C LYS D 376 -12.55 42.69 -22.29
N PHE D 377 -12.57 42.07 -21.12
CA PHE D 377 -11.34 41.54 -20.52
C PHE D 377 -11.45 40.05 -20.45
N ALA D 378 -10.57 39.32 -21.16
CA ALA D 378 -10.62 37.84 -21.15
C ALA D 378 -9.27 37.22 -20.92
N VAL D 379 -9.20 36.39 -19.89
CA VAL D 379 -7.98 35.67 -19.60
C VAL D 379 -8.29 34.21 -19.31
N LEU D 380 -7.55 33.33 -19.98
CA LEU D 380 -7.69 31.90 -19.75
C LEU D 380 -7.08 31.53 -18.42
N ASP D 381 -7.56 30.44 -17.84
CA ASP D 381 -7.19 30.09 -16.47
C ASP D 381 -5.70 29.81 -16.28
N ASP D 382 -5.07 29.22 -17.29
CA ASP D 382 -3.65 28.88 -17.21
C ASP D 382 -2.77 30.02 -17.69
N ALA D 383 -3.32 30.87 -18.53
CA ALA D 383 -2.64 32.09 -18.93
C ALA D 383 -2.51 33.02 -17.73
N ARG D 384 -3.53 33.02 -16.88
CA ARG D 384 -3.53 33.87 -15.72
C ARG D 384 -2.32 33.57 -14.85
N GLY D 385 -2.16 32.29 -14.48
CA GLY D 385 -1.09 31.84 -13.63
C GLY D 385 0.30 32.04 -14.23
N GLU D 386 0.38 31.93 -15.56
CA GLU D 386 1.62 32.17 -16.29
C GLU D 386 1.91 33.66 -16.40
N GLY D 387 1.20 34.43 -15.58
CA GLY D 387 1.32 35.88 -15.56
C GLY D 387 0.26 36.53 -16.41
N LEU D 388 0.47 36.45 -17.73
CA LEU D 388 -0.35 37.07 -18.79
C LEU D 388 -1.57 37.92 -18.39
N GLY D 389 -2.39 37.41 -17.49
CA GLY D 389 -3.56 38.16 -17.04
C GLY D 389 -3.17 39.58 -16.65
N ARG D 390 -2.31 39.68 -15.64
CA ARG D 390 -1.70 40.94 -15.21
C ARG D 390 -1.05 41.67 -16.36
N THR D 391 0.13 41.21 -16.76
CA THR D 391 0.88 41.82 -17.86
C THR D 391 0.00 42.71 -18.73
N VAL D 392 -1.06 42.14 -19.30
CA VAL D 392 -2.07 42.90 -20.04
C VAL D 392 -2.72 44.01 -19.18
N TRP D 393 -3.59 43.64 -18.26
CA TRP D 393 -4.24 44.60 -17.37
C TRP D 393 -3.28 45.63 -16.80
N ASN D 394 -2.01 45.28 -16.78
CA ASN D 394 -0.98 46.25 -16.44
C ASN D 394 -0.87 47.28 -17.55
N ARG D 395 -0.59 46.81 -18.75
CA ARG D 395 -0.43 47.68 -19.90
C ARG D 395 -1.69 48.53 -20.11
N LEU D 396 -2.83 47.98 -19.72
CA LEU D 396 -4.10 48.64 -19.93
C LEU D 396 -4.22 49.92 -19.12
N VAL D 397 -3.96 49.86 -17.83
CA VAL D 397 -4.09 51.07 -16.99
C VAL D 397 -2.91 52.05 -17.13
N ASP D 398 -1.93 51.72 -17.96
CA ASP D 398 -0.85 52.67 -18.28
C ASP D 398 -1.34 53.57 -19.38
N TYR D 399 -2.27 53.03 -20.16
CA TYR D 399 -2.98 53.72 -21.24
C TYR D 399 -4.22 54.42 -20.72
N ALA D 400 -4.87 53.76 -19.74
CA ALA D 400 -6.12 54.23 -19.20
C ALA D 400 -6.06 54.55 -17.69
N PRO D 401 -5.28 55.58 -17.34
CA PRO D 401 -5.34 56.02 -15.95
C PRO D 401 -6.78 56.16 -15.45
N GLN D 402 -7.70 56.55 -16.33
CA GLN D 402 -9.12 56.58 -15.98
C GLN D 402 -9.77 55.45 -16.76
N LEU D 403 -10.69 54.71 -16.14
CA LEU D 403 -11.23 53.53 -16.81
C LEU D 403 -12.50 52.99 -16.19
N ILE D 404 -13.56 52.86 -16.98
CA ILE D 404 -14.81 52.33 -16.47
C ILE D 404 -14.96 50.91 -16.99
N TRP D 405 -15.39 49.99 -16.13
CA TRP D 405 -15.77 48.64 -16.56
C TRP D 405 -16.92 48.07 -15.74
N ARG D 406 -17.32 46.84 -16.04
CA ARG D 406 -18.43 46.23 -15.33
C ARG D 406 -18.26 44.73 -15.34
N SER D 407 -18.95 44.06 -14.42
CA SER D 407 -18.87 42.61 -14.32
C SER D 407 -20.21 42.06 -13.83
N ARG D 408 -20.50 40.81 -14.16
CA ARG D 408 -21.68 40.16 -13.59
C ARG D 408 -21.41 39.66 -12.16
N THR D 409 -22.35 39.95 -11.26
CA THR D 409 -22.19 39.53 -9.87
C THR D 409 -21.50 38.17 -9.73
N ASN D 410 -22.05 37.14 -10.34
CA ASN D 410 -21.45 35.79 -10.20
C ASN D 410 -20.03 35.59 -10.82
N ASN D 411 -19.34 36.69 -11.17
CA ASN D 411 -18.05 36.60 -11.86
C ASN D 411 -16.80 36.49 -10.96
N PRO D 412 -16.05 35.40 -11.14
CA PRO D 412 -14.78 35.02 -10.50
C PRO D 412 -13.68 36.05 -10.49
N VAL D 413 -13.76 37.08 -11.33
CA VAL D 413 -12.68 38.06 -11.39
C VAL D 413 -12.96 39.28 -10.52
N ASN D 414 -14.17 39.31 -9.96
CA ASN D 414 -14.57 40.38 -9.05
C ASN D 414 -13.52 40.72 -8.00
N GLY D 415 -13.00 39.72 -7.30
CA GLY D 415 -11.92 39.94 -6.37
C GLY D 415 -10.94 40.93 -6.96
N PHE D 416 -10.30 40.53 -8.05
CA PHE D 416 -9.32 41.37 -8.77
C PHE D 416 -9.83 42.74 -9.20
N TYR D 417 -11.00 42.78 -9.83
CA TYR D 417 -11.61 44.03 -10.23
C TYR D 417 -11.71 44.94 -9.01
N PHE D 418 -12.31 44.43 -7.94
CA PHE D 418 -12.49 45.22 -6.73
C PHE D 418 -11.19 45.66 -6.13
N GLU D 419 -10.21 44.76 -6.19
CA GLU D 419 -8.89 44.99 -5.66
C GLU D 419 -8.28 46.19 -6.37
N GLU D 420 -8.62 46.33 -7.64
CA GLU D 420 -8.07 47.36 -8.49
C GLU D 420 -8.94 48.62 -8.64
N CYS D 421 -10.24 48.50 -8.34
CA CYS D 421 -11.15 49.62 -8.52
C CYS D 421 -10.84 50.75 -7.55
N ASP D 422 -11.35 51.96 -7.83
CA ASP D 422 -11.20 53.13 -6.96
C ASP D 422 -12.56 53.50 -6.43
N GLY D 423 -13.58 53.28 -7.26
CA GLY D 423 -14.94 53.30 -6.80
C GLY D 423 -15.65 52.07 -7.37
N ALA D 424 -16.95 51.97 -7.08
CA ALA D 424 -17.74 50.82 -7.45
C ALA D 424 -19.20 51.00 -7.05
N VAL D 425 -20.12 50.74 -7.98
CA VAL D 425 -21.53 50.65 -7.63
C VAL D 425 -22.14 49.28 -7.97
N ARG D 426 -22.74 48.63 -6.97
CA ARG D 426 -23.28 47.28 -7.12
C ARG D 426 -24.80 47.33 -7.32
N ARG D 427 -25.29 46.61 -8.33
CA ARG D 427 -26.73 46.41 -8.49
C ARG D 427 -27.05 44.91 -8.57
N ASP D 428 -28.35 44.58 -8.62
CA ASP D 428 -28.82 43.18 -8.60
C ASP D 428 -27.93 42.17 -9.34
N GLU D 429 -27.88 42.27 -10.67
CA GLU D 429 -27.02 41.41 -11.48
C GLU D 429 -25.65 42.02 -11.77
N TRP D 430 -25.64 43.31 -12.13
CA TRP D 430 -24.42 43.95 -12.57
C TRP D 430 -23.73 44.84 -11.54
N THR D 431 -22.46 45.11 -11.80
CA THR D 431 -21.62 45.95 -10.95
C THR D 431 -20.64 46.77 -11.80
N VAL D 432 -20.82 48.09 -11.90
CA VAL D 432 -19.86 48.92 -12.63
C VAL D 432 -18.68 49.36 -11.77
N PHE D 433 -17.49 49.38 -12.36
CA PHE D 433 -16.26 49.64 -11.62
C PHE D 433 -15.68 50.89 -12.21
N TRP D 434 -14.70 51.49 -11.54
CA TRP D 434 -13.96 52.56 -12.20
C TRP D 434 -12.63 52.91 -11.57
N ARG D 435 -11.81 53.62 -12.33
CA ARG D 435 -10.51 54.08 -11.85
C ARG D 435 -10.24 55.48 -12.36
N GLY D 436 -9.54 56.25 -11.53
CA GLY D 436 -9.21 57.62 -11.81
C GLY D 436 -10.00 58.54 -10.91
N GLU D 437 -9.61 59.82 -10.87
CA GLU D 437 -10.29 60.78 -10.02
C GLU D 437 -11.48 61.35 -10.81
N MET D 438 -12.63 61.47 -10.16
CA MET D 438 -13.72 62.19 -10.79
C MET D 438 -14.86 62.55 -9.86
N GLY D 439 -15.79 63.35 -10.35
CA GLY D 439 -16.79 63.93 -9.49
C GLY D 439 -18.05 63.11 -9.37
N PRO D 440 -18.76 63.26 -8.25
CA PRO D 440 -20.10 62.70 -8.07
C PRO D 440 -20.89 62.83 -9.37
N VAL D 441 -21.05 64.09 -9.77
CA VAL D 441 -21.57 64.46 -11.08
C VAL D 441 -21.20 63.48 -12.20
N GLU D 442 -19.91 63.35 -12.47
CA GLU D 442 -19.42 62.57 -13.61
C GLU D 442 -19.67 61.05 -13.52
N VAL D 443 -19.25 60.45 -12.40
CA VAL D 443 -19.51 59.04 -12.11
C VAL D 443 -21.00 58.79 -11.91
N ALA D 444 -21.70 59.79 -11.40
CA ALA D 444 -23.15 59.68 -11.39
C ALA D 444 -23.54 59.23 -12.79
N ASP D 445 -23.31 60.14 -13.75
CA ASP D 445 -23.58 59.98 -15.19
C ASP D 445 -23.11 58.64 -15.82
N VAL D 446 -21.79 58.42 -15.89
CA VAL D 446 -21.25 57.31 -16.67
C VAL D 446 -21.67 55.93 -16.18
N VAL D 447 -21.63 55.72 -14.87
CA VAL D 447 -22.03 54.47 -14.27
C VAL D 447 -23.48 54.10 -14.64
N GLU D 448 -24.23 55.08 -15.14
CA GLU D 448 -25.58 54.81 -15.61
C GLU D 448 -25.55 54.30 -17.06
N LYS D 449 -24.81 55.01 -17.92
CA LYS D 449 -24.56 54.55 -19.29
C LYS D 449 -24.11 53.09 -19.28
N ALA D 450 -23.05 52.81 -18.53
CA ALA D 450 -22.48 51.48 -18.49
C ALA D 450 -23.50 50.41 -18.11
N PHE D 451 -24.41 50.72 -17.20
CA PHE D 451 -25.45 49.74 -16.85
C PHE D 451 -26.38 49.52 -18.05
N ALA D 452 -26.67 50.60 -18.78
CA ALA D 452 -27.54 50.54 -19.96
C ALA D 452 -26.95 49.78 -21.14
N LEU D 453 -25.68 50.03 -21.44
CA LEU D 453 -25.01 49.24 -22.46
C LEU D 453 -25.59 47.83 -22.50
N PRO D 454 -26.16 47.45 -23.65
CA PRO D 454 -26.73 46.11 -23.83
C PRO D 454 -25.64 45.04 -23.73
N PRO D 455 -26.01 43.82 -23.29
CA PRO D 455 -25.12 42.67 -23.16
C PRO D 455 -24.52 42.28 -24.50
N THR D 456 -23.35 41.66 -24.47
CA THR D 456 -22.65 41.30 -25.69
C THR D 456 -22.20 39.83 -25.60
N LEU D 457 -22.62 39.18 -24.53
CA LEU D 457 -22.52 37.75 -24.39
C LEU D 457 -23.96 37.32 -24.19
N GLU D 458 -24.21 36.03 -24.00
CA GLU D 458 -25.58 35.60 -23.70
C GLU D 458 -25.67 35.00 -22.30
N ALA D 459 -26.90 34.73 -21.85
CA ALA D 459 -27.16 33.67 -20.88
C ALA D 459 -26.45 33.75 -19.50
N PRO D 460 -26.64 32.73 -18.65
CA PRO D 460 -25.92 32.62 -17.39
C PRO D 460 -24.50 33.18 -17.44
#